data_2PWS
# 
_entry.id   2PWS 
# 
_audit_conform.dict_name       mmcif_pdbx.dic 
_audit_conform.dict_version    5.397 
_audit_conform.dict_location   http://mmcif.pdb.org/dictionaries/ascii/mmcif_pdbx.dic 
# 
loop_
_database_2.database_id 
_database_2.database_code 
_database_2.pdbx_database_accession 
_database_2.pdbx_DOI 
PDB   2PWS         pdb_00002pws 10.2210/pdb2pws/pdb 
RCSB  RCSB042863   ?            ?                   
WWPDB D_1000042863 ?            ?                   
# 
loop_
_pdbx_audit_revision_history.ordinal 
_pdbx_audit_revision_history.data_content_type 
_pdbx_audit_revision_history.major_revision 
_pdbx_audit_revision_history.minor_revision 
_pdbx_audit_revision_history.revision_date 
1 'Structure model' 1 0 2007-05-22 
2 'Structure model' 1 1 2008-05-01 
3 'Structure model' 1 2 2011-07-13 
4 'Structure model' 1 3 2023-08-30 
5 'Structure model' 1 4 2024-10-09 
# 
_pdbx_audit_revision_details.ordinal             1 
_pdbx_audit_revision_details.revision_ordinal    1 
_pdbx_audit_revision_details.data_content_type   'Structure model' 
_pdbx_audit_revision_details.provider            repository 
_pdbx_audit_revision_details.type                'Initial release' 
_pdbx_audit_revision_details.description         ? 
_pdbx_audit_revision_details.details             ? 
# 
loop_
_pdbx_audit_revision_group.ordinal 
_pdbx_audit_revision_group.revision_ordinal 
_pdbx_audit_revision_group.data_content_type 
_pdbx_audit_revision_group.group 
1 2 'Structure model' 'Version format compliance' 
2 3 'Structure model' 'Version format compliance' 
3 4 'Structure model' 'Data collection'           
4 4 'Structure model' 'Database references'       
5 4 'Structure model' 'Derived calculations'      
6 4 'Structure model' 'Refinement description'    
7 5 'Structure model' 'Structure summary'         
# 
loop_
_pdbx_audit_revision_category.ordinal 
_pdbx_audit_revision_category.revision_ordinal 
_pdbx_audit_revision_category.data_content_type 
_pdbx_audit_revision_category.category 
1 4 'Structure model' chem_comp_atom                
2 4 'Structure model' chem_comp_bond                
3 4 'Structure model' database_2                    
4 4 'Structure model' pdbx_initial_refinement_model 
5 4 'Structure model' struct_site                   
6 5 'Structure model' pdbx_entry_details            
7 5 'Structure model' pdbx_modification_feature     
# 
loop_
_pdbx_audit_revision_item.ordinal 
_pdbx_audit_revision_item.revision_ordinal 
_pdbx_audit_revision_item.data_content_type 
_pdbx_audit_revision_item.item 
1 4 'Structure model' '_database_2.pdbx_DOI'                
2 4 'Structure model' '_database_2.pdbx_database_accession' 
3 4 'Structure model' '_struct_site.pdbx_auth_asym_id'      
4 4 'Structure model' '_struct_site.pdbx_auth_comp_id'      
5 4 'Structure model' '_struct_site.pdbx_auth_seq_id'       
# 
_pdbx_database_status.status_code                     REL 
_pdbx_database_status.entry_id                        2PWS 
_pdbx_database_status.recvd_initial_deposition_date   2007-05-13 
_pdbx_database_status.deposit_site                    RCSB 
_pdbx_database_status.process_site                    RCSB 
_pdbx_database_status.status_code_sf                  ? 
_pdbx_database_status.status_code_mr                  ? 
_pdbx_database_status.SG_entry                        ? 
_pdbx_database_status.pdb_format_compatible           Y 
_pdbx_database_status.status_code_cs                  ? 
_pdbx_database_status.status_code_nmr_data            ? 
_pdbx_database_status.methods_development_category    ? 
# 
_pdbx_database_related.db_name        PDB 
_pdbx_database_related.db_id          1SV3 
_pdbx_database_related.details        
'Structure of the complex formed between Phospholipase A2 and 4-methoxybenzoic acid at 1.3A resolution.' 
_pdbx_database_related.content_type   unspecified 
# 
loop_
_audit_author.name 
_audit_author.pdbx_ordinal 
'Kumar, S.'   1 
'Singh, N.'   2 
'Sharma, S.'  3 
'Kaur, P.'    4 
'Singh, T.P.' 5 
# 
_citation.id                        primary 
_citation.title                     
'Crystal structure of the complex formed between phospholipase A2 and 2-(4-isobutyl-phenyl)-propionic acid  at 2.2    resolution' 
_citation.journal_abbrev            'To be Published' 
_citation.journal_volume            ? 
_citation.page_first                ? 
_citation.page_last                 ? 
_citation.year                      ? 
_citation.journal_id_ASTM           ? 
_citation.country                   ? 
_citation.journal_id_ISSN           ? 
_citation.journal_id_CSD            0353 
_citation.book_publisher            ? 
_citation.pdbx_database_id_PubMed   ? 
_citation.pdbx_database_id_DOI      ? 
# 
loop_
_citation_author.citation_id 
_citation_author.name 
_citation_author.ordinal 
_citation_author.identifier_ORCID 
primary 'Kumar, S.'   1 ? 
primary 'Singh, N.'   2 ? 
primary 'Sharma, S.'  3 ? 
primary 'Kaur, P.'    4 ? 
primary 'Singh, T.P.' 5 ? 
# 
loop_
_entity.id 
_entity.type 
_entity.src_method 
_entity.pdbx_description 
_entity.formula_weight 
_entity.pdbx_number_of_molecules 
_entity.pdbx_ec 
_entity.pdbx_mutation 
_entity.pdbx_fragment 
_entity.details 
1 polymer     nat 'Phospholipase A2 VRV-PL-VIIIa' 13629.767 1  3.1.1.4 ? 'phospholipase A2' ? 
2 non-polymer syn IBUPROFEN                       206.281   1  ?       ? ?                  ? 
3 water       nat water                           18.015    95 ?       ? ?                  ? 
# 
_entity_name_com.entity_id   1 
_entity_name_com.name        'Phosphatidylcholine 2- acylhydrolase, DPLA2' 
# 
_entity_poly.entity_id                      1 
_entity_poly.type                           'polypeptide(L)' 
_entity_poly.nstd_linkage                   no 
_entity_poly.nstd_monomer                   no 
_entity_poly.pdbx_seq_one_letter_code       
;SLLEFGKMILEETGKLAIPSYSSYGCYCGWGGKGTPKDATDRCCFVHDCCYGNLPDCNPKSDRYKYKRVNGAIVCEKGTS
CENRICECDKAAAICFRQNLNTYSKKYMLYPDFLCKGELKC
;
_entity_poly.pdbx_seq_one_letter_code_can   
;SLLEFGKMILEETGKLAIPSYSSYGCYCGWGGKGTPKDATDRCCFVHDCCYGNLPDCNPKSDRYKYKRVNGAIVCEKGTS
CENRICECDKAAAICFRQNLNTYSKKYMLYPDFLCKGELKC
;
_entity_poly.pdbx_strand_id                 A 
_entity_poly.pdbx_target_identifier         ? 
# 
loop_
_pdbx_entity_nonpoly.entity_id 
_pdbx_entity_nonpoly.name 
_pdbx_entity_nonpoly.comp_id 
2 IBUPROFEN IBP 
3 water     HOH 
# 
loop_
_entity_poly_seq.entity_id 
_entity_poly_seq.num 
_entity_poly_seq.mon_id 
_entity_poly_seq.hetero 
1 1   SER n 
1 2   LEU n 
1 3   LEU n 
1 4   GLU n 
1 5   PHE n 
1 6   GLY n 
1 7   LYS n 
1 8   MET n 
1 9   ILE n 
1 10  LEU n 
1 11  GLU n 
1 12  GLU n 
1 13  THR n 
1 14  GLY n 
1 15  LYS n 
1 16  LEU n 
1 17  ALA n 
1 18  ILE n 
1 19  PRO n 
1 20  SER n 
1 21  TYR n 
1 22  SER n 
1 23  SER n 
1 24  TYR n 
1 25  GLY n 
1 26  CYS n 
1 27  TYR n 
1 28  CYS n 
1 29  GLY n 
1 30  TRP n 
1 31  GLY n 
1 32  GLY n 
1 33  LYS n 
1 34  GLY n 
1 35  THR n 
1 36  PRO n 
1 37  LYS n 
1 38  ASP n 
1 39  ALA n 
1 40  THR n 
1 41  ASP n 
1 42  ARG n 
1 43  CYS n 
1 44  CYS n 
1 45  PHE n 
1 46  VAL n 
1 47  HIS n 
1 48  ASP n 
1 49  CYS n 
1 50  CYS n 
1 51  TYR n 
1 52  GLY n 
1 53  ASN n 
1 54  LEU n 
1 55  PRO n 
1 56  ASP n 
1 57  CYS n 
1 58  ASN n 
1 59  PRO n 
1 60  LYS n 
1 61  SER n 
1 62  ASP n 
1 63  ARG n 
1 64  TYR n 
1 65  LYS n 
1 66  TYR n 
1 67  LYS n 
1 68  ARG n 
1 69  VAL n 
1 70  ASN n 
1 71  GLY n 
1 72  ALA n 
1 73  ILE n 
1 74  VAL n 
1 75  CYS n 
1 76  GLU n 
1 77  LYS n 
1 78  GLY n 
1 79  THR n 
1 80  SER n 
1 81  CYS n 
1 82  GLU n 
1 83  ASN n 
1 84  ARG n 
1 85  ILE n 
1 86  CYS n 
1 87  GLU n 
1 88  CYS n 
1 89  ASP n 
1 90  LYS n 
1 91  ALA n 
1 92  ALA n 
1 93  ALA n 
1 94  ILE n 
1 95  CYS n 
1 96  PHE n 
1 97  ARG n 
1 98  GLN n 
1 99  ASN n 
1 100 LEU n 
1 101 ASN n 
1 102 THR n 
1 103 TYR n 
1 104 SER n 
1 105 LYS n 
1 106 LYS n 
1 107 TYR n 
1 108 MET n 
1 109 LEU n 
1 110 TYR n 
1 111 PRO n 
1 112 ASP n 
1 113 PHE n 
1 114 LEU n 
1 115 CYS n 
1 116 LYS n 
1 117 GLY n 
1 118 GLU n 
1 119 LEU n 
1 120 LYS n 
1 121 CYS n 
# 
_entity_src_nat.entity_id                  1 
_entity_src_nat.pdbx_src_id                1 
_entity_src_nat.pdbx_alt_source_flag       sample 
_entity_src_nat.pdbx_beg_seq_num           ? 
_entity_src_nat.pdbx_end_seq_num           ? 
_entity_src_nat.common_name                ? 
_entity_src_nat.pdbx_organism_scientific   'Daboia russellii pulchella' 
_entity_src_nat.pdbx_ncbi_taxonomy_id      97228 
_entity_src_nat.genus                      Daboia 
_entity_src_nat.species                    'Daboia russellii' 
_entity_src_nat.strain                     pulchella 
_entity_src_nat.tissue                     ? 
_entity_src_nat.tissue_fraction            ? 
_entity_src_nat.pdbx_secretion             ? 
_entity_src_nat.pdbx_fragment              ? 
_entity_src_nat.pdbx_variant               ? 
_entity_src_nat.pdbx_cell_line             ? 
_entity_src_nat.pdbx_atcc                  ? 
_entity_src_nat.pdbx_cellular_location     ? 
_entity_src_nat.pdbx_organ                 ? 
_entity_src_nat.pdbx_organelle             ? 
_entity_src_nat.pdbx_cell                  ? 
_entity_src_nat.pdbx_plasmid_name          ? 
_entity_src_nat.pdbx_plasmid_details       ? 
_entity_src_nat.details                    ? 
# 
loop_
_chem_comp.id 
_chem_comp.type 
_chem_comp.mon_nstd_flag 
_chem_comp.name 
_chem_comp.pdbx_synonyms 
_chem_comp.formula 
_chem_comp.formula_weight 
ALA 'L-peptide linking' y ALANINE         ?                                    'C3 H7 N O2'     89.093  
ARG 'L-peptide linking' y ARGININE        ?                                    'C6 H15 N4 O2 1' 175.209 
ASN 'L-peptide linking' y ASPARAGINE      ?                                    'C4 H8 N2 O3'    132.118 
ASP 'L-peptide linking' y 'ASPARTIC ACID' ?                                    'C4 H7 N O4'     133.103 
CYS 'L-peptide linking' y CYSTEINE        ?                                    'C3 H7 N O2 S'   121.158 
GLN 'L-peptide linking' y GLUTAMINE       ?                                    'C5 H10 N2 O3'   146.144 
GLU 'L-peptide linking' y 'GLUTAMIC ACID' ?                                    'C5 H9 N O4'     147.129 
GLY 'peptide linking'   y GLYCINE         ?                                    'C2 H5 N O2'     75.067  
HIS 'L-peptide linking' y HISTIDINE       ?                                    'C6 H10 N3 O2 1' 156.162 
HOH non-polymer         . WATER           ?                                    'H2 O'           18.015  
IBP non-polymer         . IBUPROFEN       '2-(4-ISOBUTYLPHENYL)PROPIONIC ACID' 'C13 H18 O2'     206.281 
ILE 'L-peptide linking' y ISOLEUCINE      ?                                    'C6 H13 N O2'    131.173 
LEU 'L-peptide linking' y LEUCINE         ?                                    'C6 H13 N O2'    131.173 
LYS 'L-peptide linking' y LYSINE          ?                                    'C6 H15 N2 O2 1' 147.195 
MET 'L-peptide linking' y METHIONINE      ?                                    'C5 H11 N O2 S'  149.211 
PHE 'L-peptide linking' y PHENYLALANINE   ?                                    'C9 H11 N O2'    165.189 
PRO 'L-peptide linking' y PROLINE         ?                                    'C5 H9 N O2'     115.130 
SER 'L-peptide linking' y SERINE          ?                                    'C3 H7 N O3'     105.093 
THR 'L-peptide linking' y THREONINE       ?                                    'C4 H9 N O3'     119.119 
TRP 'L-peptide linking' y TRYPTOPHAN      ?                                    'C11 H12 N2 O2'  204.225 
TYR 'L-peptide linking' y TYROSINE        ?                                    'C9 H11 N O3'    181.189 
VAL 'L-peptide linking' y VALINE          ?                                    'C5 H11 N O2'    117.146 
# 
loop_
_pdbx_poly_seq_scheme.asym_id 
_pdbx_poly_seq_scheme.entity_id 
_pdbx_poly_seq_scheme.seq_id 
_pdbx_poly_seq_scheme.mon_id 
_pdbx_poly_seq_scheme.ndb_seq_num 
_pdbx_poly_seq_scheme.pdb_seq_num 
_pdbx_poly_seq_scheme.auth_seq_num 
_pdbx_poly_seq_scheme.pdb_mon_id 
_pdbx_poly_seq_scheme.auth_mon_id 
_pdbx_poly_seq_scheme.pdb_strand_id 
_pdbx_poly_seq_scheme.pdb_ins_code 
_pdbx_poly_seq_scheme.hetero 
A 1 1   SER 1   1   1   SER SER A . n 
A 1 2   LEU 2   2   2   LEU LEU A . n 
A 1 3   LEU 3   3   3   LEU LEU A . n 
A 1 4   GLU 4   4   4   GLU GLU A . n 
A 1 5   PHE 5   5   5   PHE PHE A . n 
A 1 6   GLY 6   6   6   GLY GLY A . n 
A 1 7   LYS 7   7   7   LYS LYS A . n 
A 1 8   MET 8   8   8   MET MET A . n 
A 1 9   ILE 9   9   9   ILE ILE A . n 
A 1 10  LEU 10  10  10  LEU LEU A . n 
A 1 11  GLU 11  11  11  GLU GLU A . n 
A 1 12  GLU 12  12  12  GLU GLU A . n 
A 1 13  THR 13  13  13  THR THR A . n 
A 1 14  GLY 14  14  14  GLY GLY A . n 
A 1 15  LYS 15  16  16  LYS LYS A . n 
A 1 16  LEU 16  17  17  LEU LEU A . n 
A 1 17  ALA 17  18  18  ALA ALA A . n 
A 1 18  ILE 18  19  19  ILE ILE A . n 
A 1 19  PRO 19  20  20  PRO PRO A . n 
A 1 20  SER 20  21  21  SER SER A . n 
A 1 21  TYR 21  22  22  TYR TYR A . n 
A 1 22  SER 22  23  23  SER SER A . n 
A 1 23  SER 23  24  24  SER SER A . n 
A 1 24  TYR 24  25  25  TYR TYR A . n 
A 1 25  GLY 25  26  26  GLY GLY A . n 
A 1 26  CYS 26  27  27  CYS CYS A . n 
A 1 27  TYR 27  28  28  TYR TYR A . n 
A 1 28  CYS 28  29  29  CYS CYS A . n 
A 1 29  GLY 29  30  30  GLY GLY A . n 
A 1 30  TRP 30  31  31  TRP TRP A . n 
A 1 31  GLY 31  32  32  GLY GLY A . n 
A 1 32  GLY 32  33  33  GLY GLY A . n 
A 1 33  LYS 33  34  34  LYS LYS A . n 
A 1 34  GLY 34  35  35  GLY GLY A . n 
A 1 35  THR 35  36  36  THR THR A . n 
A 1 36  PRO 36  37  37  PRO PRO A . n 
A 1 37  LYS 37  38  38  LYS LYS A . n 
A 1 38  ASP 38  39  39  ASP ASP A . n 
A 1 39  ALA 39  40  40  ALA ALA A . n 
A 1 40  THR 40  41  41  THR THR A . n 
A 1 41  ASP 41  42  42  ASP ASP A . n 
A 1 42  ARG 42  43  43  ARG ARG A . n 
A 1 43  CYS 43  44  44  CYS CYS A . n 
A 1 44  CYS 44  45  45  CYS CYS A . n 
A 1 45  PHE 45  46  46  PHE PHE A . n 
A 1 46  VAL 46  47  47  VAL VAL A . n 
A 1 47  HIS 47  48  48  HIS HIS A . n 
A 1 48  ASP 48  49  49  ASP ASP A . n 
A 1 49  CYS 49  50  50  CYS CYS A . n 
A 1 50  CYS 50  51  51  CYS CYS A . n 
A 1 51  TYR 51  52  52  TYR TYR A . n 
A 1 52  GLY 52  53  53  GLY GLY A . n 
A 1 53  ASN 53  54  54  ASN ASN A . n 
A 1 54  LEU 54  55  55  LEU LEU A . n 
A 1 55  PRO 55  56  56  PRO PRO A . n 
A 1 56  ASP 56  59  59  ASP ASP A . n 
A 1 57  CYS 57  61  61  CYS CYS A . n 
A 1 58  ASN 58  67  67  ASN ASN A . n 
A 1 59  PRO 59  68  68  PRO PRO A . n 
A 1 60  LYS 60  69  69  LYS LYS A . n 
A 1 61  SER 61  70  70  SER SER A . n 
A 1 62  ASP 62  71  71  ASP ASP A . n 
A 1 63  ARG 63  72  72  ARG ARG A . n 
A 1 64  TYR 64  73  73  TYR TYR A . n 
A 1 65  LYS 65  74  74  LYS LYS A . n 
A 1 66  TYR 66  75  75  TYR TYR A . n 
A 1 67  LYS 67  76  76  LYS LYS A . n 
A 1 68  ARG 68  77  77  ARG ARG A . n 
A 1 69  VAL 69  78  78  VAL VAL A . n 
A 1 70  ASN 70  79  79  ASN ASN A . n 
A 1 71  GLY 71  80  80  GLY GLY A . n 
A 1 72  ALA 72  81  81  ALA ALA A . n 
A 1 73  ILE 73  82  82  ILE ILE A . n 
A 1 74  VAL 74  83  83  VAL VAL A . n 
A 1 75  CYS 75  84  84  CYS CYS A . n 
A 1 76  GLU 76  85  85  GLU GLU A . n 
A 1 77  LYS 77  86  86  LYS LYS A . n 
A 1 78  GLY 78  88  88  GLY GLY A . n 
A 1 79  THR 79  89  89  THR THR A . n 
A 1 80  SER 80  90  90  SER SER A . n 
A 1 81  CYS 81  91  91  CYS CYS A . n 
A 1 82  GLU 82  92  92  GLU GLU A . n 
A 1 83  ASN 83  93  93  ASN ASN A . n 
A 1 84  ARG 84  94  94  ARG ARG A . n 
A 1 85  ILE 85  95  95  ILE ILE A . n 
A 1 86  CYS 86  96  96  CYS CYS A . n 
A 1 87  GLU 87  97  97  GLU GLU A . n 
A 1 88  CYS 88  98  98  CYS CYS A . n 
A 1 89  ASP 89  99  99  ASP ASP A . n 
A 1 90  LYS 90  100 100 LYS LYS A . n 
A 1 91  ALA 91  101 101 ALA ALA A . n 
A 1 92  ALA 92  102 102 ALA ALA A . n 
A 1 93  ALA 93  103 103 ALA ALA A . n 
A 1 94  ILE 94  104 104 ILE ILE A . n 
A 1 95  CYS 95  105 105 CYS CYS A . n 
A 1 96  PHE 96  106 106 PHE PHE A . n 
A 1 97  ARG 97  107 107 ARG ARG A . n 
A 1 98  GLN 98  108 108 GLN GLN A . n 
A 1 99  ASN 99  109 109 ASN ASN A . n 
A 1 100 LEU 100 110 110 LEU LEU A . n 
A 1 101 ASN 101 111 111 ASN ASN A . n 
A 1 102 THR 102 112 112 THR THR A . n 
A 1 103 TYR 103 113 113 TYR TYR A . n 
A 1 104 SER 104 114 114 SER SER A . n 
A 1 105 LYS 105 115 115 LYS LYS A . n 
A 1 106 LYS 106 116 116 LYS LYS A . n 
A 1 107 TYR 107 117 117 TYR TYR A . n 
A 1 108 MET 108 118 118 MET MET A . n 
A 1 109 LEU 109 119 119 LEU LEU A . n 
A 1 110 TYR 110 120 120 TYR TYR A . n 
A 1 111 PRO 111 121 121 PRO PRO A . n 
A 1 112 ASP 112 122 122 ASP ASP A . n 
A 1 113 PHE 113 124 124 PHE PHE A . n 
A 1 114 LEU 114 125 125 LEU LEU A . n 
A 1 115 CYS 115 126 126 CYS CYS A . n 
A 1 116 LYS 116 127 127 LYS LYS A . n 
A 1 117 GLY 117 128 128 GLY GLY A . n 
A 1 118 GLU 118 129 129 GLU GLU A . n 
A 1 119 LEU 119 130 130 LEU LEU A . n 
A 1 120 LYS 120 131 131 LYS LYS A . n 
A 1 121 CYS 121 133 133 CYS CYS A . n 
# 
loop_
_pdbx_nonpoly_scheme.asym_id 
_pdbx_nonpoly_scheme.entity_id 
_pdbx_nonpoly_scheme.mon_id 
_pdbx_nonpoly_scheme.ndb_seq_num 
_pdbx_nonpoly_scheme.pdb_seq_num 
_pdbx_nonpoly_scheme.auth_seq_num 
_pdbx_nonpoly_scheme.pdb_mon_id 
_pdbx_nonpoly_scheme.auth_mon_id 
_pdbx_nonpoly_scheme.pdb_strand_id 
_pdbx_nonpoly_scheme.pdb_ins_code 
B 2 IBP 1  3960 3960 IBP IBP A . 
C 3 HOH 1  3961 1    HOH HOH A . 
C 3 HOH 2  3962 2    HOH HOH A . 
C 3 HOH 3  3963 3    HOH HOH A . 
C 3 HOH 4  3964 4    HOH HOH A . 
C 3 HOH 5  3965 5    HOH HOH A . 
C 3 HOH 6  3966 6    HOH HOH A . 
C 3 HOH 7  3967 7    HOH HOH A . 
C 3 HOH 8  3968 8    HOH HOH A . 
C 3 HOH 9  3969 9    HOH HOH A . 
C 3 HOH 10 3970 10   HOH HOH A . 
C 3 HOH 11 3971 11   HOH HOH A . 
C 3 HOH 12 3972 12   HOH HOH A . 
C 3 HOH 13 3973 13   HOH HOH A . 
C 3 HOH 14 3974 14   HOH HOH A . 
C 3 HOH 15 3975 15   HOH HOH A . 
C 3 HOH 16 3976 16   HOH HOH A . 
C 3 HOH 17 3977 17   HOH HOH A . 
C 3 HOH 18 3978 18   HOH HOH A . 
C 3 HOH 19 3979 19   HOH HOH A . 
C 3 HOH 20 3980 20   HOH HOH A . 
C 3 HOH 21 3981 21   HOH HOH A . 
C 3 HOH 22 3982 22   HOH HOH A . 
C 3 HOH 23 3983 23   HOH HOH A . 
C 3 HOH 24 3984 24   HOH HOH A . 
C 3 HOH 25 3985 25   HOH HOH A . 
C 3 HOH 26 3986 26   HOH HOH A . 
C 3 HOH 27 3987 27   HOH HOH A . 
C 3 HOH 28 3988 28   HOH HOH A . 
C 3 HOH 29 3989 29   HOH HOH A . 
C 3 HOH 30 3990 30   HOH HOH A . 
C 3 HOH 31 3991 31   HOH HOH A . 
C 3 HOH 32 3992 32   HOH HOH A . 
C 3 HOH 33 3993 33   HOH HOH A . 
C 3 HOH 34 3994 34   HOH HOH A . 
C 3 HOH 35 3995 35   HOH HOH A . 
C 3 HOH 36 3996 36   HOH HOH A . 
C 3 HOH 37 3997 37   HOH HOH A . 
C 3 HOH 38 3998 38   HOH HOH A . 
C 3 HOH 39 3999 39   HOH HOH A . 
C 3 HOH 40 4000 40   HOH HOH A . 
C 3 HOH 41 4001 41   HOH HOH A . 
C 3 HOH 42 4002 42   HOH HOH A . 
C 3 HOH 43 4003 43   HOH HOH A . 
C 3 HOH 44 4004 44   HOH HOH A . 
C 3 HOH 45 4005 46   HOH HOH A . 
C 3 HOH 46 4006 47   HOH HOH A . 
C 3 HOH 47 4007 48   HOH HOH A . 
C 3 HOH 48 4008 49   HOH HOH A . 
C 3 HOH 49 4009 50   HOH HOH A . 
C 3 HOH 50 4010 51   HOH HOH A . 
C 3 HOH 51 4011 53   HOH HOH A . 
C 3 HOH 52 4012 54   HOH HOH A . 
C 3 HOH 53 4013 55   HOH HOH A . 
C 3 HOH 54 4014 56   HOH HOH A . 
C 3 HOH 55 4015 57   HOH HOH A . 
C 3 HOH 56 4016 58   HOH HOH A . 
C 3 HOH 57 4017 59   HOH HOH A . 
C 3 HOH 58 4018 60   HOH HOH A . 
C 3 HOH 59 4019 62   HOH HOH A . 
C 3 HOH 60 4020 63   HOH HOH A . 
C 3 HOH 61 4021 64   HOH HOH A . 
C 3 HOH 62 4022 65   HOH HOH A . 
C 3 HOH 63 4023 66   HOH HOH A . 
C 3 HOH 64 4024 67   HOH HOH A . 
C 3 HOH 65 4025 68   HOH HOH A . 
C 3 HOH 66 4026 69   HOH HOH A . 
C 3 HOH 67 4027 70   HOH HOH A . 
C 3 HOH 68 4028 71   HOH HOH A . 
C 3 HOH 69 4029 72   HOH HOH A . 
C 3 HOH 70 4030 73   HOH HOH A . 
C 3 HOH 71 4031 74   HOH HOH A . 
C 3 HOH 72 4032 75   HOH HOH A . 
C 3 HOH 73 4033 76   HOH HOH A . 
C 3 HOH 74 4034 77   HOH HOH A . 
C 3 HOH 75 4035 78   HOH HOH A . 
C 3 HOH 76 4036 79   HOH HOH A . 
C 3 HOH 77 4037 80   HOH HOH A . 
C 3 HOH 78 4038 81   HOH HOH A . 
C 3 HOH 79 4039 82   HOH HOH A . 
C 3 HOH 80 4040 83   HOH HOH A . 
C 3 HOH 81 4041 84   HOH HOH A . 
C 3 HOH 82 4042 85   HOH HOH A . 
C 3 HOH 83 4043 86   HOH HOH A . 
C 3 HOH 84 4044 87   HOH HOH A . 
C 3 HOH 85 4045 88   HOH HOH A . 
C 3 HOH 86 4046 89   HOH HOH A . 
C 3 HOH 87 4047 90   HOH HOH A . 
C 3 HOH 88 4048 91   HOH HOH A . 
C 3 HOH 89 4049 92   HOH HOH A . 
C 3 HOH 90 4050 93   HOH HOH A . 
C 3 HOH 91 4051 94   HOH HOH A . 
C 3 HOH 92 4052 95   HOH HOH A . 
C 3 HOH 93 4053 96   HOH HOH A . 
C 3 HOH 94 4054 97   HOH HOH A . 
C 3 HOH 95 4055 98   HOH HOH A . 
# 
loop_
_software.name 
_software.classification 
_software.version 
_software.citation_id 
_software.pdbx_ordinal 
REFMAC    refinement        5.0 ? 1 
MAR345dtb 'data collection' .   ? 2 
DENZO     'data reduction'  .   ? 3 
SCALEPACK 'data scaling'    .   ? 4 
AMoRE     phasing           .   ? 5 
# 
_cell.entry_id           2PWS 
_cell.length_a           53.169 
_cell.length_b           53.169 
_cell.length_c           48.513 
_cell.angle_alpha        90.00 
_cell.angle_beta         90.00 
_cell.angle_gamma        90.00 
_cell.Z_PDB              4 
_cell.pdbx_unique_axis   ? 
_cell.length_a_esd       ? 
_cell.length_b_esd       ? 
_cell.length_c_esd       ? 
_cell.angle_alpha_esd    ? 
_cell.angle_beta_esd     ? 
_cell.angle_gamma_esd    ? 
# 
_symmetry.entry_id                         2PWS 
_symmetry.space_group_name_H-M             'P 43' 
_symmetry.pdbx_full_space_group_name_H-M   ? 
_symmetry.cell_setting                     ? 
_symmetry.Int_Tables_number                78 
_symmetry.space_group_name_Hall            ? 
# 
_exptl.entry_id          2PWS 
_exptl.method            'X-RAY DIFFRACTION' 
_exptl.crystals_number   1 
# 
_exptl_crystal.id                    1 
_exptl_crystal.density_meas          ? 
_exptl_crystal.density_Matthews      2.51 
_exptl_crystal.density_percent_sol   51.09 
_exptl_crystal.description           ? 
_exptl_crystal.F_000                 ? 
_exptl_crystal.preparation           ? 
# 
_exptl_crystal_grow.crystal_id      1 
_exptl_crystal_grow.method          'VAPOR DIFFUSION, SITTING DROP' 
_exptl_crystal_grow.temp            298 
_exptl_crystal_grow.temp_details    ? 
_exptl_crystal_grow.pH              6.8 
_exptl_crystal_grow.pdbx_details    'Ammonium Sulphate, PEG 4000, pH 6.8, VAPOR DIFFUSION, SITTING DROP, temperature 298K' 
_exptl_crystal_grow.pdbx_pH_range   . 
# 
_diffrn.id                     1 
_diffrn.ambient_temp           291 
_diffrn.ambient_temp_details   ? 
_diffrn.crystal_id             1 
# 
_diffrn_detector.diffrn_id              1 
_diffrn_detector.detector               'IMAGE PLATE' 
_diffrn_detector.type                   'MAR scanner 345 mm plate' 
_diffrn_detector.pdbx_collection_date   2007-04-22 
_diffrn_detector.details                Mirror 
# 
_diffrn_radiation.diffrn_id                        1 
_diffrn_radiation.wavelength_id                    1 
_diffrn_radiation.pdbx_monochromatic_or_laue_m_l   M 
_diffrn_radiation.monochromator                    Graphite 
_diffrn_radiation.pdbx_diffrn_protocol             'SINGLE WAVELENGTH' 
_diffrn_radiation.pdbx_scattering_type             x-ray 
# 
_diffrn_radiation_wavelength.id           1 
_diffrn_radiation_wavelength.wavelength   1.54132 
_diffrn_radiation_wavelength.wt           1.0 
# 
_diffrn_source.diffrn_id                   1 
_diffrn_source.source                      'ROTATING ANODE' 
_diffrn_source.type                        'RIGAKU RU300' 
_diffrn_source.pdbx_synchrotron_site       ? 
_diffrn_source.pdbx_synchrotron_beamline   ? 
_diffrn_source.pdbx_wavelength             ? 
_diffrn_source.pdbx_wavelength_list        1.54132 
# 
_reflns.entry_id                     2PWS 
_reflns.observed_criterion_sigma_F   0 
_reflns.observed_criterion_sigma_I   0 
_reflns.d_resolution_high            2.21 
_reflns.d_resolution_low             53.45 
_reflns.number_all                   6829 
_reflns.number_obs                   6488 
_reflns.percent_possible_obs         99.2 
_reflns.pdbx_Rmerge_I_obs            ? 
_reflns.pdbx_Rsym_value              ? 
_reflns.pdbx_netI_over_sigmaI        ? 
_reflns.B_iso_Wilson_estimate        ? 
_reflns.pdbx_redundancy              ? 
_reflns.R_free_details               ? 
_reflns.limit_h_max                  ? 
_reflns.limit_h_min                  ? 
_reflns.limit_k_max                  ? 
_reflns.limit_k_min                  ? 
_reflns.limit_l_max                  ? 
_reflns.limit_l_min                  ? 
_reflns.observed_criterion_F_max     ? 
_reflns.observed_criterion_F_min     ? 
_reflns.pdbx_chi_squared             ? 
_reflns.pdbx_scaling_rejects         ? 
_reflns.pdbx_diffrn_id               1 
_reflns.pdbx_ordinal                 1 
# 
_reflns_shell.d_res_high             2.21 
_reflns_shell.d_res_low              2.29 
_reflns_shell.percent_possible_all   93.2 
_reflns_shell.Rmerge_I_obs           ? 
_reflns_shell.pdbx_Rsym_value        ? 
_reflns_shell.meanI_over_sigI_obs    ? 
_reflns_shell.pdbx_redundancy        ? 
_reflns_shell.percent_possible_obs   ? 
_reflns_shell.number_unique_all      ? 
_reflns_shell.number_measured_all    ? 
_reflns_shell.number_measured_obs    ? 
_reflns_shell.number_unique_obs      ? 
_reflns_shell.pdbx_chi_squared       ? 
_reflns_shell.pdbx_diffrn_id         ? 
_reflns_shell.pdbx_ordinal           1 
# 
_refine.entry_id                                 2PWS 
_refine.ls_number_reflns_obs                     6488 
_refine.ls_number_reflns_all                     6829 
_refine.pdbx_ls_sigma_I                          0 
_refine.pdbx_ls_sigma_F                          0 
_refine.pdbx_data_cutoff_high_absF               ? 
_refine.pdbx_data_cutoff_low_absF                ? 
_refine.pdbx_data_cutoff_high_rms_absF           ? 
_refine.ls_d_res_low                             53.45 
_refine.ls_d_res_high                            2.21 
_refine.ls_percent_reflns_obs                    99.34 
_refine.ls_R_factor_obs                          0.18249 
_refine.ls_R_factor_all                          ? 
_refine.ls_R_factor_R_work                       0.18037 
_refine.ls_R_factor_R_free                       0.21539 
_refine.ls_R_factor_R_free_error                 ? 
_refine.ls_R_factor_R_free_error_details         ? 
_refine.ls_percent_reflns_R_free                 4.8 
_refine.ls_number_reflns_R_free                  325 
_refine.ls_number_parameters                     ? 
_refine.ls_number_restraints                     ? 
_refine.occupancy_min                            ? 
_refine.occupancy_max                            ? 
_refine.correlation_coeff_Fo_to_Fc               0.940 
_refine.correlation_coeff_Fo_to_Fc_free          0.918 
_refine.B_iso_mean                               31.986 
_refine.aniso_B[1][1]                            0.38 
_refine.aniso_B[2][2]                            0.38 
_refine.aniso_B[3][3]                            -0.77 
_refine.aniso_B[1][2]                            0.00 
_refine.aniso_B[1][3]                            0.00 
_refine.aniso_B[2][3]                            0.00 
_refine.solvent_model_details                    'BABINET MODEL WITH MASK' 
_refine.solvent_model_param_ksol                 ? 
_refine.solvent_model_param_bsol                 ? 
_refine.pdbx_solvent_vdw_probe_radii             1.40 
_refine.pdbx_solvent_ion_probe_radii             0.80 
_refine.pdbx_solvent_shrinkage_radii             0.80 
_refine.pdbx_ls_cross_valid_method               THROUGHOUT 
_refine.details                                  ? 
_refine.pdbx_starting_model                      1SV3 
_refine.pdbx_method_to_determine_struct          'MOLECULAR REPLACEMENT' 
_refine.pdbx_isotropic_thermal_model             ? 
_refine.pdbx_stereochemistry_target_values       'MAXIMUM LIKELIHOOD' 
_refine.pdbx_stereochem_target_val_spec_case     ? 
_refine.pdbx_R_Free_selection_details            RANDOM 
_refine.pdbx_overall_ESU_R                       0.277 
_refine.pdbx_overall_ESU_R_Free                  0.205 
_refine.overall_SU_ML                            0.144 
_refine.overall_SU_B                             5.587 
_refine.ls_redundancy_reflns_obs                 ? 
_refine.B_iso_min                                ? 
_refine.B_iso_max                                ? 
_refine.overall_SU_R_Cruickshank_DPI             ? 
_refine.overall_SU_R_free                        ? 
_refine.ls_wR_factor_R_free                      ? 
_refine.ls_wR_factor_R_work                      ? 
_refine.overall_FOM_free_R_set                   ? 
_refine.overall_FOM_work_R_set                   ? 
_refine.pdbx_refine_id                           'X-RAY DIFFRACTION' 
_refine.pdbx_diffrn_id                           1 
_refine.pdbx_TLS_residual_ADP_flag               ? 
_refine.pdbx_overall_phase_error                 ? 
_refine.pdbx_overall_SU_R_free_Cruickshank_DPI   ? 
_refine.pdbx_overall_SU_R_Blow_DPI               ? 
_refine.pdbx_overall_SU_R_free_Blow_DPI          ? 
# 
_refine_hist.pdbx_refine_id                   'X-RAY DIFFRACTION' 
_refine_hist.cycle_id                         LAST 
_refine_hist.pdbx_number_atoms_protein        943 
_refine_hist.pdbx_number_atoms_nucleic_acid   0 
_refine_hist.pdbx_number_atoms_ligand         15 
_refine_hist.number_atoms_solvent             95 
_refine_hist.number_atoms_total               1053 
_refine_hist.d_res_high                       2.21 
_refine_hist.d_res_low                        53.45 
# 
loop_
_refine_ls_restr.type 
_refine_ls_restr.dev_ideal 
_refine_ls_restr.dev_ideal_target 
_refine_ls_restr.weight 
_refine_ls_restr.number 
_refine_ls_restr.pdbx_refine_id 
_refine_ls_restr.pdbx_restraint_function 
r_bond_refined_d             0.014  0.021  ? 978  'X-RAY DIFFRACTION' ? 
r_bond_other_d               ?      ?      ? ?    'X-RAY DIFFRACTION' ? 
r_angle_refined_deg          1.905  2.004  ? 1304 'X-RAY DIFFRACTION' ? 
r_angle_other_deg            ?      ?      ? ?    'X-RAY DIFFRACTION' ? 
r_dihedral_angle_1_deg       4.543  3.000  ? 113  'X-RAY DIFFRACTION' ? 
r_dihedral_angle_2_deg       ?      ?      ? ?    'X-RAY DIFFRACTION' ? 
r_dihedral_angle_3_deg       19.774 15.000 ? 180  'X-RAY DIFFRACTION' ? 
r_dihedral_angle_4_deg       ?      ?      ? ?    'X-RAY DIFFRACTION' ? 
r_chiral_restr               0.105  0.200  ? 134  'X-RAY DIFFRACTION' ? 
r_gen_planes_refined         0.006  0.020  ? 713  'X-RAY DIFFRACTION' ? 
r_gen_planes_other           ?      ?      ? ?    'X-RAY DIFFRACTION' ? 
r_nbd_refined                0.401  0.300  ? 480  'X-RAY DIFFRACTION' ? 
r_nbd_other                  ?      ?      ? ?    'X-RAY DIFFRACTION' ? 
r_nbtor_refined              ?      ?      ? ?    'X-RAY DIFFRACTION' ? 
r_nbtor_other                ?      ?      ? ?    'X-RAY DIFFRACTION' ? 
r_xyhbond_nbd_refined        0.193  0.500  ? 98   'X-RAY DIFFRACTION' ? 
r_xyhbond_nbd_other          ?      ?      ? ?    'X-RAY DIFFRACTION' ? 
r_metal_ion_refined          ?      ?      ? ?    'X-RAY DIFFRACTION' ? 
r_metal_ion_other            ?      ?      ? ?    'X-RAY DIFFRACTION' ? 
r_symmetry_vdw_refined       0.317  0.300  ? 43   'X-RAY DIFFRACTION' ? 
r_symmetry_vdw_other         ?      ?      ? ?    'X-RAY DIFFRACTION' ? 
r_symmetry_hbond_refined     0.647  0.500  ? 11   'X-RAY DIFFRACTION' ? 
r_symmetry_hbond_other       ?      ?      ? ?    'X-RAY DIFFRACTION' ? 
r_symmetry_metal_ion_refined ?      ?      ? ?    'X-RAY DIFFRACTION' ? 
r_symmetry_metal_ion_other   ?      ?      ? ?    'X-RAY DIFFRACTION' ? 
r_mcbond_it                  0.965  1.500  ? 592  'X-RAY DIFFRACTION' ? 
r_mcbond_other               ?      ?      ? ?    'X-RAY DIFFRACTION' ? 
r_mcangle_it                 1.835  2.000  ? 934  'X-RAY DIFFRACTION' ? 
r_scbond_it                  2.462  3.000  ? 386  'X-RAY DIFFRACTION' ? 
r_scangle_it                 4.079  4.500  ? 370  'X-RAY DIFFRACTION' ? 
r_rigid_bond_restr           ?      ?      ? ?    'X-RAY DIFFRACTION' ? 
r_sphericity_free            ?      ?      ? ?    'X-RAY DIFFRACTION' ? 
r_sphericity_bonded          ?      ?      ? ?    'X-RAY DIFFRACTION' ? 
# 
_refine_ls_shell.pdbx_total_number_of_bins_used   20 
_refine_ls_shell.d_res_high                       2.21 
_refine_ls_shell.d_res_low                        2.268 
_refine_ls_shell.number_reflns_R_work             420 
_refine_ls_shell.R_factor_R_work                  0.199 
_refine_ls_shell.percent_reflns_obs               ? 
_refine_ls_shell.R_factor_R_free                  0.373 
_refine_ls_shell.R_factor_R_free_error            ? 
_refine_ls_shell.percent_reflns_R_free            ? 
_refine_ls_shell.number_reflns_R_free             18 
_refine_ls_shell.number_reflns_all                ? 
_refine_ls_shell.R_factor_all                     ? 
_refine_ls_shell.number_reflns_obs                ? 
_refine_ls_shell.redundancy_reflns_obs            ? 
_refine_ls_shell.pdbx_refine_id                   'X-RAY DIFFRACTION' 
# 
_struct.entry_id                  2PWS 
_struct.title                     
'Crystal structure of the complex formed between phospholipase A2 and 2-(4-isobutyl-phenyl)-propionic acid at 2.2 A resolution' 
_struct.pdbx_model_details        ? 
_struct.pdbx_CASP_flag            ? 
_struct.pdbx_model_type_details   ? 
# 
_struct_keywords.entry_id        2PWS 
_struct_keywords.pdbx_keywords   HYDROLASE 
_struct_keywords.text            'NSAIDs, Active site, Inhibitor, hydrolase' 
# 
loop_
_struct_asym.id 
_struct_asym.pdbx_blank_PDB_chainid_flag 
_struct_asym.pdbx_modified 
_struct_asym.entity_id 
_struct_asym.details 
A N N 1 ? 
B N N 2 ? 
C N N 3 ? 
# 
_struct_ref.id                         1 
_struct_ref.db_name                    UNP 
_struct_ref.db_code                    PA28_DABRP 
_struct_ref.pdbx_db_accession          P59071 
_struct_ref.entity_id                  1 
_struct_ref.pdbx_seq_one_letter_code   
;SLLEFGKMILEETGKLAIPSYSSYGCYCGWGGKGTPKDATDRCCFVHDCCYGNLPDCNPKSDRYKYKRVNGAIVCEKGTS
CENRICECDKAAAICFRQNLNTYSKKYMLYPDFLCKGELKC
;
_struct_ref.pdbx_align_begin           1 
_struct_ref.pdbx_db_isoform            ? 
# 
_struct_ref_seq.align_id                      1 
_struct_ref_seq.ref_id                        1 
_struct_ref_seq.pdbx_PDB_id_code              2PWS 
_struct_ref_seq.pdbx_strand_id                A 
_struct_ref_seq.seq_align_beg                 1 
_struct_ref_seq.pdbx_seq_align_beg_ins_code   ? 
_struct_ref_seq.seq_align_end                 121 
_struct_ref_seq.pdbx_seq_align_end_ins_code   ? 
_struct_ref_seq.pdbx_db_accession             P59071 
_struct_ref_seq.db_align_beg                  1 
_struct_ref_seq.pdbx_db_align_beg_ins_code    ? 
_struct_ref_seq.db_align_end                  121 
_struct_ref_seq.pdbx_db_align_end_ins_code    ? 
_struct_ref_seq.pdbx_auth_seq_align_beg       1 
_struct_ref_seq.pdbx_auth_seq_align_end       133 
# 
_pdbx_struct_assembly.id                   1 
_pdbx_struct_assembly.details              author_defined_assembly 
_pdbx_struct_assembly.method_details       ? 
_pdbx_struct_assembly.oligomeric_details   monomeric 
_pdbx_struct_assembly.oligomeric_count     1 
# 
_pdbx_struct_assembly_gen.assembly_id       1 
_pdbx_struct_assembly_gen.oper_expression   1 
_pdbx_struct_assembly_gen.asym_id_list      A,B,C 
# 
_pdbx_struct_oper_list.id                   1 
_pdbx_struct_oper_list.type                 'identity operation' 
_pdbx_struct_oper_list.name                 1_555 
_pdbx_struct_oper_list.symmetry_operation   x,y,z 
_pdbx_struct_oper_list.matrix[1][1]         1.0000000000 
_pdbx_struct_oper_list.matrix[1][2]         0.0000000000 
_pdbx_struct_oper_list.matrix[1][3]         0.0000000000 
_pdbx_struct_oper_list.vector[1]            0.0000000000 
_pdbx_struct_oper_list.matrix[2][1]         0.0000000000 
_pdbx_struct_oper_list.matrix[2][2]         1.0000000000 
_pdbx_struct_oper_list.matrix[2][3]         0.0000000000 
_pdbx_struct_oper_list.vector[2]            0.0000000000 
_pdbx_struct_oper_list.matrix[3][1]         0.0000000000 
_pdbx_struct_oper_list.matrix[3][2]         0.0000000000 
_pdbx_struct_oper_list.matrix[3][3]         1.0000000000 
_pdbx_struct_oper_list.vector[3]            0.0000000000 
# 
loop_
_struct_conf.conf_type_id 
_struct_conf.id 
_struct_conf.pdbx_PDB_helix_id 
_struct_conf.beg_label_comp_id 
_struct_conf.beg_label_asym_id 
_struct_conf.beg_label_seq_id 
_struct_conf.pdbx_beg_PDB_ins_code 
_struct_conf.end_label_comp_id 
_struct_conf.end_label_asym_id 
_struct_conf.end_label_seq_id 
_struct_conf.pdbx_end_PDB_ins_code 
_struct_conf.beg_auth_comp_id 
_struct_conf.beg_auth_asym_id 
_struct_conf.beg_auth_seq_id 
_struct_conf.end_auth_comp_id 
_struct_conf.end_auth_asym_id 
_struct_conf.end_auth_seq_id 
_struct_conf.pdbx_PDB_helix_class 
_struct_conf.details 
_struct_conf.pdbx_PDB_helix_length 
HELX_P HELX_P1 1 SER A 1   ? GLY A 14  ? SER A 1   GLY A 14  1 ? 14 
HELX_P HELX_P2 2 LEU A 16  ? TYR A 21  ? LEU A 17  TYR A 22  1 ? 6  
HELX_P HELX_P3 3 ASP A 38  ? ASN A 53  ? ASP A 39  ASN A 54  1 ? 16 
HELX_P HELX_P4 4 THR A 79  ? ASN A 99  ? THR A 89  ASN A 109 1 ? 21 
HELX_P HELX_P5 5 LEU A 100 ? TYR A 103 ? LEU A 110 TYR A 113 5 ? 4  
HELX_P HELX_P6 6 SER A 104 ? MET A 108 ? SER A 114 MET A 118 5 ? 5  
HELX_P HELX_P7 7 PRO A 111 ? CYS A 115 ? PRO A 121 CYS A 126 5 ? 5  
# 
_struct_conf_type.id          HELX_P 
_struct_conf_type.criteria    ? 
_struct_conf_type.reference   ? 
# 
loop_
_struct_conn.id 
_struct_conn.conn_type_id 
_struct_conn.pdbx_leaving_atom_flag 
_struct_conn.pdbx_PDB_id 
_struct_conn.ptnr1_label_asym_id 
_struct_conn.ptnr1_label_comp_id 
_struct_conn.ptnr1_label_seq_id 
_struct_conn.ptnr1_label_atom_id 
_struct_conn.pdbx_ptnr1_label_alt_id 
_struct_conn.pdbx_ptnr1_PDB_ins_code 
_struct_conn.pdbx_ptnr1_standard_comp_id 
_struct_conn.ptnr1_symmetry 
_struct_conn.ptnr2_label_asym_id 
_struct_conn.ptnr2_label_comp_id 
_struct_conn.ptnr2_label_seq_id 
_struct_conn.ptnr2_label_atom_id 
_struct_conn.pdbx_ptnr2_label_alt_id 
_struct_conn.pdbx_ptnr2_PDB_ins_code 
_struct_conn.ptnr1_auth_asym_id 
_struct_conn.ptnr1_auth_comp_id 
_struct_conn.ptnr1_auth_seq_id 
_struct_conn.ptnr2_auth_asym_id 
_struct_conn.ptnr2_auth_comp_id 
_struct_conn.ptnr2_auth_seq_id 
_struct_conn.ptnr2_symmetry 
_struct_conn.pdbx_ptnr3_label_atom_id 
_struct_conn.pdbx_ptnr3_label_seq_id 
_struct_conn.pdbx_ptnr3_label_comp_id 
_struct_conn.pdbx_ptnr3_label_asym_id 
_struct_conn.pdbx_ptnr3_label_alt_id 
_struct_conn.pdbx_ptnr3_PDB_ins_code 
_struct_conn.details 
_struct_conn.pdbx_dist_value 
_struct_conn.pdbx_value_order 
_struct_conn.pdbx_role 
disulf1 disulf ? ? A CYS 26 SG ? ? ? 1_555 A CYS 115 SG ? ? A CYS 27 A CYS 126 1_555 ? ? ? ? ? ? ? 2.026 ? ? 
disulf2 disulf ? ? A CYS 28 SG ? ? ? 1_555 A CYS 44  SG ? ? A CYS 29 A CYS 45  1_555 ? ? ? ? ? ? ? 2.550 ? ? 
disulf3 disulf ? ? A CYS 43 SG ? ? ? 1_555 A CYS 95  SG ? ? A CYS 44 A CYS 105 1_555 ? ? ? ? ? ? ? 1.995 ? ? 
disulf4 disulf ? ? A CYS 49 SG ? ? ? 1_555 A CYS 121 SG ? ? A CYS 50 A CYS 133 1_555 ? ? ? ? ? ? ? 1.695 ? ? 
disulf5 disulf ? ? A CYS 50 SG ? ? ? 1_555 A CYS 88  SG ? ? A CYS 51 A CYS 98  1_555 ? ? ? ? ? ? ? 2.021 ? ? 
disulf6 disulf ? ? A CYS 57 SG ? ? ? 1_555 A CYS 81  SG ? ? A CYS 61 A CYS 91  1_555 ? ? ? ? ? ? ? 2.007 ? ? 
disulf7 disulf ? ? A CYS 75 SG ? ? ? 1_555 A CYS 86  SG ? ? A CYS 84 A CYS 96  1_555 ? ? ? ? ? ? ? 2.054 ? ? 
# 
_struct_conn_type.id          disulf 
_struct_conn_type.criteria    ? 
_struct_conn_type.reference   ? 
# 
loop_
_pdbx_modification_feature.ordinal 
_pdbx_modification_feature.label_comp_id 
_pdbx_modification_feature.label_asym_id 
_pdbx_modification_feature.label_seq_id 
_pdbx_modification_feature.label_alt_id 
_pdbx_modification_feature.modified_residue_label_comp_id 
_pdbx_modification_feature.modified_residue_label_asym_id 
_pdbx_modification_feature.modified_residue_label_seq_id 
_pdbx_modification_feature.modified_residue_label_alt_id 
_pdbx_modification_feature.auth_comp_id 
_pdbx_modification_feature.auth_asym_id 
_pdbx_modification_feature.auth_seq_id 
_pdbx_modification_feature.PDB_ins_code 
_pdbx_modification_feature.symmetry 
_pdbx_modification_feature.modified_residue_auth_comp_id 
_pdbx_modification_feature.modified_residue_auth_asym_id 
_pdbx_modification_feature.modified_residue_auth_seq_id 
_pdbx_modification_feature.modified_residue_PDB_ins_code 
_pdbx_modification_feature.modified_residue_symmetry 
_pdbx_modification_feature.comp_id_linking_atom 
_pdbx_modification_feature.modified_residue_id_linking_atom 
_pdbx_modification_feature.modified_residue_id 
_pdbx_modification_feature.ref_pcm_id 
_pdbx_modification_feature.ref_comp_id 
_pdbx_modification_feature.type 
_pdbx_modification_feature.category 
1 CYS A 26 ? CYS A 115 ? CYS A 27 ? 1_555 CYS A 126 ? 1_555 SG SG . . . None 'Disulfide bridge' 
2 CYS A 28 ? CYS A 44  ? CYS A 29 ? 1_555 CYS A 45  ? 1_555 SG SG . . . None 'Disulfide bridge' 
3 CYS A 43 ? CYS A 95  ? CYS A 44 ? 1_555 CYS A 105 ? 1_555 SG SG . . . None 'Disulfide bridge' 
4 CYS A 49 ? CYS A 121 ? CYS A 50 ? 1_555 CYS A 133 ? 1_555 SG SG . . . None 'Disulfide bridge' 
5 CYS A 50 ? CYS A 88  ? CYS A 51 ? 1_555 CYS A 98  ? 1_555 SG SG . . . None 'Disulfide bridge' 
6 CYS A 57 ? CYS A 81  ? CYS A 61 ? 1_555 CYS A 91  ? 1_555 SG SG . . . None 'Disulfide bridge' 
7 CYS A 75 ? CYS A 86  ? CYS A 84 ? 1_555 CYS A 96  ? 1_555 SG SG . . . None 'Disulfide bridge' 
# 
_struct_mon_prot_cis.pdbx_id                1 
_struct_mon_prot_cis.label_comp_id          ILE 
_struct_mon_prot_cis.label_seq_id           18 
_struct_mon_prot_cis.label_asym_id          A 
_struct_mon_prot_cis.label_alt_id           . 
_struct_mon_prot_cis.pdbx_PDB_ins_code      ? 
_struct_mon_prot_cis.auth_comp_id           ILE 
_struct_mon_prot_cis.auth_seq_id            19 
_struct_mon_prot_cis.auth_asym_id           A 
_struct_mon_prot_cis.pdbx_label_comp_id_2   PRO 
_struct_mon_prot_cis.pdbx_label_seq_id_2    19 
_struct_mon_prot_cis.pdbx_label_asym_id_2   A 
_struct_mon_prot_cis.pdbx_PDB_ins_code_2    ? 
_struct_mon_prot_cis.pdbx_auth_comp_id_2    PRO 
_struct_mon_prot_cis.pdbx_auth_seq_id_2     20 
_struct_mon_prot_cis.pdbx_auth_asym_id_2    A 
_struct_mon_prot_cis.pdbx_PDB_model_num     1 
_struct_mon_prot_cis.pdbx_omega_angle       1.11 
# 
_struct_sheet.id               A 
_struct_sheet.type             ? 
_struct_sheet.number_strands   2 
_struct_sheet.details          ? 
# 
_struct_sheet_order.sheet_id     A 
_struct_sheet_order.range_id_1   1 
_struct_sheet_order.range_id_2   2 
_struct_sheet_order.offset       ? 
_struct_sheet_order.sense        anti-parallel 
# 
loop_
_struct_sheet_range.sheet_id 
_struct_sheet_range.id 
_struct_sheet_range.beg_label_comp_id 
_struct_sheet_range.beg_label_asym_id 
_struct_sheet_range.beg_label_seq_id 
_struct_sheet_range.pdbx_beg_PDB_ins_code 
_struct_sheet_range.end_label_comp_id 
_struct_sheet_range.end_label_asym_id 
_struct_sheet_range.end_label_seq_id 
_struct_sheet_range.pdbx_end_PDB_ins_code 
_struct_sheet_range.beg_auth_comp_id 
_struct_sheet_range.beg_auth_asym_id 
_struct_sheet_range.beg_auth_seq_id 
_struct_sheet_range.end_auth_comp_id 
_struct_sheet_range.end_auth_asym_id 
_struct_sheet_range.end_auth_seq_id 
A 1 TYR A 66 ? VAL A 69 ? TYR A 75 VAL A 78 
A 2 ALA A 72 ? CYS A 75 ? ALA A 81 CYS A 84 
# 
_pdbx_struct_sheet_hbond.sheet_id                A 
_pdbx_struct_sheet_hbond.range_id_1              1 
_pdbx_struct_sheet_hbond.range_id_2              2 
_pdbx_struct_sheet_hbond.range_1_label_atom_id   N 
_pdbx_struct_sheet_hbond.range_1_label_comp_id   LYS 
_pdbx_struct_sheet_hbond.range_1_label_asym_id   A 
_pdbx_struct_sheet_hbond.range_1_label_seq_id    67 
_pdbx_struct_sheet_hbond.range_1_PDB_ins_code    ? 
_pdbx_struct_sheet_hbond.range_1_auth_atom_id    N 
_pdbx_struct_sheet_hbond.range_1_auth_comp_id    LYS 
_pdbx_struct_sheet_hbond.range_1_auth_asym_id    A 
_pdbx_struct_sheet_hbond.range_1_auth_seq_id     76 
_pdbx_struct_sheet_hbond.range_2_label_atom_id   O 
_pdbx_struct_sheet_hbond.range_2_label_comp_id   VAL 
_pdbx_struct_sheet_hbond.range_2_label_asym_id   A 
_pdbx_struct_sheet_hbond.range_2_label_seq_id    74 
_pdbx_struct_sheet_hbond.range_2_PDB_ins_code    ? 
_pdbx_struct_sheet_hbond.range_2_auth_atom_id    O 
_pdbx_struct_sheet_hbond.range_2_auth_comp_id    VAL 
_pdbx_struct_sheet_hbond.range_2_auth_asym_id    A 
_pdbx_struct_sheet_hbond.range_2_auth_seq_id     83 
# 
_struct_site.id                   AC1 
_struct_site.pdbx_evidence_code   Software 
_struct_site.pdbx_auth_asym_id    A 
_struct_site.pdbx_auth_comp_id    IBP 
_struct_site.pdbx_auth_seq_id     3960 
_struct_site.pdbx_auth_ins_code   ? 
_struct_site.pdbx_num_residues    8 
_struct_site.details              'BINDING SITE FOR RESIDUE IBP A 3960' 
# 
loop_
_struct_site_gen.id 
_struct_site_gen.site_id 
_struct_site_gen.pdbx_num_res 
_struct_site_gen.label_comp_id 
_struct_site_gen.label_asym_id 
_struct_site_gen.label_seq_id 
_struct_site_gen.pdbx_auth_ins_code 
_struct_site_gen.auth_comp_id 
_struct_site_gen.auth_asym_id 
_struct_site_gen.auth_seq_id 
_struct_site_gen.label_atom_id 
_struct_site_gen.label_alt_id 
_struct_site_gen.symmetry 
_struct_site_gen.details 
1 AC1 8 LEU A 2   ? LEU A 2    . ? 1_555 ? 
2 AC1 8 ILE A 18  ? ILE A 19   . ? 1_555 ? 
3 AC1 8 GLY A 29  ? GLY A 30   . ? 1_555 ? 
4 AC1 8 TRP A 30  ? TRP A 31   . ? 1_555 ? 
5 AC1 8 LYS A 60  ? LYS A 69   . ? 1_555 ? 
6 AC1 8 ASN A 101 ? ASN A 111  . ? 2_454 ? 
7 AC1 8 HOH C .   ? HOH A 4012 . ? 2_454 ? 
8 AC1 8 HOH C .   ? HOH A 4023 . ? 1_555 ? 
# 
_pdbx_entry_details.entry_id                   2PWS 
_pdbx_entry_details.compound_details           ? 
_pdbx_entry_details.source_details             ? 
_pdbx_entry_details.nonpolymer_details         ? 
_pdbx_entry_details.sequence_details           ? 
_pdbx_entry_details.has_ligand_of_interest     ? 
_pdbx_entry_details.has_protein_modification   Y 
# 
loop_
_pdbx_validate_torsion.id 
_pdbx_validate_torsion.PDB_model_num 
_pdbx_validate_torsion.auth_comp_id 
_pdbx_validate_torsion.auth_asym_id 
_pdbx_validate_torsion.auth_seq_id 
_pdbx_validate_torsion.PDB_ins_code 
_pdbx_validate_torsion.label_alt_id 
_pdbx_validate_torsion.phi 
_pdbx_validate_torsion.psi 
1 1 SER A 24 ? ? -141.83 30.31   
2 1 TRP A 31 ? ? -98.80  49.71   
3 1 ASP A 39 ? ? -162.72 -169.38 
4 1 ASN A 79 ? ? 62.92   -134.15 
# 
loop_
_chem_comp_atom.comp_id 
_chem_comp_atom.atom_id 
_chem_comp_atom.type_symbol 
_chem_comp_atom.pdbx_aromatic_flag 
_chem_comp_atom.pdbx_stereo_config 
_chem_comp_atom.pdbx_ordinal 
ALA N    N N N 1   
ALA CA   C N S 2   
ALA C    C N N 3   
ALA O    O N N 4   
ALA CB   C N N 5   
ALA OXT  O N N 6   
ALA H    H N N 7   
ALA H2   H N N 8   
ALA HA   H N N 9   
ALA HB1  H N N 10  
ALA HB2  H N N 11  
ALA HB3  H N N 12  
ALA HXT  H N N 13  
ARG N    N N N 14  
ARG CA   C N S 15  
ARG C    C N N 16  
ARG O    O N N 17  
ARG CB   C N N 18  
ARG CG   C N N 19  
ARG CD   C N N 20  
ARG NE   N N N 21  
ARG CZ   C N N 22  
ARG NH1  N N N 23  
ARG NH2  N N N 24  
ARG OXT  O N N 25  
ARG H    H N N 26  
ARG H2   H N N 27  
ARG HA   H N N 28  
ARG HB2  H N N 29  
ARG HB3  H N N 30  
ARG HG2  H N N 31  
ARG HG3  H N N 32  
ARG HD2  H N N 33  
ARG HD3  H N N 34  
ARG HE   H N N 35  
ARG HH11 H N N 36  
ARG HH12 H N N 37  
ARG HH21 H N N 38  
ARG HH22 H N N 39  
ARG HXT  H N N 40  
ASN N    N N N 41  
ASN CA   C N S 42  
ASN C    C N N 43  
ASN O    O N N 44  
ASN CB   C N N 45  
ASN CG   C N N 46  
ASN OD1  O N N 47  
ASN ND2  N N N 48  
ASN OXT  O N N 49  
ASN H    H N N 50  
ASN H2   H N N 51  
ASN HA   H N N 52  
ASN HB2  H N N 53  
ASN HB3  H N N 54  
ASN HD21 H N N 55  
ASN HD22 H N N 56  
ASN HXT  H N N 57  
ASP N    N N N 58  
ASP CA   C N S 59  
ASP C    C N N 60  
ASP O    O N N 61  
ASP CB   C N N 62  
ASP CG   C N N 63  
ASP OD1  O N N 64  
ASP OD2  O N N 65  
ASP OXT  O N N 66  
ASP H    H N N 67  
ASP H2   H N N 68  
ASP HA   H N N 69  
ASP HB2  H N N 70  
ASP HB3  H N N 71  
ASP HD2  H N N 72  
ASP HXT  H N N 73  
CYS N    N N N 74  
CYS CA   C N R 75  
CYS C    C N N 76  
CYS O    O N N 77  
CYS CB   C N N 78  
CYS SG   S N N 79  
CYS OXT  O N N 80  
CYS H    H N N 81  
CYS H2   H N N 82  
CYS HA   H N N 83  
CYS HB2  H N N 84  
CYS HB3  H N N 85  
CYS HG   H N N 86  
CYS HXT  H N N 87  
GLN N    N N N 88  
GLN CA   C N S 89  
GLN C    C N N 90  
GLN O    O N N 91  
GLN CB   C N N 92  
GLN CG   C N N 93  
GLN CD   C N N 94  
GLN OE1  O N N 95  
GLN NE2  N N N 96  
GLN OXT  O N N 97  
GLN H    H N N 98  
GLN H2   H N N 99  
GLN HA   H N N 100 
GLN HB2  H N N 101 
GLN HB3  H N N 102 
GLN HG2  H N N 103 
GLN HG3  H N N 104 
GLN HE21 H N N 105 
GLN HE22 H N N 106 
GLN HXT  H N N 107 
GLU N    N N N 108 
GLU CA   C N S 109 
GLU C    C N N 110 
GLU O    O N N 111 
GLU CB   C N N 112 
GLU CG   C N N 113 
GLU CD   C N N 114 
GLU OE1  O N N 115 
GLU OE2  O N N 116 
GLU OXT  O N N 117 
GLU H    H N N 118 
GLU H2   H N N 119 
GLU HA   H N N 120 
GLU HB2  H N N 121 
GLU HB3  H N N 122 
GLU HG2  H N N 123 
GLU HG3  H N N 124 
GLU HE2  H N N 125 
GLU HXT  H N N 126 
GLY N    N N N 127 
GLY CA   C N N 128 
GLY C    C N N 129 
GLY O    O N N 130 
GLY OXT  O N N 131 
GLY H    H N N 132 
GLY H2   H N N 133 
GLY HA2  H N N 134 
GLY HA3  H N N 135 
GLY HXT  H N N 136 
HIS N    N N N 137 
HIS CA   C N S 138 
HIS C    C N N 139 
HIS O    O N N 140 
HIS CB   C N N 141 
HIS CG   C Y N 142 
HIS ND1  N Y N 143 
HIS CD2  C Y N 144 
HIS CE1  C Y N 145 
HIS NE2  N Y N 146 
HIS OXT  O N N 147 
HIS H    H N N 148 
HIS H2   H N N 149 
HIS HA   H N N 150 
HIS HB2  H N N 151 
HIS HB3  H N N 152 
HIS HD1  H N N 153 
HIS HD2  H N N 154 
HIS HE1  H N N 155 
HIS HE2  H N N 156 
HIS HXT  H N N 157 
HOH O    O N N 158 
HOH H1   H N N 159 
HOH H2   H N N 160 
IBP C1   C N N 161 
IBP C2   C N N 162 
IBP C3   C N N 163 
IBP C4   C N N 164 
IBP C5   C N N 165 
IBP C6   C N S 166 
IBP C7   C N N 167 
IBP C8   C Y N 168 
IBP C9   C Y N 169 
IBP C10  C Y N 170 
IBP C11  C Y N 171 
IBP C12  C Y N 172 
IBP C13  C Y N 173 
IBP O1   O N N 174 
IBP O2   O N N 175 
IBP H21  H N N 176 
IBP H22  H N N 177 
IBP H31  H N N 178 
IBP H41  H N N 179 
IBP H42  H N N 180 
IBP H43  H N N 181 
IBP H51  H N N 182 
IBP H52  H N N 183 
IBP H53  H N N 184 
IBP H61  H N N 185 
IBP H71  H N N 186 
IBP H72  H N N 187 
IBP H73  H N N 188 
IBP H91  H N N 189 
IBP H101 H N N 190 
IBP H121 H N N 191 
IBP H131 H N N 192 
IBP HO1  H N N 193 
ILE N    N N N 194 
ILE CA   C N S 195 
ILE C    C N N 196 
ILE O    O N N 197 
ILE CB   C N S 198 
ILE CG1  C N N 199 
ILE CG2  C N N 200 
ILE CD1  C N N 201 
ILE OXT  O N N 202 
ILE H    H N N 203 
ILE H2   H N N 204 
ILE HA   H N N 205 
ILE HB   H N N 206 
ILE HG12 H N N 207 
ILE HG13 H N N 208 
ILE HG21 H N N 209 
ILE HG22 H N N 210 
ILE HG23 H N N 211 
ILE HD11 H N N 212 
ILE HD12 H N N 213 
ILE HD13 H N N 214 
ILE HXT  H N N 215 
LEU N    N N N 216 
LEU CA   C N S 217 
LEU C    C N N 218 
LEU O    O N N 219 
LEU CB   C N N 220 
LEU CG   C N N 221 
LEU CD1  C N N 222 
LEU CD2  C N N 223 
LEU OXT  O N N 224 
LEU H    H N N 225 
LEU H2   H N N 226 
LEU HA   H N N 227 
LEU HB2  H N N 228 
LEU HB3  H N N 229 
LEU HG   H N N 230 
LEU HD11 H N N 231 
LEU HD12 H N N 232 
LEU HD13 H N N 233 
LEU HD21 H N N 234 
LEU HD22 H N N 235 
LEU HD23 H N N 236 
LEU HXT  H N N 237 
LYS N    N N N 238 
LYS CA   C N S 239 
LYS C    C N N 240 
LYS O    O N N 241 
LYS CB   C N N 242 
LYS CG   C N N 243 
LYS CD   C N N 244 
LYS CE   C N N 245 
LYS NZ   N N N 246 
LYS OXT  O N N 247 
LYS H    H N N 248 
LYS H2   H N N 249 
LYS HA   H N N 250 
LYS HB2  H N N 251 
LYS HB3  H N N 252 
LYS HG2  H N N 253 
LYS HG3  H N N 254 
LYS HD2  H N N 255 
LYS HD3  H N N 256 
LYS HE2  H N N 257 
LYS HE3  H N N 258 
LYS HZ1  H N N 259 
LYS HZ2  H N N 260 
LYS HZ3  H N N 261 
LYS HXT  H N N 262 
MET N    N N N 263 
MET CA   C N S 264 
MET C    C N N 265 
MET O    O N N 266 
MET CB   C N N 267 
MET CG   C N N 268 
MET SD   S N N 269 
MET CE   C N N 270 
MET OXT  O N N 271 
MET H    H N N 272 
MET H2   H N N 273 
MET HA   H N N 274 
MET HB2  H N N 275 
MET HB3  H N N 276 
MET HG2  H N N 277 
MET HG3  H N N 278 
MET HE1  H N N 279 
MET HE2  H N N 280 
MET HE3  H N N 281 
MET HXT  H N N 282 
PHE N    N N N 283 
PHE CA   C N S 284 
PHE C    C N N 285 
PHE O    O N N 286 
PHE CB   C N N 287 
PHE CG   C Y N 288 
PHE CD1  C Y N 289 
PHE CD2  C Y N 290 
PHE CE1  C Y N 291 
PHE CE2  C Y N 292 
PHE CZ   C Y N 293 
PHE OXT  O N N 294 
PHE H    H N N 295 
PHE H2   H N N 296 
PHE HA   H N N 297 
PHE HB2  H N N 298 
PHE HB3  H N N 299 
PHE HD1  H N N 300 
PHE HD2  H N N 301 
PHE HE1  H N N 302 
PHE HE2  H N N 303 
PHE HZ   H N N 304 
PHE HXT  H N N 305 
PRO N    N N N 306 
PRO CA   C N S 307 
PRO C    C N N 308 
PRO O    O N N 309 
PRO CB   C N N 310 
PRO CG   C N N 311 
PRO CD   C N N 312 
PRO OXT  O N N 313 
PRO H    H N N 314 
PRO HA   H N N 315 
PRO HB2  H N N 316 
PRO HB3  H N N 317 
PRO HG2  H N N 318 
PRO HG3  H N N 319 
PRO HD2  H N N 320 
PRO HD3  H N N 321 
PRO HXT  H N N 322 
SER N    N N N 323 
SER CA   C N S 324 
SER C    C N N 325 
SER O    O N N 326 
SER CB   C N N 327 
SER OG   O N N 328 
SER OXT  O N N 329 
SER H    H N N 330 
SER H2   H N N 331 
SER HA   H N N 332 
SER HB2  H N N 333 
SER HB3  H N N 334 
SER HG   H N N 335 
SER HXT  H N N 336 
THR N    N N N 337 
THR CA   C N S 338 
THR C    C N N 339 
THR O    O N N 340 
THR CB   C N R 341 
THR OG1  O N N 342 
THR CG2  C N N 343 
THR OXT  O N N 344 
THR H    H N N 345 
THR H2   H N N 346 
THR HA   H N N 347 
THR HB   H N N 348 
THR HG1  H N N 349 
THR HG21 H N N 350 
THR HG22 H N N 351 
THR HG23 H N N 352 
THR HXT  H N N 353 
TRP N    N N N 354 
TRP CA   C N S 355 
TRP C    C N N 356 
TRP O    O N N 357 
TRP CB   C N N 358 
TRP CG   C Y N 359 
TRP CD1  C Y N 360 
TRP CD2  C Y N 361 
TRP NE1  N Y N 362 
TRP CE2  C Y N 363 
TRP CE3  C Y N 364 
TRP CZ2  C Y N 365 
TRP CZ3  C Y N 366 
TRP CH2  C Y N 367 
TRP OXT  O N N 368 
TRP H    H N N 369 
TRP H2   H N N 370 
TRP HA   H N N 371 
TRP HB2  H N N 372 
TRP HB3  H N N 373 
TRP HD1  H N N 374 
TRP HE1  H N N 375 
TRP HE3  H N N 376 
TRP HZ2  H N N 377 
TRP HZ3  H N N 378 
TRP HH2  H N N 379 
TRP HXT  H N N 380 
TYR N    N N N 381 
TYR CA   C N S 382 
TYR C    C N N 383 
TYR O    O N N 384 
TYR CB   C N N 385 
TYR CG   C Y N 386 
TYR CD1  C Y N 387 
TYR CD2  C Y N 388 
TYR CE1  C Y N 389 
TYR CE2  C Y N 390 
TYR CZ   C Y N 391 
TYR OH   O N N 392 
TYR OXT  O N N 393 
TYR H    H N N 394 
TYR H2   H N N 395 
TYR HA   H N N 396 
TYR HB2  H N N 397 
TYR HB3  H N N 398 
TYR HD1  H N N 399 
TYR HD2  H N N 400 
TYR HE1  H N N 401 
TYR HE2  H N N 402 
TYR HH   H N N 403 
TYR HXT  H N N 404 
VAL N    N N N 405 
VAL CA   C N S 406 
VAL C    C N N 407 
VAL O    O N N 408 
VAL CB   C N N 409 
VAL CG1  C N N 410 
VAL CG2  C N N 411 
VAL OXT  O N N 412 
VAL H    H N N 413 
VAL H2   H N N 414 
VAL HA   H N N 415 
VAL HB   H N N 416 
VAL HG11 H N N 417 
VAL HG12 H N N 418 
VAL HG13 H N N 419 
VAL HG21 H N N 420 
VAL HG22 H N N 421 
VAL HG23 H N N 422 
VAL HXT  H N N 423 
# 
loop_
_chem_comp_bond.comp_id 
_chem_comp_bond.atom_id_1 
_chem_comp_bond.atom_id_2 
_chem_comp_bond.value_order 
_chem_comp_bond.pdbx_aromatic_flag 
_chem_comp_bond.pdbx_stereo_config 
_chem_comp_bond.pdbx_ordinal 
ALA N   CA   sing N N 1   
ALA N   H    sing N N 2   
ALA N   H2   sing N N 3   
ALA CA  C    sing N N 4   
ALA CA  CB   sing N N 5   
ALA CA  HA   sing N N 6   
ALA C   O    doub N N 7   
ALA C   OXT  sing N N 8   
ALA CB  HB1  sing N N 9   
ALA CB  HB2  sing N N 10  
ALA CB  HB3  sing N N 11  
ALA OXT HXT  sing N N 12  
ARG N   CA   sing N N 13  
ARG N   H    sing N N 14  
ARG N   H2   sing N N 15  
ARG CA  C    sing N N 16  
ARG CA  CB   sing N N 17  
ARG CA  HA   sing N N 18  
ARG C   O    doub N N 19  
ARG C   OXT  sing N N 20  
ARG CB  CG   sing N N 21  
ARG CB  HB2  sing N N 22  
ARG CB  HB3  sing N N 23  
ARG CG  CD   sing N N 24  
ARG CG  HG2  sing N N 25  
ARG CG  HG3  sing N N 26  
ARG CD  NE   sing N N 27  
ARG CD  HD2  sing N N 28  
ARG CD  HD3  sing N N 29  
ARG NE  CZ   sing N N 30  
ARG NE  HE   sing N N 31  
ARG CZ  NH1  sing N N 32  
ARG CZ  NH2  doub N N 33  
ARG NH1 HH11 sing N N 34  
ARG NH1 HH12 sing N N 35  
ARG NH2 HH21 sing N N 36  
ARG NH2 HH22 sing N N 37  
ARG OXT HXT  sing N N 38  
ASN N   CA   sing N N 39  
ASN N   H    sing N N 40  
ASN N   H2   sing N N 41  
ASN CA  C    sing N N 42  
ASN CA  CB   sing N N 43  
ASN CA  HA   sing N N 44  
ASN C   O    doub N N 45  
ASN C   OXT  sing N N 46  
ASN CB  CG   sing N N 47  
ASN CB  HB2  sing N N 48  
ASN CB  HB3  sing N N 49  
ASN CG  OD1  doub N N 50  
ASN CG  ND2  sing N N 51  
ASN ND2 HD21 sing N N 52  
ASN ND2 HD22 sing N N 53  
ASN OXT HXT  sing N N 54  
ASP N   CA   sing N N 55  
ASP N   H    sing N N 56  
ASP N   H2   sing N N 57  
ASP CA  C    sing N N 58  
ASP CA  CB   sing N N 59  
ASP CA  HA   sing N N 60  
ASP C   O    doub N N 61  
ASP C   OXT  sing N N 62  
ASP CB  CG   sing N N 63  
ASP CB  HB2  sing N N 64  
ASP CB  HB3  sing N N 65  
ASP CG  OD1  doub N N 66  
ASP CG  OD2  sing N N 67  
ASP OD2 HD2  sing N N 68  
ASP OXT HXT  sing N N 69  
CYS N   CA   sing N N 70  
CYS N   H    sing N N 71  
CYS N   H2   sing N N 72  
CYS CA  C    sing N N 73  
CYS CA  CB   sing N N 74  
CYS CA  HA   sing N N 75  
CYS C   O    doub N N 76  
CYS C   OXT  sing N N 77  
CYS CB  SG   sing N N 78  
CYS CB  HB2  sing N N 79  
CYS CB  HB3  sing N N 80  
CYS SG  HG   sing N N 81  
CYS OXT HXT  sing N N 82  
GLN N   CA   sing N N 83  
GLN N   H    sing N N 84  
GLN N   H2   sing N N 85  
GLN CA  C    sing N N 86  
GLN CA  CB   sing N N 87  
GLN CA  HA   sing N N 88  
GLN C   O    doub N N 89  
GLN C   OXT  sing N N 90  
GLN CB  CG   sing N N 91  
GLN CB  HB2  sing N N 92  
GLN CB  HB3  sing N N 93  
GLN CG  CD   sing N N 94  
GLN CG  HG2  sing N N 95  
GLN CG  HG3  sing N N 96  
GLN CD  OE1  doub N N 97  
GLN CD  NE2  sing N N 98  
GLN NE2 HE21 sing N N 99  
GLN NE2 HE22 sing N N 100 
GLN OXT HXT  sing N N 101 
GLU N   CA   sing N N 102 
GLU N   H    sing N N 103 
GLU N   H2   sing N N 104 
GLU CA  C    sing N N 105 
GLU CA  CB   sing N N 106 
GLU CA  HA   sing N N 107 
GLU C   O    doub N N 108 
GLU C   OXT  sing N N 109 
GLU CB  CG   sing N N 110 
GLU CB  HB2  sing N N 111 
GLU CB  HB3  sing N N 112 
GLU CG  CD   sing N N 113 
GLU CG  HG2  sing N N 114 
GLU CG  HG3  sing N N 115 
GLU CD  OE1  doub N N 116 
GLU CD  OE2  sing N N 117 
GLU OE2 HE2  sing N N 118 
GLU OXT HXT  sing N N 119 
GLY N   CA   sing N N 120 
GLY N   H    sing N N 121 
GLY N   H2   sing N N 122 
GLY CA  C    sing N N 123 
GLY CA  HA2  sing N N 124 
GLY CA  HA3  sing N N 125 
GLY C   O    doub N N 126 
GLY C   OXT  sing N N 127 
GLY OXT HXT  sing N N 128 
HIS N   CA   sing N N 129 
HIS N   H    sing N N 130 
HIS N   H2   sing N N 131 
HIS CA  C    sing N N 132 
HIS CA  CB   sing N N 133 
HIS CA  HA   sing N N 134 
HIS C   O    doub N N 135 
HIS C   OXT  sing N N 136 
HIS CB  CG   sing N N 137 
HIS CB  HB2  sing N N 138 
HIS CB  HB3  sing N N 139 
HIS CG  ND1  sing Y N 140 
HIS CG  CD2  doub Y N 141 
HIS ND1 CE1  doub Y N 142 
HIS ND1 HD1  sing N N 143 
HIS CD2 NE2  sing Y N 144 
HIS CD2 HD2  sing N N 145 
HIS CE1 NE2  sing Y N 146 
HIS CE1 HE1  sing N N 147 
HIS NE2 HE2  sing N N 148 
HIS OXT HXT  sing N N 149 
HOH O   H1   sing N N 150 
HOH O   H2   sing N N 151 
IBP C1  C6   sing N N 152 
IBP C1  O1   sing N N 153 
IBP C1  O2   doub N N 154 
IBP C2  C3   sing N N 155 
IBP C2  C11  sing N N 156 
IBP C2  H21  sing N N 157 
IBP C2  H22  sing N N 158 
IBP C3  C4   sing N N 159 
IBP C3  C5   sing N N 160 
IBP C3  H31  sing N N 161 
IBP C4  H41  sing N N 162 
IBP C4  H42  sing N N 163 
IBP C4  H43  sing N N 164 
IBP C5  H51  sing N N 165 
IBP C5  H52  sing N N 166 
IBP C5  H53  sing N N 167 
IBP C6  C7   sing N N 168 
IBP C6  C8   sing N N 169 
IBP C6  H61  sing N N 170 
IBP C7  H71  sing N N 171 
IBP C7  H72  sing N N 172 
IBP C7  H73  sing N N 173 
IBP C8  C9   doub Y N 174 
IBP C8  C13  sing Y N 175 
IBP C9  C10  sing Y N 176 
IBP C9  H91  sing N N 177 
IBP C10 C11  doub Y N 178 
IBP C10 H101 sing N N 179 
IBP C11 C12  sing Y N 180 
IBP C12 C13  doub Y N 181 
IBP C12 H121 sing N N 182 
IBP C13 H131 sing N N 183 
IBP O1  HO1  sing N N 184 
ILE N   CA   sing N N 185 
ILE N   H    sing N N 186 
ILE N   H2   sing N N 187 
ILE CA  C    sing N N 188 
ILE CA  CB   sing N N 189 
ILE CA  HA   sing N N 190 
ILE C   O    doub N N 191 
ILE C   OXT  sing N N 192 
ILE CB  CG1  sing N N 193 
ILE CB  CG2  sing N N 194 
ILE CB  HB   sing N N 195 
ILE CG1 CD1  sing N N 196 
ILE CG1 HG12 sing N N 197 
ILE CG1 HG13 sing N N 198 
ILE CG2 HG21 sing N N 199 
ILE CG2 HG22 sing N N 200 
ILE CG2 HG23 sing N N 201 
ILE CD1 HD11 sing N N 202 
ILE CD1 HD12 sing N N 203 
ILE CD1 HD13 sing N N 204 
ILE OXT HXT  sing N N 205 
LEU N   CA   sing N N 206 
LEU N   H    sing N N 207 
LEU N   H2   sing N N 208 
LEU CA  C    sing N N 209 
LEU CA  CB   sing N N 210 
LEU CA  HA   sing N N 211 
LEU C   O    doub N N 212 
LEU C   OXT  sing N N 213 
LEU CB  CG   sing N N 214 
LEU CB  HB2  sing N N 215 
LEU CB  HB3  sing N N 216 
LEU CG  CD1  sing N N 217 
LEU CG  CD2  sing N N 218 
LEU CG  HG   sing N N 219 
LEU CD1 HD11 sing N N 220 
LEU CD1 HD12 sing N N 221 
LEU CD1 HD13 sing N N 222 
LEU CD2 HD21 sing N N 223 
LEU CD2 HD22 sing N N 224 
LEU CD2 HD23 sing N N 225 
LEU OXT HXT  sing N N 226 
LYS N   CA   sing N N 227 
LYS N   H    sing N N 228 
LYS N   H2   sing N N 229 
LYS CA  C    sing N N 230 
LYS CA  CB   sing N N 231 
LYS CA  HA   sing N N 232 
LYS C   O    doub N N 233 
LYS C   OXT  sing N N 234 
LYS CB  CG   sing N N 235 
LYS CB  HB2  sing N N 236 
LYS CB  HB3  sing N N 237 
LYS CG  CD   sing N N 238 
LYS CG  HG2  sing N N 239 
LYS CG  HG3  sing N N 240 
LYS CD  CE   sing N N 241 
LYS CD  HD2  sing N N 242 
LYS CD  HD3  sing N N 243 
LYS CE  NZ   sing N N 244 
LYS CE  HE2  sing N N 245 
LYS CE  HE3  sing N N 246 
LYS NZ  HZ1  sing N N 247 
LYS NZ  HZ2  sing N N 248 
LYS NZ  HZ3  sing N N 249 
LYS OXT HXT  sing N N 250 
MET N   CA   sing N N 251 
MET N   H    sing N N 252 
MET N   H2   sing N N 253 
MET CA  C    sing N N 254 
MET CA  CB   sing N N 255 
MET CA  HA   sing N N 256 
MET C   O    doub N N 257 
MET C   OXT  sing N N 258 
MET CB  CG   sing N N 259 
MET CB  HB2  sing N N 260 
MET CB  HB3  sing N N 261 
MET CG  SD   sing N N 262 
MET CG  HG2  sing N N 263 
MET CG  HG3  sing N N 264 
MET SD  CE   sing N N 265 
MET CE  HE1  sing N N 266 
MET CE  HE2  sing N N 267 
MET CE  HE3  sing N N 268 
MET OXT HXT  sing N N 269 
PHE N   CA   sing N N 270 
PHE N   H    sing N N 271 
PHE N   H2   sing N N 272 
PHE CA  C    sing N N 273 
PHE CA  CB   sing N N 274 
PHE CA  HA   sing N N 275 
PHE C   O    doub N N 276 
PHE C   OXT  sing N N 277 
PHE CB  CG   sing N N 278 
PHE CB  HB2  sing N N 279 
PHE CB  HB3  sing N N 280 
PHE CG  CD1  doub Y N 281 
PHE CG  CD2  sing Y N 282 
PHE CD1 CE1  sing Y N 283 
PHE CD1 HD1  sing N N 284 
PHE CD2 CE2  doub Y N 285 
PHE CD2 HD2  sing N N 286 
PHE CE1 CZ   doub Y N 287 
PHE CE1 HE1  sing N N 288 
PHE CE2 CZ   sing Y N 289 
PHE CE2 HE2  sing N N 290 
PHE CZ  HZ   sing N N 291 
PHE OXT HXT  sing N N 292 
PRO N   CA   sing N N 293 
PRO N   CD   sing N N 294 
PRO N   H    sing N N 295 
PRO CA  C    sing N N 296 
PRO CA  CB   sing N N 297 
PRO CA  HA   sing N N 298 
PRO C   O    doub N N 299 
PRO C   OXT  sing N N 300 
PRO CB  CG   sing N N 301 
PRO CB  HB2  sing N N 302 
PRO CB  HB3  sing N N 303 
PRO CG  CD   sing N N 304 
PRO CG  HG2  sing N N 305 
PRO CG  HG3  sing N N 306 
PRO CD  HD2  sing N N 307 
PRO CD  HD3  sing N N 308 
PRO OXT HXT  sing N N 309 
SER N   CA   sing N N 310 
SER N   H    sing N N 311 
SER N   H2   sing N N 312 
SER CA  C    sing N N 313 
SER CA  CB   sing N N 314 
SER CA  HA   sing N N 315 
SER C   O    doub N N 316 
SER C   OXT  sing N N 317 
SER CB  OG   sing N N 318 
SER CB  HB2  sing N N 319 
SER CB  HB3  sing N N 320 
SER OG  HG   sing N N 321 
SER OXT HXT  sing N N 322 
THR N   CA   sing N N 323 
THR N   H    sing N N 324 
THR N   H2   sing N N 325 
THR CA  C    sing N N 326 
THR CA  CB   sing N N 327 
THR CA  HA   sing N N 328 
THR C   O    doub N N 329 
THR C   OXT  sing N N 330 
THR CB  OG1  sing N N 331 
THR CB  CG2  sing N N 332 
THR CB  HB   sing N N 333 
THR OG1 HG1  sing N N 334 
THR CG2 HG21 sing N N 335 
THR CG2 HG22 sing N N 336 
THR CG2 HG23 sing N N 337 
THR OXT HXT  sing N N 338 
TRP N   CA   sing N N 339 
TRP N   H    sing N N 340 
TRP N   H2   sing N N 341 
TRP CA  C    sing N N 342 
TRP CA  CB   sing N N 343 
TRP CA  HA   sing N N 344 
TRP C   O    doub N N 345 
TRP C   OXT  sing N N 346 
TRP CB  CG   sing N N 347 
TRP CB  HB2  sing N N 348 
TRP CB  HB3  sing N N 349 
TRP CG  CD1  doub Y N 350 
TRP CG  CD2  sing Y N 351 
TRP CD1 NE1  sing Y N 352 
TRP CD1 HD1  sing N N 353 
TRP CD2 CE2  doub Y N 354 
TRP CD2 CE3  sing Y N 355 
TRP NE1 CE2  sing Y N 356 
TRP NE1 HE1  sing N N 357 
TRP CE2 CZ2  sing Y N 358 
TRP CE3 CZ3  doub Y N 359 
TRP CE3 HE3  sing N N 360 
TRP CZ2 CH2  doub Y N 361 
TRP CZ2 HZ2  sing N N 362 
TRP CZ3 CH2  sing Y N 363 
TRP CZ3 HZ3  sing N N 364 
TRP CH2 HH2  sing N N 365 
TRP OXT HXT  sing N N 366 
TYR N   CA   sing N N 367 
TYR N   H    sing N N 368 
TYR N   H2   sing N N 369 
TYR CA  C    sing N N 370 
TYR CA  CB   sing N N 371 
TYR CA  HA   sing N N 372 
TYR C   O    doub N N 373 
TYR C   OXT  sing N N 374 
TYR CB  CG   sing N N 375 
TYR CB  HB2  sing N N 376 
TYR CB  HB3  sing N N 377 
TYR CG  CD1  doub Y N 378 
TYR CG  CD2  sing Y N 379 
TYR CD1 CE1  sing Y N 380 
TYR CD1 HD1  sing N N 381 
TYR CD2 CE2  doub Y N 382 
TYR CD2 HD2  sing N N 383 
TYR CE1 CZ   doub Y N 384 
TYR CE1 HE1  sing N N 385 
TYR CE2 CZ   sing Y N 386 
TYR CE2 HE2  sing N N 387 
TYR CZ  OH   sing N N 388 
TYR OH  HH   sing N N 389 
TYR OXT HXT  sing N N 390 
VAL N   CA   sing N N 391 
VAL N   H    sing N N 392 
VAL N   H2   sing N N 393 
VAL CA  C    sing N N 394 
VAL CA  CB   sing N N 395 
VAL CA  HA   sing N N 396 
VAL C   O    doub N N 397 
VAL C   OXT  sing N N 398 
VAL CB  CG1  sing N N 399 
VAL CB  CG2  sing N N 400 
VAL CB  HB   sing N N 401 
VAL CG1 HG11 sing N N 402 
VAL CG1 HG12 sing N N 403 
VAL CG1 HG13 sing N N 404 
VAL CG2 HG21 sing N N 405 
VAL CG2 HG22 sing N N 406 
VAL CG2 HG23 sing N N 407 
VAL OXT HXT  sing N N 408 
# 
_pdbx_initial_refinement_model.id               1 
_pdbx_initial_refinement_model.entity_id_list   ? 
_pdbx_initial_refinement_model.type             'experimental model' 
_pdbx_initial_refinement_model.source_name      PDB 
_pdbx_initial_refinement_model.accession_code   1SV3 
_pdbx_initial_refinement_model.details          ? 
# 
_atom_sites.entry_id                    2PWS 
_atom_sites.fract_transf_matrix[1][1]   -0.01636882 
_atom_sites.fract_transf_matrix[1][2]   0.00250482 
_atom_sites.fract_transf_matrix[1][3]   -0.00891788 
_atom_sites.fract_transf_matrix[2][1]   -0.00443689 
_atom_sites.fract_transf_matrix[2][2]   -0.01801511 
_atom_sites.fract_transf_matrix[2][3]   0.00308392 
_atom_sites.fract_transf_matrix[3][1]   -0.00891157 
_atom_sites.fract_transf_matrix[3][2]   0.00524721 
_atom_sites.fract_transf_matrix[3][3]   0.01783105 
_atom_sites.fract_transf_vector[1]      -0.470731 
_atom_sites.fract_transf_vector[2]      0.163608 
_atom_sites.fract_transf_vector[3]      -0.014080 
# 
loop_
_atom_type.symbol 
C 
N 
O 
S 
# 
loop_
_atom_site.group_PDB 
_atom_site.id 
_atom_site.type_symbol 
_atom_site.label_atom_id 
_atom_site.label_alt_id 
_atom_site.label_comp_id 
_atom_site.label_asym_id 
_atom_site.label_entity_id 
_atom_site.label_seq_id 
_atom_site.pdbx_PDB_ins_code 
_atom_site.Cartn_x 
_atom_site.Cartn_y 
_atom_site.Cartn_z 
_atom_site.occupancy 
_atom_site.B_iso_or_equiv 
_atom_site.pdbx_formal_charge 
_atom_site.auth_seq_id 
_atom_site.auth_comp_id 
_atom_site.auth_asym_id 
_atom_site.auth_atom_id 
_atom_site.pdbx_PDB_model_num 
ATOM   1    N N   . SER A 1 1   ? -8.040  -4.771  -6.587  1.00 24.29  ? 1    SER A N   1 
ATOM   2    C CA  . SER A 1 1   ? -7.260  -4.221  -7.687  1.00 26.05  ? 1    SER A CA  1 
ATOM   3    C C   . SER A 1 1   ? -6.797  -2.832  -7.396  1.00 27.25  ? 1    SER A C   1 
ATOM   4    O O   . SER A 1 1   ? -7.224  -2.192  -6.437  1.00 26.90  ? 1    SER A O   1 
ATOM   5    C CB  . SER A 1 1   ? -8.091  -4.217  -8.962  1.00 25.81  ? 1    SER A CB  1 
ATOM   6    O OG  . SER A 1 1   ? -8.939  -3.082  -9.019  1.00 26.39  ? 1    SER A OG  1 
ATOM   7    N N   . LEU A 1 2   ? -5.953  -2.408  -8.274  1.00 28.52  ? 2    LEU A N   1 
ATOM   8    C CA  . LEU A 1 2   ? -5.401  -1.115  -8.162  1.00 30.60  ? 2    LEU A CA  1 
ATOM   9    C C   . LEU A 1 2   ? -6.441  -0.029  -8.008  1.00 30.45  ? 2    LEU A C   1 
ATOM   10   O O   . LEU A 1 2   ? -6.302  0.885   -7.203  1.00 30.45  ? 2    LEU A O   1 
ATOM   11   C CB  . LEU A 1 2   ? -4.505  -0.864  -9.337  1.00 31.41  ? 2    LEU A CB  1 
ATOM   12   C CG  . LEU A 1 2   ? -3.143  -0.323  -8.938  1.00 34.35  ? 2    LEU A CG  1 
ATOM   13   C CD1 . LEU A 1 2   ? -2.091  -1.426  -8.933  1.00 37.92  ? 2    LEU A CD1 1 
ATOM   14   C CD2 . LEU A 1 2   ? -2.728  0.786   -9.891  1.00 38.52  ? 2    LEU A CD2 1 
ATOM   15   N N   . LEU A 1 3   ? -7.490  -0.146  -8.797  1.00 30.56  ? 3    LEU A N   1 
ATOM   16   C CA  . LEU A 1 3   ? -8.662  0.739   -8.788  1.00 30.65  ? 3    LEU A CA  1 
ATOM   17   C C   . LEU A 1 3   ? -9.168  0.995   -7.390  1.00 29.88  ? 3    LEU A C   1 
ATOM   18   O O   . LEU A 1 3   ? -9.350  2.123   -6.973  1.00 29.12  ? 3    LEU A O   1 
ATOM   19   C CB  . LEU A 1 3   ? -9.821  0.040   -9.555  1.00 31.73  ? 3    LEU A CB  1 
ATOM   20   C CG  . LEU A 1 3   ? -10.240 0.556   -10.930 1.00 36.53  ? 3    LEU A CG  1 
ATOM   21   C CD1 . LEU A 1 3   ? -9.320  0.002   -12.018 1.00 39.71  ? 3    LEU A CD1 1 
ATOM   22   C CD2 . LEU A 1 3   ? -11.686 0.202   -11.214 1.00 40.78  ? 3    LEU A CD2 1 
ATOM   23   N N   . GLU A 1 4   ? -9.431  -0.111  -6.700  1.00 28.68  ? 4    GLU A N   1 
ATOM   24   C CA  . GLU A 1 4   ? -9.943  -0.019  -5.345  1.00 27.49  ? 4    GLU A CA  1 
ATOM   25   C C   . GLU A 1 4   ? -8.867  0.559   -4.455  1.00 26.69  ? 4    GLU A C   1 
ATOM   26   O O   . GLU A 1 4   ? -9.153  1.400   -3.607  1.00 26.83  ? 4    GLU A O   1 
ATOM   27   C CB  . GLU A 1 4   ? -10.389 -1.373  -4.802  1.00 27.13  ? 4    GLU A CB  1 
ATOM   28   C CG  . GLU A 1 4   ? -11.608 -2.003  -5.444  1.00 28.66  ? 4    GLU A CG  1 
ATOM   29   C CD  . GLU A 1 4   ? -11.247 -2.612  -6.783  1.00 30.86  ? 4    GLU A CD  1 
ATOM   30   O OE1 . GLU A 1 4   ? -10.293 -3.432  -6.822  1.00 29.96  ? 4    GLU A OE1 1 
ATOM   31   O OE2 . GLU A 1 4   ? -11.900 -2.279  -7.790  1.00 32.49  ? 4    GLU A OE2 1 
ATOM   32   N N   . PHE A 1 5   ? -7.630  0.117   -4.644  1.00 25.62  ? 5    PHE A N   1 
ATOM   33   C CA  . PHE A 1 5   ? -6.562  0.532   -3.755  1.00 25.18  ? 5    PHE A CA  1 
ATOM   34   C C   . PHE A 1 5   ? -6.364  2.052   -3.828  1.00 25.48  ? 5    PHE A C   1 
ATOM   35   O O   . PHE A 1 5   ? -6.283  2.720   -2.804  1.00 25.15  ? 5    PHE A O   1 
ATOM   36   C CB  . PHE A 1 5   ? -5.255  -0.213  -4.029  1.00 24.10  ? 5    PHE A CB  1 
ATOM   37   C CG  . PHE A 1 5   ? -4.179  0.025   -2.967  1.00 24.60  ? 5    PHE A CG  1 
ATOM   38   C CD1 . PHE A 1 5   ? -4.523  0.213   -1.631  1.00 23.34  ? 5    PHE A CD1 1 
ATOM   39   C CD2 . PHE A 1 5   ? -2.848  0.067   -3.305  1.00 24.16  ? 5    PHE A CD2 1 
ATOM   40   C CE1 . PHE A 1 5   ? -3.561  0.416   -0.664  1.00 25.08  ? 5    PHE A CE1 1 
ATOM   41   C CE2 . PHE A 1 5   ? -1.881  0.281   -2.347  1.00 26.76  ? 5    PHE A CE2 1 
ATOM   42   C CZ  . PHE A 1 5   ? -2.240  0.465   -1.014  1.00 26.12  ? 5    PHE A CZ  1 
ATOM   43   N N   . GLY A 1 6   ? -6.259  2.567   -5.055  1.00 26.17  ? 6    GLY A N   1 
ATOM   44   C CA  . GLY A 1 6   ? -6.107  3.983   -5.311  1.00 26.58  ? 6    GLY A CA  1 
ATOM   45   C C   . GLY A 1 6   ? -7.227  4.795   -4.670  1.00 27.17  ? 6    GLY A C   1 
ATOM   46   O O   . GLY A 1 6   ? -6.975  5.819   -4.043  1.00 27.38  ? 6    GLY A O   1 
ATOM   47   N N   . LYS A 1 7   ? -8.463  4.344   -4.792  1.00 27.44  ? 7    LYS A N   1 
ATOM   48   C CA  . LYS A 1 7   ? -9.563  5.123   -4.257  1.00 27.88  ? 7    LYS A CA  1 
ATOM   49   C C   . LYS A 1 7   ? -9.596  5.134   -2.695  1.00 27.76  ? 7    LYS A C   1 
ATOM   50   O O   . LYS A 1 7   ? -9.885  6.165   -2.075  1.00 27.81  ? 7    LYS A O   1 
ATOM   51   C CB  . LYS A 1 7   ? -10.860 4.678   -4.926  1.00 28.51  ? 7    LYS A CB  1 
ATOM   52   C CG  . LYS A 1 7   ? -12.159 4.954   -4.170  1.00 32.15  ? 7    LYS A CG  1 
ATOM   53   C CD  . LYS A 1 7   ? -13.351 4.431   -4.985  1.00 38.03  ? 7    LYS A CD  1 
ATOM   54   C CE  . LYS A 1 7   ? -14.683 5.015   -4.518  1.00 41.93  ? 7    LYS A CE  1 
ATOM   55   N NZ  . LYS A 1 7   ? -15.249 4.282   -3.339  1.00 45.17  ? 7    LYS A NZ  1 
ATOM   56   N N   . MET A 1 8   ? -9.293  3.995   -2.073  1.00 26.64  ? 8    MET A N   1 
ATOM   57   C CA  . MET A 1 8   ? -9.114  3.883   -0.622  1.00 26.18  ? 8    MET A CA  1 
ATOM   58   C C   . MET A 1 8   ? -8.075  4.902   -0.104  1.00 25.97  ? 8    MET A C   1 
ATOM   59   O O   . MET A 1 8   ? -8.290  5.566   0.910   1.00 25.63  ? 8    MET A O   1 
ATOM   60   C CB  . MET A 1 8   ? -8.586  2.472   -0.309  1.00 26.46  ? 8    MET A CB  1 
ATOM   61   C CG  . MET A 1 8   ? -9.134  1.824   0.914   1.00 27.04  ? 8    MET A CG  1 
ATOM   62   S SD  . MET A 1 8   ? -8.519  0.116   1.136   1.00 28.44  ? 8    MET A SD  1 
ATOM   63   C CE  . MET A 1 8   ? -9.863  -0.862  0.487   1.00 27.79  ? 8    MET A CE  1 
ATOM   64   N N   . ILE A 1 9   ? -6.913  4.944   -0.760  1.00 25.15  ? 9    ILE A N   1 
ATOM   65   C CA  . ILE A 1 9   ? -5.857  5.882   -0.411  1.00 25.44  ? 9    ILE A CA  1 
ATOM   66   C C   . ILE A 1 9   ? -6.301  7.356   -0.463  1.00 25.97  ? 9    ILE A C   1 
ATOM   67   O O   . ILE A 1 9   ? -6.063  8.141   0.471   1.00 25.76  ? 9    ILE A O   1 
ATOM   68   C CB  . ILE A 1 9   ? -4.646  5.651   -1.303  1.00 25.26  ? 9    ILE A CB  1 
ATOM   69   C CG1 . ILE A 1 9   ? -4.019  4.272   -0.990  1.00 25.62  ? 9    ILE A CG1 1 
ATOM   70   C CG2 . ILE A 1 9   ? -3.627  6.720   -1.056  1.00 23.97  ? 9    ILE A CG2 1 
ATOM   71   C CD1 . ILE A 1 9   ? -2.869  3.887   -1.920  1.00 30.73  ? 9    ILE A CD1 1 
ATOM   72   N N   . LEU A 1 10  ? -6.970  7.725   -1.545  1.00 26.54  ? 10   LEU A N   1 
ATOM   73   C CA  . LEU A 1 10  ? -7.482  9.089   -1.687  1.00 27.19  ? 10   LEU A CA  1 
ATOM   74   C C   . LEU A 1 10  ? -8.495  9.380   -0.584  1.00 27.23  ? 10   LEU A C   1 
ATOM   75   O O   . LEU A 1 10  ? -8.386  10.387  0.100   1.00 26.98  ? 10   LEU A O   1 
ATOM   76   C CB  . LEU A 1 10  ? -8.125  9.280   -3.062  1.00 27.64  ? 10   LEU A CB  1 
ATOM   77   C CG  . LEU A 1 10  ? -8.883  10.585  -3.349  1.00 29.84  ? 10   LEU A CG  1 
ATOM   78   C CD1 . LEU A 1 10  ? -7.980  11.841  -3.307  1.00 28.97  ? 10   LEU A CD1 1 
ATOM   79   C CD2 . LEU A 1 10  ? -9.605  10.468  -4.688  1.00 30.91  ? 10   LEU A CD2 1 
ATOM   80   N N   . GLU A 1 11  ? -9.475  8.498   -0.399  1.00 27.00  ? 11   GLU A N   1 
ATOM   81   C CA  . GLU A 1 11  ? -10.466 8.719   0.643   1.00 27.73  ? 11   GLU A CA  1 
ATOM   82   C C   . GLU A 1 11  ? -9.821  8.922   2.000   1.00 27.71  ? 11   GLU A C   1 
ATOM   83   O O   . GLU A 1 11  ? -10.224 9.762   2.787   1.00 27.25  ? 11   GLU A O   1 
ATOM   84   C CB  . GLU A 1 11  ? -11.414 7.541   0.753   1.00 27.75  ? 11   GLU A CB  1 
ATOM   85   C CG  . GLU A 1 11  ? -12.302 7.359   -0.452  1.00 28.94  ? 11   GLU A CG  1 
ATOM   86   C CD  . GLU A 1 11  ? -13.199 6.150   -0.306  1.00 32.03  ? 11   GLU A CD  1 
ATOM   87   O OE1 . GLU A 1 11  ? -12.866 5.269   0.507   1.00 29.75  ? 11   GLU A OE1 1 
ATOM   88   O OE2 . GLU A 1 11  ? -14.230 6.087   -1.010  1.00 33.92  ? 11   GLU A OE2 1 
ATOM   89   N N   . GLU A 1 12  ? -8.799  8.131   2.254   1.00 27.72  ? 12   GLU A N   1 
ATOM   90   C CA  . GLU A 1 12  ? -8.155  8.093   3.541   1.00 27.50  ? 12   GLU A CA  1 
ATOM   91   C C   . GLU A 1 12  ? -7.237  9.289   3.772   1.00 27.31  ? 12   GLU A C   1 
ATOM   92   O O   . GLU A 1 12  ? -7.245  9.863   4.857   1.00 26.84  ? 12   GLU A O   1 
ATOM   93   C CB  . GLU A 1 12  ? -7.345  6.808   3.560   1.00 27.60  ? 12   GLU A CB  1 
ATOM   94   C CG  . GLU A 1 12  ? -7.189  6.004   4.830   1.00 29.07  ? 12   GLU A CG  1 
ATOM   95   C CD  . GLU A 1 12  ? -8.400  5.835   5.736   1.00 28.07  ? 12   GLU A CD  1 
ATOM   96   O OE1 . GLU A 1 12  ? -9.511  5.484   5.352   1.00 28.94  ? 12   GLU A OE1 1 
ATOM   97   O OE2 . GLU A 1 12  ? -8.185  6.001   6.920   1.00 31.09  ? 12   GLU A OE2 1 
ATOM   98   N N   . THR A 1 13  ? -6.462  9.666   2.752   1.00 26.32  ? 13   THR A N   1 
ATOM   99   C CA  . THR A 1 13  ? -5.419  10.652  2.927   1.00 26.59  ? 13   THR A CA  1 
ATOM   100  C C   . THR A 1 13  ? -5.652  11.976  2.244   1.00 27.91  ? 13   THR A C   1 
ATOM   101  O O   . THR A 1 13  ? -4.957  12.931  2.546   1.00 27.64  ? 13   THR A O   1 
ATOM   102  C CB  . THR A 1 13  ? -4.059  10.106  2.405   1.00 26.61  ? 13   THR A CB  1 
ATOM   103  O OG1 . THR A 1 13  ? -4.096  9.965   0.968   1.00 25.35  ? 13   THR A OG1 1 
ATOM   104  C CG2 . THR A 1 13  ? -3.782  8.701   2.940   1.00 25.10  ? 13   THR A CG2 1 
ATOM   105  N N   . GLY A 1 14  ? -6.548  11.974  1.299   1.00 28.87  ? 14   GLY A N   1 
ATOM   106  C CA  . GLY A 1 14  ? -6.736  13.149  0.503   1.00 29.99  ? 14   GLY A CA  1 
ATOM   107  C C   . GLY A 1 14  ? -5.588  13.299  -0.503  1.00 31.51  ? 14   GLY A C   1 
ATOM   108  O O   . GLY A 1 14  ? -5.442  14.348  -1.107  1.00 32.77  ? 14   GLY A O   1 
ATOM   109  N N   . LYS A 1 15  ? -4.771  12.259  -0.703  1.00 34.96  ? 16   LYS A N   1 
ATOM   110  C CA  . LYS A 1 15  ? -3.682  12.259  -1.690  1.00 34.48  ? 16   LYS A CA  1 
ATOM   111  C C   . LYS A 1 15  ? -3.994  11.241  -2.782  1.00 34.70  ? 16   LYS A C   1 
ATOM   112  O O   . LYS A 1 15  ? -4.594  10.194  -2.507  1.00 34.24  ? 16   LYS A O   1 
ATOM   113  C CB  . LYS A 1 15  ? -2.350  11.875  -1.061  1.00 34.96  ? 16   LYS A CB  1 
ATOM   114  C CG  . LYS A 1 15  ? -1.727  12.925  -0.180  1.00 34.52  ? 16   LYS A CG  1 
ATOM   115  C CD  . LYS A 1 15  ? -0.405  12.402  0.322   1.00 36.63  ? 16   LYS A CD  1 
ATOM   116  C CE  . LYS A 1 15  ? 0.149   13.251  1.441   1.00 36.62  ? 16   LYS A CE  1 
ATOM   117  N NZ  . LYS A 1 15  ? 0.820   14.472  0.921   1.00 41.26  ? 16   LYS A NZ  1 
ATOM   118  N N   . LEU A 1 16  ? -3.609  11.542  -4.006  1.00 31.91  ? 17   LEU A N   1 
ATOM   119  C CA  . LEU A 1 16  ? -3.796  10.659  -5.118  1.00 33.24  ? 17   LEU A CA  1 
ATOM   120  C C   . LEU A 1 16  ? -2.661  9.631   -5.070  1.00 31.80  ? 17   LEU A C   1 
ATOM   121  O O   . LEU A 1 16  ? -1.522  9.974   -4.784  1.00 30.51  ? 17   LEU A O   1 
ATOM   122  C CB  . LEU A 1 16  ? -3.750  11.394  -6.454  1.00 33.74  ? 17   LEU A CB  1 
ATOM   123  C CG  . LEU A 1 16  ? -4.756  12.527  -6.658  1.00 39.56  ? 17   LEU A CG  1 
ATOM   124  C CD1 . LEU A 1 16  ? -4.210  13.537  -7.659  1.00 42.40  ? 17   LEU A CD1 1 
ATOM   125  C CD2 . LEU A 1 16  ? -6.104  11.971  -7.107  1.00 42.77  ? 17   LEU A CD2 1 
ATOM   126  N N   . ALA A 1 17  ? -2.992  8.377   -5.312  1.00 31.81  ? 18   ALA A N   1 
ATOM   127  C CA  . ALA A 1 17  ? -2.022  7.302   -5.248  1.00 31.55  ? 18   ALA A CA  1 
ATOM   128  C C   . ALA A 1 17  ? -0.884  7.537   -6.195  1.00 32.30  ? 18   ALA A C   1 
ATOM   129  O O   . ALA A 1 17  ? 0.278   7.411   -5.813  1.00 32.12  ? 18   ALA A O   1 
ATOM   130  C CB  . ALA A 1 17  ? -2.705  5.971   -5.543  1.00 32.40  ? 18   ALA A CB  1 
ATOM   131  N N   . ILE A 1 18  ? -1.200  7.886   -7.435  1.00 33.25  ? 19   ILE A N   1 
ATOM   132  C CA  . ILE A 1 18  ? -0.177  8.318   -8.363  1.00 35.20  ? 19   ILE A CA  1 
ATOM   133  C C   . ILE A 1 18  ? -0.353  9.839   -8.348  1.00 35.93  ? 19   ILE A C   1 
ATOM   134  O O   . ILE A 1 18  ? -1.444  10.347  -8.625  1.00 36.33  ? 19   ILE A O   1 
ATOM   135  C CB  . ILE A 1 18  ? -0.458  7.800   -9.784  1.00 36.43  ? 19   ILE A CB  1 
ATOM   136  C CG1 . ILE A 1 18  ? -0.430  6.292   -9.805  1.00 38.06  ? 19   ILE A CG1 1 
ATOM   137  C CG2 . ILE A 1 18  ? 0.605   8.343   -10.812 1.00 36.64  ? 19   ILE A CG2 1 
ATOM   138  C CD1 . ILE A 1 18  ? -0.727  5.786   -11.186 1.00 44.86  ? 19   ILE A CD1 1 
ATOM   139  N N   . PRO A 1 19  ? 0.685   10.577  -8.041  1.00 35.52  ? 20   PRO A N   1 
ATOM   140  C CA  . PRO A 1 19  ? 2.003   10.054  -7.735  1.00 35.72  ? 20   PRO A CA  1 
ATOM   141  C C   . PRO A 1 19  ? 2.474   10.219  -6.292  1.00 35.37  ? 20   PRO A C   1 
ATOM   142  O O   . PRO A 1 19  ? 3.689   10.287  -6.085  1.00 36.68  ? 20   PRO A O   1 
ATOM   143  C CB  . PRO A 1 19  ? 2.861   11.044  -8.495  1.00 37.34  ? 20   PRO A CB  1 
ATOM   144  C CG  . PRO A 1 19  ? 2.157   12.374  -8.172  1.00 35.32  ? 20   PRO A CG  1 
ATOM   145  C CD  . PRO A 1 19  ? 0.679   12.052  -8.103  1.00 36.46  ? 20   PRO A CD  1 
ATOM   146  N N   . SER A 1 20  ? 1.600   10.306  -5.315  1.00 32.82  ? 21   SER A N   1 
ATOM   147  C CA  . SER A 1 20  ? 2.105   10.492  -3.965  1.00 30.84  ? 21   SER A CA  1 
ATOM   148  C C   . SER A 1 20  ? 2.632   9.179   -3.417  1.00 29.79  ? 21   SER A C   1 
ATOM   149  O O   . SER A 1 20  ? 3.547   9.198   -2.609  1.00 29.18  ? 21   SER A O   1 
ATOM   150  C CB  . SER A 1 20  ? 1.002   11.032  -3.060  1.00 30.25  ? 21   SER A CB  1 
ATOM   151  O OG  . SER A 1 20  ? 0.668   12.365  -3.405  1.00 30.95  ? 21   SER A OG  1 
ATOM   152  N N   . TYR A 1 21  ? 2.064   8.052   -3.828  1.00 29.35  ? 22   TYR A N   1 
ATOM   153  C CA  . TYR A 1 21  ? 2.497   6.777   -3.275  1.00 29.00  ? 22   TYR A CA  1 
ATOM   154  C C   . TYR A 1 21  ? 2.984   5.752   -4.307  1.00 29.35  ? 22   TYR A C   1 
ATOM   155  O O   . TYR A 1 21  ? 3.012   4.556   -4.015  1.00 30.39  ? 22   TYR A O   1 
ATOM   156  C CB  . TYR A 1 21  ? 1.367   6.165   -2.434  1.00 28.28  ? 22   TYR A CB  1 
ATOM   157  C CG  . TYR A 1 21  ? 0.990   6.975   -1.197  1.00 26.97  ? 22   TYR A CG  1 
ATOM   158  C CD1 . TYR A 1 21  ? 1.716   6.866   -0.021  1.00 26.68  ? 22   TYR A CD1 1 
ATOM   159  C CD2 . TYR A 1 21  ? -0.069  7.852   -1.222  1.00 24.48  ? 22   TYR A CD2 1 
ATOM   160  C CE1 . TYR A 1 21  ? 1.381   7.587   1.103   1.00 25.08  ? 22   TYR A CE1 1 
ATOM   161  C CE2 . TYR A 1 21  ? -0.416  8.588   -0.098  1.00 27.28  ? 22   TYR A CE2 1 
ATOM   162  C CZ  . TYR A 1 21  ? 0.317   8.436   1.068   1.00 25.12  ? 22   TYR A CZ  1 
ATOM   163  O OH  . TYR A 1 21  ? -0.042  9.154   2.199   1.00 24.95  ? 22   TYR A OH  1 
ATOM   164  N N   . SER A 1 22  ? 3.361   6.193   -5.504  1.00 29.08  ? 23   SER A N   1 
ATOM   165  C CA  . SER A 1 22  ? 3.772   5.238   -6.538  1.00 28.63  ? 23   SER A CA  1 
ATOM   166  C C   . SER A 1 22  ? 5.263   5.296   -6.849  1.00 28.13  ? 23   SER A C   1 
ATOM   167  O O   . SER A 1 22  ? 5.788   4.438   -7.573  1.00 27.44  ? 23   SER A O   1 
ATOM   168  C CB  . SER A 1 22  ? 2.925   5.433   -7.794  1.00 28.88  ? 23   SER A CB  1 
ATOM   169  O OG  . SER A 1 22  ? 3.094   6.744   -8.320  1.00 29.74  ? 23   SER A OG  1 
ATOM   170  N N   . SER A 1 23  ? 5.957   6.293   -6.305  1.00 27.75  ? 24   SER A N   1 
ATOM   171  C CA  . SER A 1 23  ? 7.409   6.377   -6.451  1.00 27.98  ? 24   SER A CA  1 
ATOM   172  C C   . SER A 1 23  ? 8.060   6.883   -5.155  1.00 27.27  ? 24   SER A C   1 
ATOM   173  O O   . SER A 1 23  ? 9.116   7.530   -5.169  1.00 27.31  ? 24   SER A O   1 
ATOM   174  C CB  . SER A 1 23  ? 7.779   7.306   -7.608  1.00 28.63  ? 24   SER A CB  1 
ATOM   175  O OG  . SER A 1 23  ? 7.240   8.591   -7.357  1.00 30.68  ? 24   SER A OG  1 
ATOM   176  N N   . TYR A 1 24  ? 7.437   6.577   -4.028  1.00 26.07  ? 25   TYR A N   1 
ATOM   177  C CA  . TYR A 1 24  ? 7.930   7.030   -2.746  1.00 25.47  ? 25   TYR A CA  1 
ATOM   178  C C   . TYR A 1 24  ? 8.845   5.979   -2.079  1.00 25.60  ? 25   TYR A C   1 
ATOM   179  O O   . TYR A 1 24  ? 8.489   4.799   -1.999  1.00 25.01  ? 25   TYR A O   1 
ATOM   180  C CB  . TYR A 1 24  ? 6.711   7.352   -1.882  1.00 26.07  ? 25   TYR A CB  1 
ATOM   181  C CG  . TYR A 1 24  ? 6.978   8.026   -0.568  1.00 24.59  ? 25   TYR A CG  1 
ATOM   182  C CD1 . TYR A 1 24  ? 7.486   7.312   0.516   1.00 24.19  ? 25   TYR A CD1 1 
ATOM   183  C CD2 . TYR A 1 24  ? 6.692   9.373   -0.397  1.00 24.67  ? 25   TYR A CD2 1 
ATOM   184  C CE1 . TYR A 1 24  ? 7.706   7.942   1.742   1.00 24.38  ? 25   TYR A CE1 1 
ATOM   185  C CE2 . TYR A 1 24  ? 6.912   10.019  0.828   1.00 25.00  ? 25   TYR A CE2 1 
ATOM   186  C CZ  . TYR A 1 24  ? 7.402   9.298   1.880   1.00 23.54  ? 25   TYR A CZ  1 
ATOM   187  O OH  . TYR A 1 24  ? 7.621   9.955   3.050   1.00 24.89  ? 25   TYR A OH  1 
ATOM   188  N N   . GLY A 1 25  ? 10.016  6.420   -1.608  1.00 24.79  ? 26   GLY A N   1 
ATOM   189  C CA  . GLY A 1 25  ? 10.982  5.571   -0.938  1.00 24.96  ? 26   GLY A CA  1 
ATOM   190  C C   . GLY A 1 25  ? 11.532  4.360   -1.689  1.00 26.11  ? 26   GLY A C   1 
ATOM   191  O O   . GLY A 1 25  ? 11.743  4.373   -2.915  1.00 27.09  ? 26   GLY A O   1 
ATOM   192  N N   . CYS A 1 26  ? 11.750  3.285   -0.944  1.00 25.62  ? 27   CYS A N   1 
ATOM   193  C CA  . CYS A 1 26  ? 12.260  2.066   -1.508  1.00 25.61  ? 27   CYS A CA  1 
ATOM   194  C C   . CYS A 1 26  ? 11.156  1.052   -1.831  1.00 25.69  ? 27   CYS A C   1 
ATOM   195  O O   . CYS A 1 26  ? 11.348  0.199   -2.689  1.00 25.24  ? 27   CYS A O   1 
ATOM   196  C CB  . CYS A 1 26  ? 13.333  1.491   -0.565  1.00 25.81  ? 27   CYS A CB  1 
ATOM   197  S SG  . CYS A 1 26  ? 14.763  2.616   -0.484  1.00 26.10  ? 27   CYS A SG  1 
ATOM   198  N N   . TYR A 1 27  ? 9.976   1.175   -1.166  1.00 25.96  ? 28   TYR A N   1 
ATOM   199  C CA  . TYR A 1 27  ? 8.910   0.181   -1.400  1.00 26.73  ? 28   TYR A CA  1 
ATOM   200  C C   . TYR A 1 27  ? 7.582   0.701   -1.925  1.00 28.47  ? 28   TYR A C   1 
ATOM   201  O O   . TYR A 1 27  ? 6.797   -0.089  -2.448  1.00 27.63  ? 28   TYR A O   1 
ATOM   202  C CB  . TYR A 1 27  ? 8.659   -0.635  -0.115  1.00 25.58  ? 28   TYR A CB  1 
ATOM   203  C CG  . TYR A 1 27  ? 9.866   -1.466  0.148   1.00 25.40  ? 28   TYR A CG  1 
ATOM   204  C CD1 . TYR A 1 27  ? 10.891  -1.005  0.952   1.00 25.26  ? 28   TYR A CD1 1 
ATOM   205  C CD2 . TYR A 1 27  ? 9.974   -2.739  -0.391  1.00 23.88  ? 28   TYR A CD2 1 
ATOM   206  C CE1 . TYR A 1 27  ? 12.015  -1.776  1.188   1.00 25.10  ? 28   TYR A CE1 1 
ATOM   207  C CE2 . TYR A 1 27  ? 11.085  -3.524  -0.152  1.00 24.23  ? 28   TYR A CE2 1 
ATOM   208  C CZ  . TYR A 1 27  ? 12.113  -3.023  0.627   1.00 25.19  ? 28   TYR A CZ  1 
ATOM   209  O OH  . TYR A 1 27  ? 13.249  -3.793  0.843   1.00 25.30  ? 28   TYR A OH  1 
ATOM   210  N N   . CYS A 1 28  ? 7.286   1.963   -1.784  1.00 30.92  ? 29   CYS A N   1 
ATOM   211  C CA  . CYS A 1 28  ? 6.015   2.396   -2.235  1.00 34.57  ? 29   CYS A CA  1 
ATOM   212  C C   . CYS A 1 28  ? 5.925   2.310   -3.686  1.00 38.44  ? 29   CYS A C   1 
ATOM   213  O O   . CYS A 1 28  ? 6.617   3.015   -4.427  1.00 39.46  ? 29   CYS A O   1 
ATOM   214  C CB  . CYS A 1 28  ? 5.738   3.841   -1.836  1.00 34.20  ? 29   CYS A CB  1 
ATOM   215  S SG  . CYS A 1 28  ? 5.895   4.164   -0.053  1.00 29.84  ? 29   CYS A SG  1 
ATOM   216  N N   . GLY A 1 29  ? 5.086   1.438   -4.091  1.00 42.03  ? 30   GLY A N   1 
ATOM   217  C CA  . GLY A 1 29  ? 4.948   1.288   -5.457  1.00 47.08  ? 30   GLY A CA  1 
ATOM   218  C C   . GLY A 1 29  ? 5.847   0.203   -6.030  1.00 50.55  ? 30   GLY A C   1 
ATOM   219  O O   . GLY A 1 29  ? 5.470   -0.966  -6.086  1.00 51.56  ? 30   GLY A O   1 
ATOM   220  N N   . TRP A 1 30  ? 7.026   0.568   -6.497  1.00 53.23  ? 31   TRP A N   1 
ATOM   221  C CA  . TRP A 1 30  ? 7.946   -0.338  -7.264  1.00 55.85  ? 31   TRP A CA  1 
ATOM   222  C C   . TRP A 1 30  ? 9.073   -0.985  -6.494  1.00 55.98  ? 31   TRP A C   1 
ATOM   223  O O   . TRP A 1 30  ? 10.235  -0.919  -6.925  1.00 56.46  ? 31   TRP A O   1 
ATOM   224  C CB  . TRP A 1 30  ? 8.630   0.476   -8.336  1.00 57.00  ? 31   TRP A CB  1 
ATOM   225  C CG  . TRP A 1 30  ? 8.728   -0.293  -9.564  1.00 61.94  ? 31   TRP A CG  1 
ATOM   226  C CD1 . TRP A 1 30  ? 7.682   -0.854  -10.230 1.00 64.99  ? 31   TRP A CD1 1 
ATOM   227  C CD2 . TRP A 1 30  ? 9.906   -0.622  -10.323 1.00 66.14  ? 31   TRP A CD2 1 
ATOM   228  N NE1 . TRP A 1 30  ? 8.124   -1.504  -11.357 1.00 67.13  ? 31   TRP A NE1 1 
ATOM   229  C CE2 . TRP A 1 30  ? 9.486   -1.380  -11.439 1.00 67.53  ? 31   TRP A CE2 1 
ATOM   230  C CE3 . TRP A 1 30  ? 11.271  -0.353  -10.175 1.00 68.37  ? 31   TRP A CE3 1 
ATOM   231  C CZ2 . TRP A 1 30  ? 10.375  -1.865  -12.399 1.00 69.18  ? 31   TRP A CZ2 1 
ATOM   232  C CZ3 . TRP A 1 30  ? 12.156  -0.838  -11.136 1.00 69.88  ? 31   TRP A CZ3 1 
ATOM   233  C CH2 . TRP A 1 30  ? 11.700  -1.586  -12.232 1.00 69.93  ? 31   TRP A CH2 1 
ATOM   234  N N   . GLY A 1 31  ? 8.757   -1.593  -5.361  1.00 56.28  ? 32   GLY A N   1 
ATOM   235  C CA  . GLY A 1 31  ? 9.811   -2.073  -4.492  1.00 55.07  ? 32   GLY A CA  1 
ATOM   236  C C   . GLY A 1 31  ? 10.423  -3.427  -4.805  1.00 54.22  ? 32   GLY A C   1 
ATOM   237  O O   . GLY A 1 31  ? 9.927   -4.230  -5.579  1.00 54.99  ? 32   GLY A O   1 
ATOM   238  N N   . GLY A 1 32  ? 11.552  -3.611  -4.127  1.00 53.09  ? 33   GLY A N   1 
ATOM   239  C CA  . GLY A 1 32  ? 12.237  -4.881  -4.180  1.00 51.42  ? 33   GLY A CA  1 
ATOM   240  C C   . GLY A 1 32  ? 13.352  -5.000  -3.185  1.00 50.04  ? 33   GLY A C   1 
ATOM   241  O O   . GLY A 1 32  ? 13.718  -6.115  -2.783  1.00 50.82  ? 33   GLY A O   1 
ATOM   242  N N   . LYS A 1 33  ? 13.900  -3.870  -2.762  1.00 47.65  ? 34   LYS A N   1 
ATOM   243  C CA  . LYS A 1 33  ? 14.997  -3.986  -1.841  1.00 45.19  ? 34   LYS A CA  1 
ATOM   244  C C   . LYS A 1 33  ? 15.297  -2.762  -1.021  1.00 42.97  ? 34   LYS A C   1 
ATOM   245  O O   . LYS A 1 33  ? 14.691  -1.700  -1.170  1.00 42.11  ? 34   LYS A O   1 
ATOM   246  C CB  . LYS A 1 33  ? 16.252  -4.394  -2.601  1.00 45.71  ? 34   LYS A CB  1 
ATOM   247  C CG  . LYS A 1 33  ? 16.882  -3.244  -3.330  1.00 47.55  ? 34   LYS A CG  1 
ATOM   248  C CD  . LYS A 1 33  ? 17.359  -3.669  -4.704  1.00 50.97  ? 34   LYS A CD  1 
ATOM   249  C CE  . LYS A 1 33  ? 18.044  -2.505  -5.442  1.00 51.69  ? 34   LYS A CE  1 
ATOM   250  N NZ  . LYS A 1 33  ? 17.779  -2.571  -6.915  1.00 51.78  ? 34   LYS A NZ  1 
ATOM   251  N N   . GLY A 1 34  ? 16.276  -2.964  -0.155  1.00 40.75  ? 35   GLY A N   1 
ATOM   252  C CA  . GLY A 1 34  ? 16.767  -1.954  0.740   1.00 38.50  ? 35   GLY A CA  1 
ATOM   253  C C   . GLY A 1 34  ? 15.976  -1.862  2.022   1.00 36.76  ? 35   GLY A C   1 
ATOM   254  O O   . GLY A 1 34  ? 15.052  -2.622  2.269   1.00 36.00  ? 35   GLY A O   1 
ATOM   255  N N   . THR A 1 35  ? 16.380  -0.890  2.822   1.00 35.30  ? 36   THR A N   1 
ATOM   256  C CA  . THR A 1 35  ? 15.757  -0.532  4.067   1.00 34.21  ? 36   THR A CA  1 
ATOM   257  C C   . THR A 1 35  ? 14.733  0.551   3.772   1.00 32.52  ? 36   THR A C   1 
ATOM   258  O O   . THR A 1 35  ? 15.034  1.495   3.062   1.00 31.65  ? 36   THR A O   1 
ATOM   259  C CB  . THR A 1 35  ? 16.857  0.041   4.945   1.00 34.31  ? 36   THR A CB  1 
ATOM   260  O OG1 . THR A 1 35  ? 17.874  -0.956  5.109   1.00 37.03  ? 36   THR A OG1 1 
ATOM   261  C CG2 . THR A 1 35  ? 16.356  0.328   6.370   1.00 35.28  ? 36   THR A CG2 1 
ATOM   262  N N   . PRO A 1 36  ? 13.526  0.437   4.323   1.00 31.45  ? 37   PRO A N   1 
ATOM   263  C CA  . PRO A 1 36  ? 12.481  1.448   4.077   1.00 30.18  ? 37   PRO A CA  1 
ATOM   264  C C   . PRO A 1 36  ? 12.929  2.736   4.715   1.00 29.59  ? 37   PRO A C   1 
ATOM   265  O O   . PRO A 1 36  ? 13.502  2.629   5.787   1.00 28.49  ? 37   PRO A O   1 
ATOM   266  C CB  . PRO A 1 36  ? 11.257  0.874   4.794   1.00 30.33  ? 37   PRO A CB  1 
ATOM   267  C CG  . PRO A 1 36  ? 11.566  -0.602  4.941   1.00 30.52  ? 37   PRO A CG  1 
ATOM   268  C CD  . PRO A 1 36  ? 13.060  -0.645  5.210   1.00 31.52  ? 37   PRO A CD  1 
ATOM   269  N N   . LYS A 1 37  ? 12.693  3.891   4.079   1.00 28.98  ? 38   LYS A N   1 
ATOM   270  C CA  . LYS A 1 37  ? 13.234  5.176   4.527   1.00 28.73  ? 38   LYS A CA  1 
ATOM   271  C C   . LYS A 1 37  ? 12.517  5.824   5.699   1.00 28.12  ? 38   LYS A C   1 
ATOM   272  O O   . LYS A 1 37  ? 13.107  6.611   6.405   1.00 27.45  ? 38   LYS A O   1 
ATOM   273  C CB  . LYS A 1 37  ? 13.239  6.185   3.371   1.00 29.45  ? 38   LYS A CB  1 
ATOM   274  C CG  . LYS A 1 37  ? 13.624  5.580   2.017   1.00 32.19  ? 38   LYS A CG  1 
ATOM   275  C CD  . LYS A 1 37  ? 15.108  5.313   1.885   1.00 35.45  ? 38   LYS A CD  1 
ATOM   276  C CE  . LYS A 1 37  ? 15.801  5.177   3.206   1.00 40.24  ? 38   LYS A CE  1 
ATOM   277  N NZ  . LYS A 1 37  ? 17.164  5.800   3.139   1.00 42.97  ? 38   LYS A NZ  1 
ATOM   278  N N   . ASP A 1 38  ? 11.247  5.501   5.887   1.00 26.89  ? 39   ASP A N   1 
ATOM   279  C CA  . ASP A 1 38  ? 10.482  6.094   6.968   1.00 25.77  ? 39   ASP A CA  1 
ATOM   280  C C   . ASP A 1 38  ? 9.217   5.274   7.245   1.00 24.45  ? 39   ASP A C   1 
ATOM   281  O O   . ASP A 1 38  ? 9.045   4.177   6.709   1.00 23.73  ? 39   ASP A O   1 
ATOM   282  C CB  . ASP A 1 38  ? 10.138  7.559   6.656   1.00 25.52  ? 39   ASP A CB  1 
ATOM   283  C CG  . ASP A 1 38  ? 9.145   7.702   5.517   1.00 27.24  ? 39   ASP A CG  1 
ATOM   284  O OD1 . ASP A 1 38  ? 8.798   6.653   4.902   1.00 26.36  ? 39   ASP A OD1 1 
ATOM   285  O OD2 . ASP A 1 38  ? 8.677   8.816   5.170   1.00 26.50  ? 39   ASP A OD2 1 
ATOM   286  N N   . ALA A 1 39  ? 8.326   5.827   8.058   1.00 23.06  ? 40   ALA A N   1 
ATOM   287  C CA  . ALA A 1 39  ? 7.154   5.084   8.467   1.00 22.51  ? 40   ALA A CA  1 
ATOM   288  C C   . ALA A 1 39  ? 6.226   4.783   7.270   1.00 21.56  ? 40   ALA A C   1 
ATOM   289  O O   . ALA A 1 39  ? 5.725   3.689   7.138   1.00 21.59  ? 40   ALA A O   1 
ATOM   290  C CB  . ALA A 1 39  ? 6.413   5.824   9.615   1.00 21.94  ? 40   ALA A CB  1 
ATOM   291  N N   . THR A 1 40  ? 5.992   5.764   6.414   1.00 21.26  ? 41   THR A N   1 
ATOM   292  C CA  . THR A 1 40  ? 5.218   5.551   5.181   1.00 21.06  ? 41   THR A CA  1 
ATOM   293  C C   . THR A 1 40  ? 5.787   4.454   4.247   1.00 20.45  ? 41   THR A C   1 
ATOM   294  O O   . THR A 1 40  ? 5.071   3.616   3.712   1.00 20.63  ? 41   THR A O   1 
ATOM   295  C CB  . THR A 1 40  ? 5.128   6.866   4.435   1.00 21.41  ? 41   THR A CB  1 
ATOM   296  O OG1 . THR A 1 40  ? 4.284   7.751   5.184   1.00 23.22  ? 41   THR A OG1 1 
ATOM   297  C CG2 . THR A 1 40  ? 4.385   6.670   3.082   1.00 21.36  ? 41   THR A CG2 1 
ATOM   298  N N   . ASP A 1 41  ? 7.095   4.429   4.122   1.00 19.76  ? 42   ASP A N   1 
ATOM   299  C CA  . ASP A 1 41  ? 7.747   3.471   3.243   1.00 19.60  ? 42   ASP A CA  1 
ATOM   300  C C   . ASP A 1 41  ? 7.579   2.108   3.888   1.00 19.33  ? 42   ASP A C   1 
ATOM   301  O O   . ASP A 1 41  ? 7.464   1.111   3.199   1.00 18.42  ? 42   ASP A O   1 
ATOM   302  C CB  . ASP A 1 41  ? 9.235   3.847   3.107   1.00 18.07  ? 42   ASP A CB  1 
ATOM   303  C CG  . ASP A 1 41  ? 9.928   3.181   1.909   1.00 20.10  ? 42   ASP A CG  1 
ATOM   304  O OD1 . ASP A 1 41  ? 9.248   2.652   0.973   1.00 18.32  ? 42   ASP A OD1 1 
ATOM   305  O OD2 . ASP A 1 41  ? 11.182  3.184   1.808   1.00 20.16  ? 42   ASP A OD2 1 
ATOM   306  N N   . ARG A 1 42  ? 7.531   2.088   5.222   1.00 19.44  ? 43   ARG A N   1 
ATOM   307  C CA  . ARG A 1 42  ? 7.326   0.821   5.926   1.00 20.50  ? 43   ARG A CA  1 
ATOM   308  C C   . ARG A 1 42  ? 5.908   0.313   5.699   1.00 19.00  ? 43   ARG A C   1 
ATOM   309  O O   . ARG A 1 42  ? 5.723   -0.879  5.592   1.00 19.94  ? 43   ARG A O   1 
ATOM   310  C CB  . ARG A 1 42  ? 7.626   0.911   7.457   1.00 20.56  ? 43   ARG A CB  1 
ATOM   311  C CG  . ARG A 1 42  ? 9.098   1.009   7.833   1.00 25.32  ? 43   ARG A CG  1 
ATOM   312  C CD  . ARG A 1 42  ? 9.454   0.849   9.353   1.00 30.11  ? 43   ARG A CD  1 
ATOM   313  N NE  . ARG A 1 42  ? 9.094   1.992   10.221  1.00 34.70  ? 43   ARG A NE  1 
ATOM   314  C CZ  . ARG A 1 42  ? 9.781   3.146   10.333  1.00 36.02  ? 43   ARG A CZ  1 
ATOM   315  N NH1 . ARG A 1 42  ? 10.867  3.385   9.609   1.00 37.12  ? 43   ARG A NH1 1 
ATOM   316  N NH2 . ARG A 1 42  ? 9.363   4.081   11.167  1.00 35.25  ? 43   ARG A NH2 1 
ATOM   317  N N   . CYS A 1 43  ? 4.926   1.200   5.666   1.00 18.30  ? 44   CYS A N   1 
ATOM   318  C CA  . CYS A 1 43  ? 3.588   0.786   5.264   1.00 18.45  ? 44   CYS A CA  1 
ATOM   319  C C   . CYS A 1 43  ? 3.665   0.051   3.908   1.00 18.70  ? 44   CYS A C   1 
ATOM   320  O O   . CYS A 1 43  ? 3.022   -0.979  3.720   1.00 19.37  ? 44   CYS A O   1 
ATOM   321  C CB  . CYS A 1 43  ? 2.663   1.984   5.110   1.00 17.89  ? 44   CYS A CB  1 
ATOM   322  S SG  . CYS A 1 43  ? 2.419   3.005   6.576   1.00 21.81  ? 44   CYS A SG  1 
ATOM   323  N N   . CYS A 1 44  ? 4.416   0.595   2.951   1.00 18.79  ? 45   CYS A N   1 
ATOM   324  C CA  . CYS A 1 44  ? 4.508   -0.028  1.631   1.00 19.23  ? 45   CYS A CA  1 
ATOM   325  C C   . CYS A 1 44  ? 5.197   -1.377  1.681   1.00 19.06  ? 45   CYS A C   1 
ATOM   326  O O   . CYS A 1 44  ? 4.781   -2.311  1.008   1.00 19.67  ? 45   CYS A O   1 
ATOM   327  C CB  . CYS A 1 44  ? 5.233   0.884   0.652   1.00 17.37  ? 45   CYS A CB  1 
ATOM   328  S SG  . CYS A 1 44  ? 4.190   2.293   0.248   1.00 22.23  ? 45   CYS A SG  1 
ATOM   329  N N   . PHE A 1 45  ? 6.254   -1.467  2.473   1.00 18.76  ? 46   PHE A N   1 
ATOM   330  C CA  . PHE A 1 45  ? 6.961   -2.734  2.654   1.00 19.92  ? 46   PHE A CA  1 
ATOM   331  C C   . PHE A 1 45  ? 6.055   -3.836  3.237   1.00 18.76  ? 46   PHE A C   1 
ATOM   332  O O   . PHE A 1 45  ? 6.064   -4.956  2.790   1.00 18.29  ? 46   PHE A O   1 
ATOM   333  C CB  . PHE A 1 45  ? 8.146   -2.514  3.608   1.00 20.90  ? 46   PHE A CB  1 
ATOM   334  C CG  . PHE A 1 45  ? 8.862   -3.787  3.990   1.00 24.15  ? 46   PHE A CG  1 
ATOM   335  C CD1 . PHE A 1 45  ? 9.780   -4.355  3.124   1.00 26.52  ? 46   PHE A CD1 1 
ATOM   336  C CD2 . PHE A 1 45  ? 8.614   -4.411  5.211   1.00 25.88  ? 46   PHE A CD2 1 
ATOM   337  C CE1 . PHE A 1 45  ? 10.445  -5.551  3.442   1.00 28.08  ? 46   PHE A CE1 1 
ATOM   338  C CE2 . PHE A 1 45  ? 9.284   -5.617  5.543   1.00 29.95  ? 46   PHE A CE2 1 
ATOM   339  C CZ  . PHE A 1 45  ? 10.209  -6.179  4.648   1.00 29.47  ? 46   PHE A CZ  1 
ATOM   340  N N   . VAL A 1 46  ? 5.295   -3.511  4.271   1.00 18.84  ? 47   VAL A N   1 
ATOM   341  C CA  . VAL A 1 46  ? 4.427   -4.488  4.880   1.00 19.16  ? 47   VAL A CA  1 
ATOM   342  C C   . VAL A 1 46  ? 3.331   -4.845  3.871   1.00 19.64  ? 47   VAL A C   1 
ATOM   343  O O   . VAL A 1 46  ? 2.931   -5.989  3.719   1.00 19.50  ? 47   VAL A O   1 
ATOM   344  C CB  . VAL A 1 46  ? 3.840   -3.912  6.188   1.00 20.07  ? 47   VAL A CB  1 
ATOM   345  C CG1 . VAL A 1 46  ? 2.645   -4.736  6.712   1.00 19.18  ? 47   VAL A CG1 1 
ATOM   346  C CG2 . VAL A 1 46  ? 4.938   -3.814  7.225   1.00 19.64  ? 47   VAL A CG2 1 
ATOM   347  N N   . HIS A 1 47  ? 2.898   -3.844  3.119   1.00 19.84  ? 48   HIS A N   1 
ATOM   348  C CA  . HIS A 1 47  ? 1.914   -4.071  2.067   1.00 19.97  ? 48   HIS A CA  1 
ATOM   349  C C   . HIS A 1 47  ? 2.481   -5.023  0.999   1.00 20.02  ? 48   HIS A C   1 
ATOM   350  O O   . HIS A 1 47  ? 1.811   -5.954  0.582   1.00 20.42  ? 48   HIS A O   1 
ATOM   351  C CB  . HIS A 1 47  ? 1.523   -2.734  1.435   1.00 19.53  ? 48   HIS A CB  1 
ATOM   352  C CG  . HIS A 1 47  ? 0.375   -2.829  0.482   1.00 19.35  ? 48   HIS A CG  1 
ATOM   353  N ND1 . HIS A 1 47  ? 0.529   -2.676  -0.879  1.00 18.47  ? 48   HIS A ND1 1 
ATOM   354  C CD2 . HIS A 1 47  ? -0.940  -3.075  0.691   1.00 17.18  ? 48   HIS A CD2 1 
ATOM   355  C CE1 . HIS A 1 47  ? -0.647  -2.799  -1.470  1.00 18.66  ? 48   HIS A CE1 1 
ATOM   356  N NE2 . HIS A 1 47  ? -1.553  -3.044  -0.540  1.00 21.26  ? 48   HIS A NE2 1 
ATOM   357  N N   . ASP A 1 48  ? 3.711   -4.802  0.560   1.00 19.93  ? 49   ASP A N   1 
ATOM   358  C CA  . ASP A 1 48  ? 4.327   -5.753  -0.341  1.00 21.10  ? 49   ASP A CA  1 
ATOM   359  C C   . ASP A 1 48  ? 4.374   -7.176  0.264   1.00 21.18  ? 49   ASP A C   1 
ATOM   360  O O   . ASP A 1 48  ? 4.104   -8.159  -0.438  1.00 21.63  ? 49   ASP A O   1 
ATOM   361  C CB  . ASP A 1 48  ? 5.743   -5.308  -0.668  1.00 21.41  ? 49   ASP A CB  1 
ATOM   362  C CG  . ASP A 1 48  ? 5.782   -4.142  -1.659  1.00 25.43  ? 49   ASP A CG  1 
ATOM   363  O OD1 . ASP A 1 48  ? 4.699   -3.620  -2.044  1.00 27.86  ? 49   ASP A OD1 1 
ATOM   364  O OD2 . ASP A 1 48  ? 6.864   -3.669  -2.071  1.00 28.25  ? 49   ASP A OD2 1 
ATOM   365  N N   . CYS A 1 49  ? 4.719   -7.271  1.557   1.00 20.49  ? 50   CYS A N   1 
ATOM   366  C CA  . CYS A 1 49  ? 4.792   -8.548  2.270   1.00 20.29  ? 50   CYS A CA  1 
ATOM   367  C C   . CYS A 1 49  ? 3.406   -9.196  2.342   1.00 20.17  ? 50   CYS A C   1 
ATOM   368  O O   . CYS A 1 49  ? 3.256   -10.410 2.146   1.00 19.33  ? 50   CYS A O   1 
ATOM   369  C CB  . CYS A 1 49  ? 5.372   -8.358  3.682   1.00 20.73  ? 50   CYS A CB  1 
ATOM   370  S SG  . CYS A 1 49  ? 7.132   -7.922  3.698   1.00 20.50  ? 50   CYS A SG  1 
ATOM   371  N N   . CYS A 1 50  ? 2.391   -8.369  2.552   1.00 19.08  ? 51   CYS A N   1 
ATOM   372  C CA  . CYS A 1 50  ? 1.043   -8.879  2.601   1.00 19.45  ? 51   CYS A CA  1 
ATOM   373  C C   . CYS A 1 50  ? 0.693   -9.531  1.250   1.00 19.91  ? 51   CYS A C   1 
ATOM   374  O O   . CYS A 1 50  ? 0.203   -10.648 1.209   1.00 19.76  ? 51   CYS A O   1 
ATOM   375  C CB  . CYS A 1 50  ? 0.059   -7.762  2.971   1.00 18.32  ? 51   CYS A CB  1 
ATOM   376  S SG  . CYS A 1 50  ? -1.533  -8.313  3.646   1.00 17.33  ? 51   CYS A SG  1 
ATOM   377  N N   . TYR A 1 51  ? 0.960   -8.838  0.152   1.00 20.34  ? 52   TYR A N   1 
ATOM   378  C CA  . TYR A 1 51  ? 0.663   -9.391  -1.166  1.00 21.84  ? 52   TYR A CA  1 
ATOM   379  C C   . TYR A 1 51  ? 1.469   -10.678 -1.322  1.00 22.60  ? 52   TYR A C   1 
ATOM   380  O O   . TYR A 1 51  ? 0.989   -11.674 -1.856  1.00 22.69  ? 52   TYR A O   1 
ATOM   381  C CB  . TYR A 1 51  ? 1.083   -8.403  -2.285  1.00 21.64  ? 52   TYR A CB  1 
ATOM   382  C CG  . TYR A 1 51  ? 0.053   -7.339  -2.617  1.00 21.30  ? 52   TYR A CG  1 
ATOM   383  C CD1 . TYR A 1 51  ? -1.112  -7.224  -1.865  1.00 18.11  ? 52   TYR A CD1 1 
ATOM   384  C CD2 . TYR A 1 51  ? 0.240   -6.459  -3.692  1.00 20.83  ? 52   TYR A CD2 1 
ATOM   385  C CE1 . TYR A 1 51  ? -2.063  -6.290  -2.166  1.00 18.26  ? 52   TYR A CE1 1 
ATOM   386  C CE2 . TYR A 1 51  ? -0.712  -5.491  -3.993  1.00 20.50  ? 52   TYR A CE2 1 
ATOM   387  C CZ  . TYR A 1 51  ? -1.865  -5.418  -3.218  1.00 20.42  ? 52   TYR A CZ  1 
ATOM   388  O OH  . TYR A 1 51  ? -2.854  -4.495  -3.482  1.00 21.63  ? 52   TYR A OH  1 
ATOM   389  N N   . GLY A 1 52  ? 2.699   -10.616 -0.823  1.00 23.12  ? 53   GLY A N   1 
ATOM   390  C CA  . GLY A 1 52  ? 3.651   -11.701 -0.890  1.00 24.03  ? 53   GLY A CA  1 
ATOM   391  C C   . GLY A 1 52  ? 3.137   -12.972 -0.274  1.00 24.34  ? 53   GLY A C   1 
ATOM   392  O O   . GLY A 1 52  ? 3.570   -14.016 -0.681  1.00 24.34  ? 53   GLY A O   1 
ATOM   393  N N   . ASN A 1 53  ? 2.212   -12.878 0.684   1.00 25.02  ? 54   ASN A N   1 
ATOM   394  C CA  . ASN A 1 53  ? 1.553   -14.049 1.255   1.00 26.44  ? 54   ASN A CA  1 
ATOM   395  C C   . ASN A 1 53  ? 0.436   -14.646 0.389   1.00 26.51  ? 54   ASN A C   1 
ATOM   396  O O   . ASN A 1 53  ? -0.230  -15.562 0.846   1.00 27.00  ? 54   ASN A O   1 
ATOM   397  C CB  . ASN A 1 53  ? 0.867   -13.721 2.580   1.00 27.20  ? 54   ASN A CB  1 
ATOM   398  C CG  . ASN A 1 53  ? 1.833   -13.303 3.673   1.00 31.62  ? 54   ASN A CG  1 
ATOM   399  O OD1 . ASN A 1 53  ? 1.453   -12.543 4.555   1.00 36.21  ? 54   ASN A OD1 1 
ATOM   400  N ND2 . ASN A 1 53  ? 3.075   -13.790 3.624   1.00 33.54  ? 54   ASN A ND2 1 
ATOM   401  N N   . LEU A 1 54  ? 0.192   -14.187 -0.847  1.00 26.23  ? 55   LEU A N   1 
ATOM   402  C CA  . LEU A 1 54  ? -0.903  -14.773 -1.660  1.00 26.87  ? 55   LEU A CA  1 
ATOM   403  C C   . LEU A 1 54  ? -0.306  -15.108 -3.007  1.00 26.82  ? 55   LEU A C   1 
ATOM   404  O O   . LEU A 1 54  ? -0.452  -14.323 -3.928  1.00 26.65  ? 55   LEU A O   1 
ATOM   405  C CB  . LEU A 1 54  ? -2.051  -13.766 -1.785  1.00 26.94  ? 55   LEU A CB  1 
ATOM   406  C CG  . LEU A 1 54  ? -2.282  -12.833 -0.588  1.00 26.59  ? 55   LEU A CG  1 
ATOM   407  C CD1 . LEU A 1 54  ? -3.013  -11.574 -1.007  1.00 28.92  ? 55   LEU A CD1 1 
ATOM   408  C CD2 . LEU A 1 54  ? -3.051  -13.573 0.494   1.00 25.91  ? 55   LEU A CD2 1 
ATOM   409  N N   . PRO A 1 55  ? 0.413   -16.249 -3.126  1.00 26.77  ? 56   PRO A N   1 
ATOM   410  C CA  . PRO A 1 55  ? 1.110   -16.564 -4.419  1.00 27.16  ? 56   PRO A CA  1 
ATOM   411  C C   . PRO A 1 55  ? 0.195   -16.680 -5.592  1.00 26.63  ? 56   PRO A C   1 
ATOM   412  O O   . PRO A 1 55  ? 0.493   -16.276 -6.719  1.00 26.65  ? 56   PRO A O   1 
ATOM   413  C CB  . PRO A 1 55  ? 1.826   -17.857 -4.134  1.00 27.45  ? 56   PRO A CB  1 
ATOM   414  C CG  . PRO A 1 55  ? 2.184   -17.670 -2.704  1.00 27.48  ? 56   PRO A CG  1 
ATOM   415  C CD  . PRO A 1 55  ? 1.314   -16.638 -2.056  1.00 27.36  ? 56   PRO A CD  1 
ATOM   416  N N   . ASP A 1 56  ? -0.922  -17.265 -5.304  1.00 33.96  ? 59   ASP A N   1 
ATOM   417  C CA  . ASP A 1 56  ? -1.837  -17.595 -6.388  1.00 34.98  ? 59   ASP A CA  1 
ATOM   418  C C   . ASP A 1 56  ? -3.009  -16.620 -6.595  1.00 34.73  ? 59   ASP A C   1 
ATOM   419  O O   . ASP A 1 56  ? -4.019  -16.970 -7.219  1.00 34.39  ? 59   ASP A O   1 
ATOM   420  C CB  . ASP A 1 56  ? -2.324  -19.033 -6.159  1.00 35.66  ? 59   ASP A CB  1 
ATOM   421  C CG  . ASP A 1 56  ? -1.214  -19.994 -6.465  1.00 36.67  ? 59   ASP A CG  1 
ATOM   422  O OD1 . ASP A 1 56  ? -1.306  -21.148 -6.027  1.00 39.76  ? 59   ASP A OD1 1 
ATOM   423  O OD2 . ASP A 1 56  ? -0.259  -19.580 -7.157  1.00 36.09  ? 59   ASP A OD2 1 
ATOM   424  N N   . CYS A 1 57  ? -2.882  -15.383 -6.067  1.00 20.30  ? 61   CYS A N   1 
ATOM   425  C CA  . CYS A 1 57  ? -3.892  -14.308 -6.278  1.00 19.87  ? 61   CYS A CA  1 
ATOM   426  C C   . CYS A 1 57  ? -3.296  -13.205 -7.215  1.00 19.88  ? 61   CYS A C   1 
ATOM   427  O O   . CYS A 1 57  ? -2.102  -13.269 -7.499  1.00 19.92  ? 61   CYS A O   1 
ATOM   428  C CB  . CYS A 1 57  ? -4.314  -13.677 -4.968  1.00 19.58  ? 61   CYS A CB  1 
ATOM   429  S SG  . CYS A 1 57  ? -4.900  -14.859 -3.713  1.00 20.03  ? 61   CYS A SG  1 
ATOM   430  N N   . ASN A 1 58  ? -4.090  -12.216 -7.711  1.00 24.20  ? 67   ASN A N   1 
ATOM   431  C CA  . ASN A 1 58  ? -3.589  -11.215 -8.606  1.00 24.50  ? 67   ASN A CA  1 
ATOM   432  C C   . ASN A 1 58  ? -4.086  -9.873  -8.061  1.00 24.88  ? 67   ASN A C   1 
ATOM   433  O O   . ASN A 1 58  ? -5.031  -9.307  -8.581  1.00 24.07  ? 67   ASN A O   1 
ATOM   434  C CB  . ASN A 1 58  ? -4.077  -11.532 -10.032 1.00 25.09  ? 67   ASN A CB  1 
ATOM   435  C CG  . ASN A 1 58  ? -3.511  -12.856 -10.564 1.00 25.50  ? 67   ASN A CG  1 
ATOM   436  O OD1 . ASN A 1 58  ? -2.478  -12.867 -11.221 1.00 29.77  ? 67   ASN A OD1 1 
ATOM   437  N ND2 . ASN A 1 58  ? -4.181  -13.967 -10.272 1.00 23.90  ? 67   ASN A ND2 1 
ATOM   438  N N   . PRO A 1 59  ? -3.407  -9.366  -7.022  1.00 25.75  ? 68   PRO A N   1 
ATOM   439  C CA  . PRO A 1 59  ? -3.875  -8.190  -6.263  1.00 26.02  ? 68   PRO A CA  1 
ATOM   440  C C   . PRO A 1 59  ? -3.991  -6.946  -7.090  1.00 26.37  ? 68   PRO A C   1 
ATOM   441  O O   . PRO A 1 59  ? -4.691  -6.025  -6.671  1.00 26.77  ? 68   PRO A O   1 
ATOM   442  C CB  . PRO A 1 59  ? -2.790  -7.975  -5.210  1.00 25.97  ? 68   PRO A CB  1 
ATOM   443  C CG  . PRO A 1 59  ? -2.032  -9.255  -5.160  1.00 27.59  ? 68   PRO A CG  1 
ATOM   444  C CD  . PRO A 1 59  ? -2.108  -9.863  -6.534  1.00 25.16  ? 68   PRO A CD  1 
ATOM   445  N N   . LYS A 1 60  ? -3.366  -6.919  -8.251  1.00 26.59  ? 69   LYS A N   1 
ATOM   446  C CA  . LYS A 1 60  ? -3.388  -5.724  -9.105  1.00 27.75  ? 69   LYS A CA  1 
ATOM   447  C C   . LYS A 1 60  ? -4.615  -5.652  -9.997  1.00 27.01  ? 69   LYS A C   1 
ATOM   448  O O   . LYS A 1 60  ? -5.047  -4.557  -10.352 1.00 27.58  ? 69   LYS A O   1 
ATOM   449  C CB  . LYS A 1 60  ? -2.137  -5.691  -9.981  1.00 28.07  ? 69   LYS A CB  1 
ATOM   450  C CG  . LYS A 1 60  ? -0.935  -5.066  -9.302  1.00 32.11  ? 69   LYS A CG  1 
ATOM   451  C CD  . LYS A 1 60  ? 0.154   -6.101  -9.048  1.00 41.61  ? 69   LYS A CD  1 
ATOM   452  C CE  . LYS A 1 60  ? 1.384   -5.875  -9.917  1.00 45.33  ? 69   LYS A CE  1 
ATOM   453  N NZ  . LYS A 1 60  ? 2.610   -5.624  -9.108  1.00 50.37  ? 69   LYS A NZ  1 
ATOM   454  N N   . SER A 1 61  ? -5.175  -6.799  -10.372 1.00 26.47  ? 70   SER A N   1 
ATOM   455  C CA  . SER A 1 61  ? -6.253  -6.791  -11.368 1.00 25.94  ? 70   SER A CA  1 
ATOM   456  C C   . SER A 1 61  ? -7.514  -7.395  -10.834 1.00 25.09  ? 70   SER A C   1 
ATOM   457  O O   . SER A 1 61  ? -8.588  -7.164  -11.345 1.00 25.40  ? 70   SER A O   1 
ATOM   458  C CB  . SER A 1 61  ? -5.814  -7.549  -12.625 1.00 25.83  ? 70   SER A CB  1 
ATOM   459  O OG  . SER A 1 61  ? -5.365  -8.869  -12.310 1.00 26.68  ? 70   SER A OG  1 
ATOM   460  N N   . ASP A 1 62  ? -7.391  -8.198  -9.804  1.00 24.05  ? 71   ASP A N   1 
ATOM   461  C CA  . ASP A 1 62  ? -8.584  -8.782  -9.248  1.00 23.48  ? 71   ASP A CA  1 
ATOM   462  C C   . ASP A 1 62  ? -9.300  -7.683  -8.473  1.00 24.34  ? 71   ASP A C   1 
ATOM   463  O O   . ASP A 1 62  ? -8.690  -6.997  -7.660  1.00 25.15  ? 71   ASP A O   1 
ATOM   464  C CB  . ASP A 1 62  ? -8.220  -9.953  -8.352  1.00 22.53  ? 71   ASP A CB  1 
ATOM   465  C CG  . ASP A 1 62  ? -9.418  -10.751 -7.935  1.00 19.94  ? 71   ASP A CG  1 
ATOM   466  O OD1 . ASP A 1 62  ? -10.555 -10.408 -8.344  1.00 17.21  ? 71   ASP A OD1 1 
ATOM   467  O OD2 . ASP A 1 62  ? -9.296  -11.737 -7.187  1.00 15.82  ? 71   ASP A OD2 1 
ATOM   468  N N   . ARG A 1 63  ? -10.595 -7.529  -8.707  1.00 24.36  ? 72   ARG A N   1 
ATOM   469  C CA  . ARG A 1 63  ? -11.341 -6.425  -8.110  1.00 25.77  ? 72   ARG A CA  1 
ATOM   470  C C   . ARG A 1 63  ? -12.131 -6.918  -6.888  1.00 24.67  ? 72   ARG A C   1 
ATOM   471  O O   . ARG A 1 63  ? -12.627 -8.030  -6.892  1.00 24.14  ? 72   ARG A O   1 
ATOM   472  C CB  . ARG A 1 63  ? -12.268 -5.766  -9.197  1.00 26.75  ? 72   ARG A CB  1 
ATOM   473  C CG  . ARG A 1 63  ? -11.593 -4.608  -10.057 1.00 31.58  ? 72   ARG A CG  1 
ATOM   474  C CD  . ARG A 1 63  ? -12.032 -4.383  -11.545 1.00 38.52  ? 72   ARG A CD  1 
ATOM   475  N NE  . ARG A 1 63  ? -13.183 -3.496  -11.717 1.00 43.81  ? 72   ARG A NE  1 
ATOM   476  C CZ  . ARG A 1 63  ? -13.367 -2.605  -12.711 1.00 45.38  ? 72   ARG A CZ  1 
ATOM   477  N NH1 . ARG A 1 63  ? -12.469 -2.404  -13.678 1.00 46.92  ? 72   ARG A NH1 1 
ATOM   478  N NH2 . ARG A 1 63  ? -14.478 -1.897  -12.717 1.00 47.02  ? 72   ARG A NH2 1 
ATOM   479  N N   . TYR A 1 64  ? -12.223 -6.125  -5.823  1.00 23.96  ? 73   TYR A N   1 
ATOM   480  C CA  . TYR A 1 64  ? -13.108 -6.498  -4.704  1.00 23.11  ? 73   TYR A CA  1 
ATOM   481  C C   . TYR A 1 64  ? -14.015 -5.332  -4.375  1.00 22.97  ? 73   TYR A C   1 
ATOM   482  O O   . TYR A 1 64  ? -13.880 -4.263  -4.947  1.00 20.16  ? 73   TYR A O   1 
ATOM   483  C CB  . TYR A 1 64  ? -12.327 -6.900  -3.461  1.00 22.93  ? 73   TYR A CB  1 
ATOM   484  C CG  . TYR A 1 64  ? -11.353 -5.818  -3.075  1.00 22.87  ? 73   TYR A CG  1 
ATOM   485  C CD1 . TYR A 1 64  ? -11.763 -4.683  -2.365  1.00 18.75  ? 73   TYR A CD1 1 
ATOM   486  C CD2 . TYR A 1 64  ? -10.028 -5.889  -3.505  1.00 23.20  ? 73   TYR A CD2 1 
ATOM   487  C CE1 . TYR A 1 64  ? -10.835 -3.673  -2.045  1.00 19.75  ? 73   TYR A CE1 1 
ATOM   488  C CE2 . TYR A 1 64  ? -9.109  -4.887  -3.196  1.00 22.33  ? 73   TYR A CE2 1 
ATOM   489  C CZ  . TYR A 1 64  ? -9.521  -3.788  -2.475  1.00 20.52  ? 73   TYR A CZ  1 
ATOM   490  O OH  . TYR A 1 64  ? -8.604  -2.792  -2.207  1.00 20.95  ? 73   TYR A OH  1 
ATOM   491  N N   . LYS A 1 65  ? -14.892 -5.548  -3.410  1.00 23.85  ? 74   LYS A N   1 
ATOM   492  C CA  . LYS A 1 65  ? -15.832 -4.543  -2.978  1.00 25.86  ? 74   LYS A CA  1 
ATOM   493  C C   . LYS A 1 65  ? -15.616 -4.286  -1.512  1.00 26.03  ? 74   LYS A C   1 
ATOM   494  O O   . LYS A 1 65  ? -15.314 -5.201  -0.744  1.00 25.07  ? 74   LYS A O   1 
ATOM   495  C CB  . LYS A 1 65  ? -17.263 -5.056  -3.179  1.00 26.87  ? 74   LYS A CB  1 
ATOM   496  C CG  . LYS A 1 65  ? -17.519 -5.541  -4.612  1.00 30.55  ? 74   LYS A CG  1 
ATOM   497  C CD  . LYS A 1 65  ? -17.866 -4.355  -5.526  1.00 35.35  ? 74   LYS A CD  1 
ATOM   498  C CE  . LYS A 1 65  ? -18.187 -4.837  -6.939  1.00 39.57  ? 74   LYS A CE  1 
ATOM   499  N NZ  . LYS A 1 65  ? -18.427 -3.685  -7.866  1.00 42.81  ? 74   LYS A NZ  1 
ATOM   500  N N   . TYR A 1 66  ? -15.781 -3.030  -1.123  1.00 26.82  ? 75   TYR A N   1 
ATOM   501  C CA  . TYR A 1 66  ? -15.708 -2.673  0.279   1.00 27.95  ? 75   TYR A CA  1 
ATOM   502  C C   . TYR A 1 66  ? -16.655 -1.504  0.473   1.00 28.92  ? 75   TYR A C   1 
ATOM   503  O O   . TYR A 1 66  ? -17.059 -0.880  -0.499  1.00 27.96  ? 75   TYR A O   1 
ATOM   504  C CB  . TYR A 1 66  ? -14.285 -2.277  0.677   1.00 27.35  ? 75   TYR A CB  1 
ATOM   505  C CG  . TYR A 1 66  ? -13.843 -0.926  0.160   1.00 27.37  ? 75   TYR A CG  1 
ATOM   506  C CD1 . TYR A 1 66  ? -13.996 0.220   0.923   1.00 27.20  ? 75   TYR A CD1 1 
ATOM   507  C CD2 . TYR A 1 66  ? -13.276 -0.801  -1.086  1.00 25.49  ? 75   TYR A CD2 1 
ATOM   508  C CE1 . TYR A 1 66  ? -13.568 1.438   0.465   1.00 23.34  ? 75   TYR A CE1 1 
ATOM   509  C CE2 . TYR A 1 66  ? -12.871 0.405   -1.559  1.00 24.37  ? 75   TYR A CE2 1 
ATOM   510  C CZ  . TYR A 1 66  ? -13.014 1.529   -0.779  1.00 24.80  ? 75   TYR A CZ  1 
ATOM   511  O OH  . TYR A 1 66  ? -12.585 2.754   -1.255  1.00 20.62  ? 75   TYR A OH  1 
ATOM   512  N N   . LYS A 1 67  ? -17.020 -1.242  1.719   1.00 30.23  ? 76   LYS A N   1 
ATOM   513  C CA  . LYS A 1 67  ? -17.892 -0.134  2.020   1.00 32.51  ? 76   LYS A CA  1 
ATOM   514  C C   . LYS A 1 67  ? -17.360 0.591   3.250   1.00 33.52  ? 76   LYS A C   1 
ATOM   515  O O   . LYS A 1 67  ? -16.523 0.065   3.961   1.00 33.10  ? 76   LYS A O   1 
ATOM   516  C CB  . LYS A 1 67  ? -19.291 -0.645  2.289   1.00 32.54  ? 76   LYS A CB  1 
ATOM   517  C CG  . LYS A 1 67  ? -19.375 -1.366  3.603   1.00 34.46  ? 76   LYS A CG  1 
ATOM   518  C CD  . LYS A 1 67  ? -20.364 -2.482  3.504   1.00 36.38  ? 76   LYS A CD  1 
ATOM   519  C CE  . LYS A 1 67  ? -20.793 -2.987  4.861   1.00 37.81  ? 76   LYS A CE  1 
ATOM   520  N NZ  . LYS A 1 67  ? -22.044 -3.759  4.754   1.00 39.79  ? 76   LYS A NZ  1 
ATOM   521  N N   . ARG A 1 68  ? -17.803 1.827   3.455   1.00 35.65  ? 77   ARG A N   1 
ATOM   522  C CA  . ARG A 1 68  ? -17.454 2.610   4.629   1.00 37.55  ? 77   ARG A CA  1 
ATOM   523  C C   . ARG A 1 68  ? -18.623 2.458   5.596   1.00 39.30  ? 77   ARG A C   1 
ATOM   524  O O   . ARG A 1 68  ? -19.779 2.598   5.183   1.00 40.16  ? 77   ARG A O   1 
ATOM   525  C CB  . ARG A 1 68  ? -17.314 4.080   4.232   1.00 37.60  ? 77   ARG A CB  1 
ATOM   526  C CG  . ARG A 1 68  ? -16.085 4.386   3.370   1.00 37.13  ? 77   ARG A CG  1 
ATOM   527  C CD  . ARG A 1 68  ? -14.804 4.540   4.177   1.00 34.35  ? 77   ARG A CD  1 
ATOM   528  N NE  . ARG A 1 68  ? -13.621 4.750   3.361   1.00 30.94  ? 77   ARG A NE  1 
ATOM   529  C CZ  . ARG A 1 68  ? -12.395 4.858   3.869   1.00 30.53  ? 77   ARG A CZ  1 
ATOM   530  N NH1 . ARG A 1 68  ? -12.207 4.789   5.181   1.00 28.71  ? 77   ARG A NH1 1 
ATOM   531  N NH2 . ARG A 1 68  ? -11.360 5.030   3.081   1.00 27.95  ? 77   ARG A NH2 1 
ATOM   532  N N   . VAL A 1 69  ? -18.362 2.129   6.857   1.00 40.58  ? 78   VAL A N   1 
ATOM   533  C CA  . VAL A 1 69  ? -19.431 2.119   7.863   1.00 42.05  ? 78   VAL A CA  1 
ATOM   534  C C   . VAL A 1 69  ? -19.029 3.212   8.840   1.00 42.55  ? 78   VAL A C   1 
ATOM   535  O O   . VAL A 1 69  ? -18.284 2.950   9.778   1.00 43.16  ? 78   VAL A O   1 
ATOM   536  C CB  . VAL A 1 69  ? -19.594 0.765   8.581   1.00 42.21  ? 78   VAL A CB  1 
ATOM   537  C CG1 . VAL A 1 69  ? -20.500 0.907   9.820   1.00 42.76  ? 78   VAL A CG1 1 
ATOM   538  C CG2 . VAL A 1 69  ? -20.201 -0.241  7.638   1.00 42.85  ? 78   VAL A CG2 1 
ATOM   539  N N   . ASN A 1 70  ? -19.556 4.419   8.628   1.00 42.85  ? 79   ASN A N   1 
ATOM   540  C CA  . ASN A 1 70  ? -19.006 5.623   9.252   1.00 43.19  ? 79   ASN A CA  1 
ATOM   541  C C   . ASN A 1 70  ? -17.584 5.726   8.681   1.00 42.00  ? 79   ASN A C   1 
ATOM   542  O O   . ASN A 1 70  ? -17.427 5.539   7.491   1.00 42.84  ? 79   ASN A O   1 
ATOM   543  C CB  . ASN A 1 70  ? -19.120 5.616   10.778  1.00 43.94  ? 79   ASN A CB  1 
ATOM   544  C CG  . ASN A 1 70  ? -20.489 6.113   11.244  1.00 46.60  ? 79   ASN A CG  1 
ATOM   545  O OD1 . ASN A 1 70  ? -21.436 6.177   10.445  1.00 49.35  ? 79   ASN A OD1 1 
ATOM   546  N ND2 . ASN A 1 70  ? -20.600 6.481   12.526  1.00 49.63  ? 79   ASN A ND2 1 
ATOM   547  N N   . GLY A 1 71  ? -16.538 5.978   9.444   1.00 40.48  ? 80   GLY A N   1 
ATOM   548  C CA  . GLY A 1 71  ? -15.244 6.010   8.773   1.00 37.52  ? 80   GLY A CA  1 
ATOM   549  C C   . GLY A 1 71  ? -14.617 4.653   8.414   1.00 35.62  ? 80   GLY A C   1 
ATOM   550  O O   . GLY A 1 71  ? -13.733 4.577   7.561   1.00 35.70  ? 80   GLY A O   1 
ATOM   551  N N   . ALA A 1 72  ? -15.069 3.588   9.070   1.00 33.15  ? 81   ALA A N   1 
ATOM   552  C CA  . ALA A 1 72  ? -14.440 2.269   8.981   1.00 30.92  ? 81   ALA A CA  1 
ATOM   553  C C   . ALA A 1 72  ? -14.486 1.573   7.609   1.00 29.31  ? 81   ALA A C   1 
ATOM   554  O O   . ALA A 1 72  ? -15.510 1.536   6.959   1.00 29.06  ? 81   ALA A O   1 
ATOM   555  C CB  . ALA A 1 72  ? -15.023 1.349   10.060  1.00 30.91  ? 81   ALA A CB  1 
ATOM   556  N N   . ILE A 1 73  ? -13.365 1.008   7.184   1.00 27.48  ? 82   ILE A N   1 
ATOM   557  C CA  . ILE A 1 73  ? -13.358 0.233   5.955   1.00 25.58  ? 82   ILE A CA  1 
ATOM   558  C C   . ILE A 1 73  ? -13.828 -1.180  6.261   1.00 24.97  ? 82   ILE A C   1 
ATOM   559  O O   . ILE A 1 73  ? -13.329 -1.846  7.170   1.00 24.66  ? 82   ILE A O   1 
ATOM   560  C CB  . ILE A 1 73  ? -11.937 0.218   5.343   1.00 25.13  ? 82   ILE A CB  1 
ATOM   561  C CG1 . ILE A 1 73  ? -11.521 1.658   5.016   1.00 25.04  ? 82   ILE A CG1 1 
ATOM   562  C CG2 . ILE A 1 73  ? -11.904 -0.662  4.085   1.00 22.77  ? 82   ILE A CG2 1 
ATOM   563  C CD1 . ILE A 1 73  ? -10.048 1.846   4.689   1.00 22.41  ? 82   ILE A CD1 1 
ATOM   564  N N   . VAL A 1 74  ? -14.822 -1.656  5.538   1.00 24.23  ? 83   VAL A N   1 
ATOM   565  C CA  . VAL A 1 74  ? -15.303 -3.014  5.753   1.00 24.52  ? 83   VAL A CA  1 
ATOM   566  C C   . VAL A 1 74  ? -15.184 -3.761  4.397   1.00 24.98  ? 83   VAL A C   1 
ATOM   567  O O   . VAL A 1 74  ? -15.767 -3.338  3.399   1.00 24.56  ? 83   VAL A O   1 
ATOM   568  C CB  . VAL A 1 74  ? -16.741 -3.008  6.187   1.00 25.15  ? 83   VAL A CB  1 
ATOM   569  C CG1 . VAL A 1 74  ? -17.251 -4.435  6.380   1.00 25.76  ? 83   VAL A CG1 1 
ATOM   570  C CG2 . VAL A 1 74  ? -16.908 -2.150  7.503   1.00 25.41  ? 83   VAL A CG2 1 
ATOM   571  N N   . CYS A 1 75  ? -14.404 -4.834  4.347   1.00 24.47  ? 84   CYS A N   1 
ATOM   572  C CA  . CYS A 1 75  ? -14.255 -5.587  3.098   1.00 24.75  ? 84   CYS A CA  1 
ATOM   573  C C   . CYS A 1 75  ? -15.505 -6.460  2.891   1.00 26.17  ? 84   CYS A C   1 
ATOM   574  O O   . CYS A 1 75  ? -15.899 -7.145  3.805   1.00 26.49  ? 84   CYS A O   1 
ATOM   575  C CB  . CYS A 1 75  ? -13.018 -6.463  3.183   1.00 23.21  ? 84   CYS A CB  1 
ATOM   576  S SG  . CYS A 1 75  ? -11.476 -5.528  3.164   1.00 21.77  ? 84   CYS A SG  1 
ATOM   577  N N   . GLU A 1 76  ? -16.160 -6.403  1.736   1.00 27.51  ? 85   GLU A N   1 
ATOM   578  C CA  . GLU A 1 76  ? -17.344 -7.254  1.525   1.00 30.40  ? 85   GLU A CA  1 
ATOM   579  C C   . GLU A 1 76  ? -16.940 -8.642  1.046   1.00 30.55  ? 85   GLU A C   1 
ATOM   580  O O   . GLU A 1 76  ? -15.829 -8.839  0.575   1.00 29.71  ? 85   GLU A O   1 
ATOM   581  C CB  . GLU A 1 76  ? -18.316 -6.632  0.537   1.00 30.79  ? 85   GLU A CB  1 
ATOM   582  C CG  . GLU A 1 76  ? -18.318 -5.129  0.643   1.00 36.50  ? 85   GLU A CG  1 
ATOM   583  C CD  . GLU A 1 76  ? -19.612 -4.499  0.194   1.00 43.39  ? 85   GLU A CD  1 
ATOM   584  O OE1 . GLU A 1 76  ? -19.627 -3.952  -0.931  1.00 46.67  ? 85   GLU A OE1 1 
ATOM   585  O OE2 . GLU A 1 76  ? -20.599 -4.536  0.976   1.00 45.15  ? 85   GLU A OE2 1 
ATOM   586  N N   . LYS A 1 77  ? -17.855 -9.592  1.161   1.00 31.76  ? 86   LYS A N   1 
ATOM   587  C CA  . LYS A 1 77  ? -17.535 -10.971 0.854   1.00 33.31  ? 86   LYS A CA  1 
ATOM   588  C C   . LYS A 1 77  ? -17.397 -11.182 -0.643  1.00 32.51  ? 86   LYS A C   1 
ATOM   589  O O   . LYS A 1 77  ? -18.345 -11.044 -1.379  1.00 32.96  ? 86   LYS A O   1 
ATOM   590  C CB  . LYS A 1 77  ? -18.588 -11.907 1.447   1.00 34.27  ? 86   LYS A CB  1 
ATOM   591  C CG  . LYS A 1 77  ? -18.178 -13.385 1.417   1.00 38.27  ? 86   LYS A CG  1 
ATOM   592  C CD  . LYS A 1 77  ? -19.198 -14.220 0.647   1.00 42.97  ? 86   LYS A CD  1 
ATOM   593  C CE  . LYS A 1 77  ? -18.953 -15.713 0.863   1.00 45.12  ? 86   LYS A CE  1 
ATOM   594  N NZ  . LYS A 1 77  ? -18.505 -16.001 2.266   1.00 47.06  ? 86   LYS A NZ  1 
ATOM   595  N N   . GLY A 1 78  ? -16.255 -11.726 -1.282  1.00 19.47  ? 88   GLY A N   1 
ATOM   596  C CA  . GLY A 1 78  ? -15.961 -12.110 -2.656  1.00 19.30  ? 88   GLY A CA  1 
ATOM   597  C C   . GLY A 1 78  ? -15.276 -13.425 -2.540  1.00 20.00  ? 88   GLY A C   1 
ATOM   598  O O   . GLY A 1 78  ? -15.523 -14.185 -1.611  1.00 20.23  ? 88   GLY A O   1 
ATOM   599  N N   . THR A 1 79  ? -14.404 -13.714 -3.486  1.00 19.51  ? 89   THR A N   1 
ATOM   600  C CA  . THR A 1 79  ? -13.676 -14.949 -3.388  1.00 19.72  ? 89   THR A CA  1 
ATOM   601  C C   . THR A 1 79  ? -12.665 -14.809 -2.272  1.00 21.04  ? 89   THR A C   1 
ATOM   602  O O   . THR A 1 79  ? -12.531 -13.758 -1.665  1.00 21.07  ? 89   THR A O   1 
ATOM   603  C CB  . THR A 1 79  ? -12.940 -15.282 -4.668  1.00 19.68  ? 89   THR A CB  1 
ATOM   604  O OG1 . THR A 1 79  ? -11.849 -14.366 -4.834  1.00 18.28  ? 89   THR A OG1 1 
ATOM   605  C CG2 . THR A 1 79  ? -13.881 -15.190 -5.872  1.00 16.19  ? 89   THR A CG2 1 
ATOM   606  N N   . SER A 1 80  ? -11.973 -15.870 -2.005  1.00 20.24  ? 90   SER A N   1 
ATOM   607  C CA  . SER A 1 80  ? -11.001 -15.841 -0.919  1.00 21.43  ? 90   SER A CA  1 
ATOM   608  C C   . SER A 1 80  ? -9.806  -14.947 -1.235  1.00 20.51  ? 90   SER A C   1 
ATOM   609  O O   . SER A 1 80  ? -9.318  -14.265 -0.343  1.00 20.29  ? 90   SER A O   1 
ATOM   610  C CB  . SER A 1 80  ? -10.648 -17.265 -0.538  1.00 21.50  ? 90   SER A CB  1 
ATOM   611  O OG  . SER A 1 80  ? -9.248  -17.424 -0.431  1.00 26.38  ? 90   SER A OG  1 
ATOM   612  N N   . CYS A 1 81  ? -9.298  -14.931 -2.475  1.00 20.05  ? 91   CYS A N   1 
ATOM   613  C CA  . CYS A 1 81  ? -8.242  -13.980 -2.878  1.00 20.09  ? 91   CYS A CA  1 
ATOM   614  C C   . CYS A 1 81  ? -8.666  -12.500 -2.692  1.00 19.69  ? 91   CYS A C   1 
ATOM   615  O O   . CYS A 1 81  ? -7.898  -11.659 -2.202  1.00 19.54  ? 91   CYS A O   1 
ATOM   616  C CB  . CYS A 1 81  ? -7.818  -14.223 -4.358  1.00 20.06  ? 91   CYS A CB  1 
ATOM   617  S SG  . CYS A 1 81  ? -6.570  -15.549 -4.586  1.00 22.36  ? 91   CYS A SG  1 
ATOM   618  N N   . GLU A 1 82  ? -9.892  -12.198 -3.099  1.00 18.82  ? 92   GLU A N   1 
ATOM   619  C CA  . GLU A 1 82  ? -10.466 -10.856 -2.985  1.00 18.89  ? 92   GLU A CA  1 
ATOM   620  C C   . GLU A 1 82  ? -10.529 -10.374 -1.531  1.00 18.87  ? 92   GLU A C   1 
ATOM   621  O O   . GLU A 1 82  ? -10.207 -9.220  -1.220  1.00 18.08  ? 92   GLU A O   1 
ATOM   622  C CB  . GLU A 1 82  ? -11.879 -10.843 -3.592  1.00 17.93  ? 92   GLU A CB  1 
ATOM   623  C CG  . GLU A 1 82  ? -11.880 -10.605 -5.084  1.00 18.58  ? 92   GLU A CG  1 
ATOM   624  C CD  . GLU A 1 82  ? -13.083 -11.184 -5.818  1.00 20.11  ? 92   GLU A CD  1 
ATOM   625  O OE1 . GLU A 1 82  ? -14.158 -11.380 -5.242  1.00 22.39  ? 92   GLU A OE1 1 
ATOM   626  O OE2 . GLU A 1 82  ? -12.922 -11.438 -7.025  1.00 23.04  ? 92   GLU A OE2 1 
ATOM   627  N N   . ASN A 1 83  ? -10.990 -11.248 -0.662  1.00 19.18  ? 93   ASN A N   1 
ATOM   628  C CA  . ASN A 1 83  ? -11.108 -10.908 0.759   1.00 20.25  ? 93   ASN A CA  1 
ATOM   629  C C   . ASN A 1 83  ? -9.745  -10.581 1.326   1.00 20.07  ? 93   ASN A C   1 
ATOM   630  O O   . ASN A 1 83  ? -9.578  -9.605  2.029   1.00 20.16  ? 93   ASN A O   1 
ATOM   631  C CB  . ASN A 1 83  ? -11.660 -12.084 1.563   1.00 20.43  ? 93   ASN A CB  1 
ATOM   632  C CG  . ASN A 1 83  ? -13.075 -12.434 1.187   1.00 23.71  ? 93   ASN A CG  1 
ATOM   633  O OD1 . ASN A 1 83  ? -13.784 -11.618 0.622   1.00 26.36  ? 93   ASN A OD1 1 
ATOM   634  N ND2 . ASN A 1 83  ? -13.497 -13.665 1.501   1.00 24.75  ? 93   ASN A ND2 1 
ATOM   635  N N   . ARG A 1 84  ? -8.772  -11.422 0.999   1.00 19.59  ? 94   ARG A N   1 
ATOM   636  C CA  . ARG A 1 84  ? -7.429  -11.288 1.524   1.00 20.72  ? 94   ARG A CA  1 
ATOM   637  C C   . ARG A 1 84  ? -6.713  -10.088 0.891   1.00 20.03  ? 94   ARG A C   1 
ATOM   638  O O   . ARG A 1 84  ? -5.980  -9.410  1.591   1.00 19.65  ? 94   ARG A O   1 
ATOM   639  C CB  . ARG A 1 84  ? -6.639  -12.575 1.380   1.00 20.82  ? 94   ARG A CB  1 
ATOM   640  C CG  . ARG A 1 84  ? -7.211  -13.701 2.240   1.00 24.84  ? 94   ARG A CG  1 
ATOM   641  C CD  . ARG A 1 84  ? -6.750  -15.100 1.768   1.00 30.25  ? 94   ARG A CD  1 
ATOM   642  N NE  . ARG A 1 84  ? -5.497  -15.499 2.397   1.00 35.48  ? 94   ARG A NE  1 
ATOM   643  C CZ  . ARG A 1 84  ? -4.632  -16.383 1.875   1.00 38.73  ? 94   ARG A CZ  1 
ATOM   644  N NH1 . ARG A 1 84  ? -4.875  -16.971 0.697   1.00 36.72  ? 94   ARG A NH1 1 
ATOM   645  N NH2 . ARG A 1 84  ? -3.512  -16.668 2.536   1.00 39.32  ? 94   ARG A NH2 1 
ATOM   646  N N   . ILE A 1 85  ? -6.949  -9.813  -0.389  1.00 19.41  ? 95   ILE A N   1 
ATOM   647  C CA  . ILE A 1 85  ? -6.329  -8.650  -1.015  1.00 18.71  ? 95   ILE A CA  1 
ATOM   648  C C   . ILE A 1 85  ? -6.883  -7.395  -0.364  1.00 18.43  ? 95   ILE A C   1 
ATOM   649  O O   . ILE A 1 85  ? -6.154  -6.478  0.026   1.00 18.07  ? 95   ILE A O   1 
ATOM   650  C CB  . ILE A 1 85  ? -6.617  -8.615  -2.529  1.00 18.72  ? 95   ILE A CB  1 
ATOM   651  C CG1 . ILE A 1 85  ? -5.860  -9.741  -3.239  1.00 19.27  ? 95   ILE A CG1 1 
ATOM   652  C CG2 . ILE A 1 85  ? -6.201  -7.259  -3.139  1.00 17.80  ? 95   ILE A CG2 1 
ATOM   653  C CD1 . ILE A 1 85  ? -6.470  -10.086 -4.592  1.00 22.10  ? 95   ILE A CD1 1 
ATOM   654  N N   . CYS A 1 86  ? -8.189  -7.318  -0.269  1.00 17.30  ? 96   CYS A N   1 
ATOM   655  C CA  . CYS A 1 86  ? -8.785  -6.181  0.381   1.00 17.33  ? 96   CYS A CA  1 
ATOM   656  C C   . CYS A 1 86  ? -8.187  -5.965  1.819   1.00 17.83  ? 96   CYS A C   1 
ATOM   657  O O   . CYS A 1 86  ? -7.912  -4.814  2.188   1.00 18.80  ? 96   CYS A O   1 
ATOM   658  C CB  . CYS A 1 86  ? -10.326 -6.347  0.452   1.00 16.73  ? 96   CYS A CB  1 
ATOM   659  S SG  . CYS A 1 86  ? -11.258 -4.972  1.198   1.00 19.21  ? 96   CYS A SG  1 
ATOM   660  N N   . GLU A 1 87  ? -8.015  -7.020  2.631   1.00 17.21  ? 97   GLU A N   1 
ATOM   661  C CA  . GLU A 1 87  ? -7.441  -6.840  3.981   1.00 18.43  ? 97   GLU A CA  1 
ATOM   662  C C   . GLU A 1 87  ? -6.032  -6.245  3.912   1.00 18.54  ? 97   GLU A C   1 
ATOM   663  O O   . GLU A 1 87  ? -5.736  -5.351  4.697   1.00 17.97  ? 97   GLU A O   1 
ATOM   664  C CB  . GLU A 1 87  ? -7.464  -8.112  4.865   1.00 17.66  ? 97   GLU A CB  1 
ATOM   665  C CG  . GLU A 1 87  ? -8.861  -8.555  5.338   1.00 21.32  ? 97   GLU A CG  1 
ATOM   666  C CD  . GLU A 1 87  ? -9.543  -7.570  6.265   1.00 24.43  ? 97   GLU A CD  1 
ATOM   667  O OE1 . GLU A 1 87  ? -8.853  -6.801  6.974   1.00 27.45  ? 97   GLU A OE1 1 
ATOM   668  O OE2 . GLU A 1 87  ? -10.789 -7.562  6.286   1.00 29.01  ? 97   GLU A OE2 1 
ATOM   669  N N   . CYS A 1 88  ? -5.189  -6.727  2.980   1.00 17.79  ? 98   CYS A N   1 
ATOM   670  C CA  . CYS A 1 88  ? -3.877  -6.109  2.738   1.00 18.89  ? 98   CYS A CA  1 
ATOM   671  C C   . CYS A 1 88  ? -3.950  -4.587  2.448   1.00 18.76  ? 98   CYS A C   1 
ATOM   672  O O   . CYS A 1 88  ? -3.179  -3.780  3.030   1.00 19.57  ? 98   CYS A O   1 
ATOM   673  C CB  . CYS A 1 88  ? -3.148  -6.793  1.560   1.00 17.72  ? 98   CYS A CB  1 
ATOM   674  S SG  . CYS A 1 88  ? -2.686  -8.487  1.996   1.00 19.74  ? 98   CYS A SG  1 
ATOM   675  N N   . ASP A 1 89  ? -4.825  -4.208  1.519   1.00 17.30  ? 99   ASP A N   1 
ATOM   676  C CA  . ASP A 1 89  ? -4.965  -2.794  1.102   1.00 17.67  ? 99   ASP A CA  1 
ATOM   677  C C   . ASP A 1 89  ? -5.559  -1.914  2.214   1.00 17.44  ? 99   ASP A C   1 
ATOM   678  O O   . ASP A 1 89  ? -5.126  -0.804  2.438   1.00 17.58  ? 99   ASP A O   1 
ATOM   679  C CB  . ASP A 1 89  ? -5.885  -2.650  -0.105  1.00 16.63  ? 99   ASP A CB  1 
ATOM   680  C CG  . ASP A 1 89  ? -5.294  -3.236  -1.366  1.00 17.64  ? 99   ASP A CG  1 
ATOM   681  O OD1 . ASP A 1 89  ? -4.121  -3.715  -1.411  1.00 17.23  ? 99   ASP A OD1 1 
ATOM   682  O OD2 . ASP A 1 89  ? -5.965  -3.228  -2.386  1.00 18.92  ? 99   ASP A OD2 1 
ATOM   683  N N   . LYS A 1 90  ? -6.600  -2.413  2.853   1.00 17.53  ? 100  LYS A N   1 
ATOM   684  C CA  . LYS A 1 90  ? -7.215  -1.710  3.950   1.00 18.07  ? 100  LYS A CA  1 
ATOM   685  C C   . LYS A 1 90  ? -6.157  -1.327  4.987   1.00 18.19  ? 100  LYS A C   1 
ATOM   686  O O   . LYS A 1 90  ? -6.163  -0.180  5.487   1.00 17.12  ? 100  LYS A O   1 
ATOM   687  C CB  . LYS A 1 90  ? -8.283  -2.579  4.608   1.00 17.72  ? 100  LYS A CB  1 
ATOM   688  C CG  . LYS A 1 90  ? -8.720  -2.085  5.999   1.00 19.98  ? 100  LYS A CG  1 
ATOM   689  C CD  . LYS A 1 90  ? -9.653  -3.114  6.685   1.00 22.18  ? 100  LYS A CD  1 
ATOM   690  C CE  . LYS A 1 90  ? -10.268 -2.531  7.954   1.00 24.17  ? 100  LYS A CE  1 
ATOM   691  N NZ  . LYS A 1 90  ? -11.360 -3.382  8.508   1.00 26.40  ? 100  LYS A NZ  1 
ATOM   692  N N   . ALA A 1 91  ? -5.293  -2.291  5.338   1.00 16.77  ? 101  ALA A N   1 
ATOM   693  C CA  . ALA A 1 91  ? -4.229  -2.042  6.311   1.00 16.98  ? 101  ALA A CA  1 
ATOM   694  C C   . ALA A 1 91  ? -3.236  -0.990  5.824   1.00 17.47  ? 101  ALA A C   1 
ATOM   695  O O   . ALA A 1 91  ? -2.818  -0.139  6.592   1.00 17.82  ? 101  ALA A O   1 
ATOM   696  C CB  . ALA A 1 91  ? -3.478  -3.338  6.668   1.00 16.28  ? 101  ALA A CB  1 
ATOM   697  N N   . ALA A 1 92  ? -2.826  -1.069  4.561   1.00 17.66  ? 102  ALA A N   1 
ATOM   698  C CA  . ALA A 1 92  ? -1.913  -0.073  4.013   1.00 18.58  ? 102  ALA A CA  1 
ATOM   699  C C   . ALA A 1 92  ? -2.543  1.346   4.094   1.00 19.14  ? 102  ALA A C   1 
ATOM   700  O O   . ALA A 1 92  ? -1.890  2.308   4.477   1.00 18.30  ? 102  ALA A O   1 
ATOM   701  C CB  . ALA A 1 92  ? -1.506  -0.433  2.563   1.00 17.29  ? 102  ALA A CB  1 
ATOM   702  N N   . ALA A 1 93  ? -3.823  1.460   3.763   1.00 20.16  ? 103  ALA A N   1 
ATOM   703  C CA  . ALA A 1 93  ? -4.472  2.773   3.787   1.00 21.44  ? 103  ALA A CA  1 
ATOM   704  C C   . ALA A 1 93  ? -4.527  3.407   5.210   1.00 22.02  ? 103  ALA A C   1 
ATOM   705  O O   . ALA A 1 93  ? -4.313  4.614   5.371   1.00 21.74  ? 103  ALA A O   1 
ATOM   706  C CB  . ALA A 1 93  ? -5.854  2.690   3.166   1.00 21.45  ? 103  ALA A CB  1 
ATOM   707  N N   . ILE A 1 94  ? -4.831  2.589   6.217   1.00 22.02  ? 104  ILE A N   1 
ATOM   708  C CA  . ILE A 1 94  ? -4.803  3.026   7.615   1.00 22.37  ? 104  ILE A CA  1 
ATOM   709  C C   . ILE A 1 94  ? -3.361  3.380   8.013   1.00 22.32  ? 104  ILE A C   1 
ATOM   710  O O   . ILE A 1 94  ? -3.104  4.420   8.608   1.00 21.88  ? 104  ILE A O   1 
ATOM   711  C CB  . ILE A 1 94  ? -5.328  1.903   8.505   1.00 22.63  ? 104  ILE A CB  1 
ATOM   712  C CG1 . ILE A 1 94  ? -6.810  1.721   8.232   1.00 25.26  ? 104  ILE A CG1 1 
ATOM   713  C CG2 . ILE A 1 94  ? -5.103  2.201   10.007  1.00 21.96  ? 104  ILE A CG2 1 
ATOM   714  C CD1 . ILE A 1 94  ? -7.478  0.477   8.907   1.00 27.14  ? 104  ILE A CD1 1 
ATOM   715  N N   . CYS A 1 95  ? -2.426  2.488   7.700   1.00 21.46  ? 105  CYS A N   1 
ATOM   716  C CA  . CYS A 1 95  ? -1.024  2.787   7.937   1.00 21.37  ? 105  CYS A CA  1 
ATOM   717  C C   . CYS A 1 95  ? -0.657  4.155   7.304   1.00 21.18  ? 105  CYS A C   1 
ATOM   718  O O   . CYS A 1 95  ? -0.014  4.992   7.963   1.00 20.25  ? 105  CYS A O   1 
ATOM   719  C CB  . CYS A 1 95  ? -0.129  1.641   7.440   1.00 20.54  ? 105  CYS A CB  1 
ATOM   720  S SG  . CYS A 1 95  ? 1.589   1.782   7.917   1.00 21.60  ? 105  CYS A SG  1 
ATOM   721  N N   . PHE A 1 96  ? -1.050  4.396   6.047   1.00 21.56  ? 106  PHE A N   1 
ATOM   722  C CA  . PHE A 1 96  ? -0.804  5.715   5.432   1.00 21.86  ? 106  PHE A CA  1 
ATOM   723  C C   . PHE A 1 96  ? -1.430  6.876   6.242   1.00 23.08  ? 106  PHE A C   1 
ATOM   724  O O   . PHE A 1 96  ? -0.808  7.926   6.450   1.00 22.85  ? 106  PHE A O   1 
ATOM   725  C CB  . PHE A 1 96  ? -1.336  5.804   3.981   1.00 22.08  ? 106  PHE A CB  1 
ATOM   726  C CG  . PHE A 1 96  ? -0.578  4.949   2.988   1.00 21.93  ? 106  PHE A CG  1 
ATOM   727  C CD1 . PHE A 1 96  ? 0.763   4.656   3.180   1.00 21.05  ? 106  PHE A CD1 1 
ATOM   728  C CD2 . PHE A 1 96  ? -1.222  4.417   1.881   1.00 23.08  ? 106  PHE A CD2 1 
ATOM   729  C CE1 . PHE A 1 96  ? 1.460   3.852   2.290   1.00 22.97  ? 106  PHE A CE1 1 
ATOM   730  C CE2 . PHE A 1 96  ? -0.536  3.614   0.956   1.00 23.74  ? 106  PHE A CE2 1 
ATOM   731  C CZ  . PHE A 1 96  ? 0.795   3.325   1.145   1.00 23.11  ? 106  PHE A CZ  1 
ATOM   732  N N   . ARG A 1 97  ? -2.673  6.708   6.674   1.00 23.70  ? 107  ARG A N   1 
ATOM   733  C CA  . ARG A 1 97  ? -3.350  7.781   7.378   1.00 24.45  ? 107  ARG A CA  1 
ATOM   734  C C   . ARG A 1 97  ? -2.574  8.052   8.680   1.00 25.24  ? 107  ARG A C   1 
ATOM   735  O O   . ARG A 1 97  ? -2.327  9.215   9.053   1.00 25.02  ? 107  ARG A O   1 
ATOM   736  C CB  . ARG A 1 97  ? -4.820  7.395   7.649   1.00 24.50  ? 107  ARG A CB  1 
ATOM   737  C CG  . ARG A 1 97  ? -5.586  8.380   8.519   1.00 24.60  ? 107  ARG A CG  1 
ATOM   738  C CD  . ARG A 1 97  ? -5.647  9.752   7.880   1.00 24.73  ? 107  ARG A CD  1 
ATOM   739  N NE  . ARG A 1 97  ? -6.468  10.650  8.651   1.00 29.38  ? 107  ARG A NE  1 
ATOM   740  C CZ  . ARG A 1 97  ? -5.976  11.579  9.469   1.00 32.96  ? 107  ARG A CZ  1 
ATOM   741  N NH1 . ARG A 1 97  ? -6.804  12.373  10.136  1.00 34.39  ? 107  ARG A NH1 1 
ATOM   742  N NH2 . ARG A 1 97  ? -4.661  11.739  9.589   1.00 31.22  ? 107  ARG A NH2 1 
ATOM   743  N N   . GLN A 1 98  ? -2.127  6.980   9.329   1.00 25.39  ? 108  GLN A N   1 
ATOM   744  C CA  . GLN A 1 98  ? -1.485  7.103   10.619  1.00 26.40  ? 108  GLN A CA  1 
ATOM   745  C C   . GLN A 1 98  ? -0.132  7.797   10.567  1.00 26.68  ? 108  GLN A C   1 
ATOM   746  O O   . GLN A 1 98  ? 0.291   8.380   11.556  1.00 26.28  ? 108  GLN A O   1 
ATOM   747  C CB  . GLN A 1 98  ? -1.318  5.710   11.224  1.00 26.91  ? 108  GLN A CB  1 
ATOM   748  C CG  . GLN A 1 98  ? -0.886  5.688   12.710  1.00 31.04  ? 108  GLN A CG  1 
ATOM   749  C CD  . GLN A 1 98  ? -1.372  4.412   13.410  1.00 35.99  ? 108  GLN A CD  1 
ATOM   750  O OE1 . GLN A 1 98  ? -1.051  3.300   12.968  1.00 36.69  ? 108  GLN A OE1 1 
ATOM   751  N NE2 . GLN A 1 98  ? -2.170  4.570   14.473  1.00 35.77  ? 108  GLN A NE2 1 
ATOM   752  N N   . ASN A 1 99  ? 0.535   7.750   9.414   1.00 26.02  ? 109  ASN A N   1 
ATOM   753  C CA  . ASN A 1 99  ? 1.860   8.349   9.281   1.00 26.58  ? 109  ASN A CA  1 
ATOM   754  C C   . ASN A 1 99  ? 1.915   9.542   8.353   1.00 27.29  ? 109  ASN A C   1 
ATOM   755  O O   . ASN A 1 99  ? 2.991   9.928   7.889   1.00 26.67  ? 109  ASN A O   1 
ATOM   756  C CB  . ASN A 1 99  ? 2.844   7.286   8.837   1.00 25.42  ? 109  ASN A CB  1 
ATOM   757  C CG  . ASN A 1 99  ? 2.977   6.220   9.869   1.00 25.36  ? 109  ASN A CG  1 
ATOM   758  O OD1 . ASN A 1 99  ? 3.473   6.487   10.951  1.00 22.30  ? 109  ASN A OD1 1 
ATOM   759  N ND2 . ASN A 1 99  ? 2.453   5.026   9.587   1.00 24.69  ? 109  ASN A ND2 1 
ATOM   760  N N   . LEU A 1 100 ? 0.740   10.107  8.092   1.00 28.60  ? 110  LEU A N   1 
ATOM   761  C CA  . LEU A 1 100 ? 0.598   11.218  7.163   1.00 30.89  ? 110  LEU A CA  1 
ATOM   762  C C   . LEU A 1 100 ? 1.393   12.423  7.637   1.00 32.30  ? 110  LEU A C   1 
ATOM   763  O O   . LEU A 1 100 ? 1.845   13.226  6.838   1.00 33.02  ? 110  LEU A O   1 
ATOM   764  C CB  . LEU A 1 100 ? -0.864  11.603  7.063   1.00 30.64  ? 110  LEU A CB  1 
ATOM   765  C CG  . LEU A 1 100 ? -1.356  12.252  5.770   1.00 32.38  ? 110  LEU A CG  1 
ATOM   766  C CD1 . LEU A 1 100 ? -0.647  11.712  4.520   1.00 33.12  ? 110  LEU A CD1 1 
ATOM   767  C CD2 . LEU A 1 100 ? -2.849  12.073  5.680   1.00 30.41  ? 110  LEU A CD2 1 
ATOM   768  N N   . ASN A 1 101 ? 1.572   12.525  8.948   1.00 33.44  ? 111  ASN A N   1 
ATOM   769  C CA  . ASN A 1 101 ? 2.282   13.652  9.525   1.00 35.01  ? 111  ASN A CA  1 
ATOM   770  C C   . ASN A 1 101 ? 3.784   13.623  9.250   1.00 34.65  ? 111  ASN A C   1 
ATOM   771  O O   . ASN A 1 101 ? 4.420   14.670  9.324   1.00 35.13  ? 111  ASN A O   1 
ATOM   772  C CB  . ASN A 1 101 ? 1.983   13.775  11.044  1.00 36.06  ? 111  ASN A CB  1 
ATOM   773  C CG  . ASN A 1 101 ? 0.557   14.294  11.336  1.00 39.64  ? 111  ASN A CG  1 
ATOM   774  O OD1 . ASN A 1 101 ? -0.156  13.779  12.209  1.00 44.81  ? 111  ASN A OD1 1 
ATOM   775  N ND2 . ASN A 1 101 ? 0.146   15.314  10.602  1.00 44.65  ? 111  ASN A ND2 1 
ATOM   776  N N   . THR A 1 102 ? 4.358   12.454  8.945   1.00 33.58  ? 112  THR A N   1 
ATOM   777  C CA  . THR A 1 102 ? 5.785   12.386  8.619   1.00 32.71  ? 112  THR A CA  1 
ATOM   778  C C   . THR A 1 102 ? 6.025   12.160  7.134   1.00 31.92  ? 112  THR A C   1 
ATOM   779  O O   . THR A 1 102 ? 7.159   11.973  6.717   1.00 31.22  ? 112  THR A O   1 
ATOM   780  C CB  . THR A 1 102 ? 6.556   11.308  9.427   1.00 32.76  ? 112  THR A CB  1 
ATOM   781  O OG1 . THR A 1 102 ? 5.937   10.022  9.251   1.00 34.27  ? 112  THR A OG1 1 
ATOM   782  C CG2 . THR A 1 102 ? 6.491   11.577  10.948  1.00 32.61  ? 112  THR A CG2 1 
ATOM   783  N N   . TYR A 1 103 ? 4.961   12.144  6.344   1.00 31.90  ? 113  TYR A N   1 
ATOM   784  C CA  . TYR A 1 103 ? 5.109   11.980  4.904   1.00 31.86  ? 113  TYR A CA  1 
ATOM   785  C C   . TYR A 1 103 ? 6.082   13.070  4.453   1.00 32.60  ? 113  TYR A C   1 
ATOM   786  O O   . TYR A 1 103 ? 5.888   14.240  4.773   1.00 32.21  ? 113  TYR A O   1 
ATOM   787  C CB  . TYR A 1 103 ? 3.755   12.179  4.198   1.00 31.56  ? 113  TYR A CB  1 
ATOM   788  C CG  . TYR A 1 103 ? 3.814   12.095  2.679   1.00 30.97  ? 113  TYR A CG  1 
ATOM   789  C CD1 . TYR A 1 103 ? 4.244   13.182  1.897   1.00 31.38  ? 113  TYR A CD1 1 
ATOM   790  C CD2 . TYR A 1 103 ? 3.462   10.931  2.022   1.00 30.71  ? 113  TYR A CD2 1 
ATOM   791  C CE1 . TYR A 1 103 ? 4.303   13.092  0.485   1.00 31.11  ? 113  TYR A CE1 1 
ATOM   792  C CE2 . TYR A 1 103 ? 3.521   10.825  0.620   1.00 30.88  ? 113  TYR A CE2 1 
ATOM   793  C CZ  . TYR A 1 103 ? 3.940   11.903  -0.141  1.00 32.39  ? 113  TYR A CZ  1 
ATOM   794  O OH  . TYR A 1 103 ? 4.005   11.778  -1.522  1.00 33.35  ? 113  TYR A OH  1 
ATOM   795  N N   . SER A 1 104 ? 7.112   12.706  3.703   1.00 33.24  ? 114  SER A N   1 
ATOM   796  C CA  . SER A 1 104 ? 8.073   13.710  3.285   1.00 34.44  ? 114  SER A CA  1 
ATOM   797  C C   . SER A 1 104 ? 8.365   13.734  1.770   1.00 35.17  ? 114  SER A C   1 
ATOM   798  O O   . SER A 1 104 ? 8.678   12.707  1.162   1.00 33.69  ? 114  SER A O   1 
ATOM   799  C CB  . SER A 1 104 ? 9.349   13.491  4.063   1.00 34.78  ? 114  SER A CB  1 
ATOM   800  O OG  . SER A 1 104 ? 10.346  14.374  3.627   1.00 35.82  ? 114  SER A OG  1 
ATOM   801  N N   . LYS A 1 105 ? 8.295   14.925  1.181   1.00 36.43  ? 115  LYS A N   1 
ATOM   802  C CA  . LYS A 1 105 ? 8.496   15.087  -0.265  1.00 37.69  ? 115  LYS A CA  1 
ATOM   803  C C   . LYS A 1 105 ? 9.904   14.776  -0.723  1.00 37.67  ? 115  LYS A C   1 
ATOM   804  O O   . LYS A 1 105 ? 10.157  14.536  -1.888  1.00 38.06  ? 115  LYS A O   1 
ATOM   805  C CB  . LYS A 1 105 ? 8.074   16.476  -0.724  1.00 38.52  ? 115  LYS A CB  1 
ATOM   806  C CG  . LYS A 1 105 ? 6.581   16.674  -0.627  1.00 41.27  ? 115  LYS A CG  1 
ATOM   807  C CD  . LYS A 1 105 ? 6.174   18.070  -1.048  1.00 46.31  ? 115  LYS A CD  1 
ATOM   808  C CE  . LYS A 1 105 ? 4.754   18.113  -1.554  1.00 48.91  ? 115  LYS A CE  1 
ATOM   809  N NZ  . LYS A 1 105 ? 4.052   19.385  -1.128  1.00 53.84  ? 115  LYS A NZ  1 
ATOM   810  N N   . LYS A 1 106 ? 10.822  14.780  0.215   1.00 38.10  ? 116  LYS A N   1 
ATOM   811  C CA  . LYS A 1 106 ? 12.188  14.396  -0.051  1.00 38.23  ? 116  LYS A CA  1 
ATOM   812  C C   . LYS A 1 106 ? 12.274  12.944  -0.571  1.00 37.58  ? 116  LYS A C   1 
ATOM   813  O O   . LYS A 1 106 ? 13.285  12.547  -1.159  1.00 36.99  ? 116  LYS A O   1 
ATOM   814  C CB  . LYS A 1 106 ? 12.964  14.574  1.260   1.00 38.71  ? 116  LYS A CB  1 
ATOM   815  C CG  . LYS A 1 106 ? 14.154  13.688  1.490   1.00 41.74  ? 116  LYS A CG  1 
ATOM   816  C CD  . LYS A 1 106 ? 14.892  14.128  2.767   1.00 45.83  ? 116  LYS A CD  1 
ATOM   817  C CE  . LYS A 1 106 ? 14.650  13.208  3.968   1.00 47.85  ? 116  LYS A CE  1 
ATOM   818  N NZ  . LYS A 1 106 ? 15.588  13.569  5.084   1.00 50.40  ? 116  LYS A NZ  1 
ATOM   819  N N   . TYR A 1 107 ? 11.212  12.157  -0.352  1.00 36.15  ? 117  TYR A N   1 
ATOM   820  C CA  . TYR A 1 107 ? 11.224  10.743  -0.748  1.00 34.81  ? 117  TYR A CA  1 
ATOM   821  C C   . TYR A 1 107 ? 10.487  10.417  -2.029  1.00 33.54  ? 117  TYR A C   1 
ATOM   822  O O   . TYR A 1 107 ? 10.473  9.282   -2.444  1.00 33.33  ? 117  TYR A O   1 
ATOM   823  C CB  . TYR A 1 107 ? 10.721  9.842   0.380   1.00 34.90  ? 117  TYR A CB  1 
ATOM   824  C CG  . TYR A 1 107 ? 11.655  9.850   1.557   1.00 35.43  ? 117  TYR A CG  1 
ATOM   825  C CD1 . TYR A 1 107 ? 12.966  9.412   1.421   1.00 33.43  ? 117  TYR A CD1 1 
ATOM   826  C CD2 . TYR A 1 107 ? 11.241  10.339  2.798   1.00 35.51  ? 117  TYR A CD2 1 
ATOM   827  C CE1 . TYR A 1 107 ? 13.838  9.427   2.493   1.00 36.22  ? 117  TYR A CE1 1 
ATOM   828  C CE2 . TYR A 1 107 ? 12.119  10.368  3.898   1.00 35.99  ? 117  TYR A CE2 1 
ATOM   829  C CZ  . TYR A 1 107 ? 13.407  9.894   3.733   1.00 36.28  ? 117  TYR A CZ  1 
ATOM   830  O OH  . TYR A 1 107 ? 14.322  9.887   4.743   1.00 36.74  ? 117  TYR A OH  1 
ATOM   831  N N   . MET A 1 108 ? 9.863   11.401  -2.640  1.00 33.07  ? 118  MET A N   1 
ATOM   832  C CA  . MET A 1 108 ? 9.175   11.171  -3.900  1.00 33.51  ? 118  MET A CA  1 
ATOM   833  C C   . MET A 1 108 ? 10.222  10.953  -4.982  1.00 32.54  ? 118  MET A C   1 
ATOM   834  O O   . MET A 1 108 ? 11.298  11.515  -4.907  1.00 32.63  ? 118  MET A O   1 
ATOM   835  C CB  . MET A 1 108 ? 8.300   12.376  -4.254  1.00 33.74  ? 118  MET A CB  1 
ATOM   836  C CG  . MET A 1 108 ? 7.074   12.527  -3.363  1.00 37.80  ? 118  MET A CG  1 
ATOM   837  S SD  . MET A 1 108 ? 6.048   14.018  -3.668  1.00 44.40  ? 118  MET A SD  1 
ATOM   838  C CE  . MET A 1 108 ? 5.575   13.745  -5.286  1.00 41.65  ? 118  MET A CE  1 
ATOM   839  N N   . LEU A 1 109 ? 9.926   10.128  -5.971  1.00 31.94  ? 119  LEU A N   1 
ATOM   840  C CA  . LEU A 1 109 ? 10.886  9.894   -7.038  1.00 31.64  ? 119  LEU A CA  1 
ATOM   841  C C   . LEU A 1 109 ? 12.253  9.503   -6.485  1.00 31.18  ? 119  LEU A C   1 
ATOM   842  O O   . LEU A 1 109 ? 13.279  9.845   -7.065  1.00 31.59  ? 119  LEU A O   1 
ATOM   843  C CB  . LEU A 1 109 ? 11.068  11.170  -7.864  1.00 32.05  ? 119  LEU A CB  1 
ATOM   844  C CG  . LEU A 1 109 ? 9.844   11.635  -8.650  1.00 32.76  ? 119  LEU A CG  1 
ATOM   845  C CD1 . LEU A 1 109 ? 10.240  12.690  -9.670  1.00 34.18  ? 119  LEU A CD1 1 
ATOM   846  C CD2 . LEU A 1 109 ? 9.231   10.440  -9.337  1.00 33.24  ? 119  LEU A CD2 1 
ATOM   847  N N   . TYR A 1 110 ? 12.276  8.813   -5.355  1.00 29.61  ? 120  TYR A N   1 
ATOM   848  C CA  . TYR A 1 110 ? 13.539  8.421   -4.740  1.00 28.81  ? 120  TYR A CA  1 
ATOM   849  C C   . TYR A 1 110 ? 14.378  7.503   -5.646  1.00 27.99  ? 120  TYR A C   1 
ATOM   850  O O   . TYR A 1 110 ? 13.886  6.547   -6.202  1.00 27.33  ? 120  TYR A O   1 
ATOM   851  C CB  . TYR A 1 110 ? 13.236  7.765   -3.403  1.00 28.15  ? 120  TYR A CB  1 
ATOM   852  C CG  . TYR A 1 110 ? 14.373  7.681   -2.432  1.00 28.41  ? 120  TYR A CG  1 
ATOM   853  C CD1 . TYR A 1 110 ? 14.805  8.796   -1.714  1.00 29.70  ? 120  TYR A CD1 1 
ATOM   854  C CD2 . TYR A 1 110 ? 14.970  6.462   -2.170  1.00 28.54  ? 120  TYR A CD2 1 
ATOM   855  C CE1 . TYR A 1 110 ? 15.829  8.692   -0.789  1.00 29.45  ? 120  TYR A CE1 1 
ATOM   856  C CE2 . TYR A 1 110 ? 15.965  6.343   -1.262  1.00 29.07  ? 120  TYR A CE2 1 
ATOM   857  C CZ  . TYR A 1 110 ? 16.398  7.447   -0.578  1.00 31.22  ? 120  TYR A CZ  1 
ATOM   858  O OH  . TYR A 1 110 ? 17.415  7.259   0.303   1.00 32.84  ? 120  TYR A OH  1 
ATOM   859  N N   . PRO A 1 111 ? 15.667  7.768   -5.776  1.00 28.35  ? 121  PRO A N   1 
ATOM   860  C CA  . PRO A 1 111 ? 16.487  6.991   -6.722  1.00 28.22  ? 121  PRO A CA  1 
ATOM   861  C C   . PRO A 1 111 ? 16.744  5.556   -6.267  1.00 27.87  ? 121  PRO A C   1 
ATOM   862  O O   . PRO A 1 111 ? 16.978  5.305   -5.101  1.00 28.11  ? 121  PRO A O   1 
ATOM   863  C CB  . PRO A 1 111 ? 17.831  7.743   -6.755  1.00 28.04  ? 121  PRO A CB  1 
ATOM   864  C CG  . PRO A 1 111 ? 17.742  8.847   -5.792  1.00 27.96  ? 121  PRO A CG  1 
ATOM   865  C CD  . PRO A 1 111 ? 16.447  8.756   -5.015  1.00 27.96  ? 121  PRO A CD  1 
ATOM   866  N N   . ASP A 1 112 ? 16.817  4.640   -7.203  1.00 28.20  ? 122  ASP A N   1 
ATOM   867  C CA  . ASP A 1 112 ? 17.071  3.227   -6.947  1.00 29.08  ? 122  ASP A CA  1 
ATOM   868  C C   . ASP A 1 112 ? 18.380  2.881   -6.208  1.00 29.60  ? 122  ASP A C   1 
ATOM   869  O O   . ASP A 1 112 ? 18.401  2.041   -5.300  1.00 28.93  ? 122  ASP A O   1 
ATOM   870  C CB  . ASP A 1 112 ? 17.055  2.465   -8.253  1.00 29.78  ? 122  ASP A CB  1 
ATOM   871  C CG  . ASP A 1 112 ? 17.310  0.992   -8.039  1.00 30.32  ? 122  ASP A CG  1 
ATOM   872  O OD1 . ASP A 1 112 ? 18.502  0.608   -7.957  1.00 29.94  ? 122  ASP A OD1 1 
ATOM   873  O OD2 . ASP A 1 112 ? 16.334  0.230   -7.969  1.00 32.95  ? 122  ASP A OD2 1 
ATOM   874  N N   . PHE A 1 113 ? 19.463  3.530   -6.618  1.00 32.89  ? 124  PHE A N   1 
ATOM   875  C CA  . PHE A 1 113 ? 20.728  3.197   -6.024  1.00 32.77  ? 124  PHE A CA  1 
ATOM   876  C C   . PHE A 1 113 ? 20.767  3.448   -4.519  1.00 32.80  ? 124  PHE A C   1 
ATOM   877  O O   . PHE A 1 113 ? 21.629  2.899   -3.830  1.00 32.18  ? 124  PHE A O   1 
ATOM   878  C CB  . PHE A 1 113 ? 21.869  3.946   -6.697  1.00 32.67  ? 124  PHE A CB  1 
ATOM   879  C CG  . PHE A 1 113 ? 22.077  5.374   -6.248  1.00 32.51  ? 124  PHE A CG  1 
ATOM   880  C CD1 . PHE A 1 113 ? 21.218  6.392   -6.626  1.00 32.00  ? 124  PHE A CD1 1 
ATOM   881  C CD2 . PHE A 1 113 ? 23.178  5.696   -5.466  1.00 35.19  ? 124  PHE A CD2 1 
ATOM   882  C CE1 . PHE A 1 113 ? 21.450  7.686   -6.215  1.00 32.18  ? 124  PHE A CE1 1 
ATOM   883  C CE2 . PHE A 1 113 ? 23.415  7.012   -5.077  1.00 34.49  ? 124  PHE A CE2 1 
ATOM   884  C CZ  . PHE A 1 113 ? 22.559  8.009   -5.458  1.00 33.29  ? 124  PHE A CZ  1 
ATOM   885  N N   . LEU A 1 114 ? 19.866  4.267   -3.979  1.00 33.52  ? 125  LEU A N   1 
ATOM   886  C CA  . LEU A 1 114 ? 19.890  4.527   -2.545  1.00 34.67  ? 125  LEU A CA  1 
ATOM   887  C C   . LEU A 1 114 ? 19.089  3.479   -1.740  1.00 35.83  ? 125  LEU A C   1 
ATOM   888  O O   . LEU A 1 114 ? 19.106  3.485   -0.509  1.00 35.49  ? 125  LEU A O   1 
ATOM   889  C CB  . LEU A 1 114 ? 19.411  5.944   -2.235  1.00 34.88  ? 125  LEU A CB  1 
ATOM   890  C CG  . LEU A 1 114 ? 20.306  7.097   -2.702  1.00 35.66  ? 125  LEU A CG  1 
ATOM   891  C CD1 . LEU A 1 114 ? 19.564  8.430   -2.581  1.00 35.66  ? 125  LEU A CD1 1 
ATOM   892  C CD2 . LEU A 1 114 ? 21.623  7.137   -1.929  1.00 35.59  ? 125  LEU A CD2 1 
ATOM   893  N N   . CYS A 1 115 ? 18.396  2.590   -2.450  1.00 36.93  ? 126  CYS A N   1 
ATOM   894  C CA  . CYS A 1 115 ? 17.659  1.502   -1.825  1.00 38.36  ? 126  CYS A CA  1 
ATOM   895  C C   . CYS A 1 115 ? 18.578  0.324   -1.822  1.00 41.45  ? 126  CYS A C   1 
ATOM   896  O O   . CYS A 1 115 ? 18.892  -0.256  -2.856  1.00 41.90  ? 126  CYS A O   1 
ATOM   897  C CB  . CYS A 1 115 ? 16.400  1.193   -2.591  1.00 36.61  ? 126  CYS A CB  1 
ATOM   898  S SG  . CYS A 1 115 ? 15.376  2.621   -2.415  1.00 30.20  ? 126  CYS A SG  1 
ATOM   899  N N   . LYS A 1 116 ? 19.040  0.004   -0.636  1.00 44.79  ? 127  LYS A N   1 
ATOM   900  C CA  . LYS A 1 116 ? 20.011  -1.036  -0.514  1.00 48.59  ? 127  LYS A CA  1 
ATOM   901  C C   . LYS A 1 116 ? 19.813  -1.709  0.789   1.00 50.07  ? 127  LYS A C   1 
ATOM   902  O O   . LYS A 1 116 ? 19.464  -1.117  1.821   1.00 50.43  ? 127  LYS A O   1 
ATOM   903  C CB  . LYS A 1 116 ? 21.426  -0.465  -0.577  1.00 49.16  ? 127  LYS A CB  1 
ATOM   904  C CG  . LYS A 1 116 ? 21.912  0.036   0.783   1.00 51.43  ? 127  LYS A CG  1 
ATOM   905  C CD  . LYS A 1 116 ? 22.714  1.297   0.633   1.00 56.20  ? 127  LYS A CD  1 
ATOM   906  C CE  . LYS A 1 116 ? 23.235  1.368   -0.802  1.00 58.68  ? 127  LYS A CE  1 
ATOM   907  N NZ  . LYS A 1 116 ? 24.073  2.574   -1.035  1.00 60.88  ? 127  LYS A NZ  1 
ATOM   908  N N   . GLY A 1 117 ? 20.023  -2.959  0.722   1.00 51.66  ? 128  GLY A N   1 
ATOM   909  C CA  . GLY A 1 117 ? 19.798  -3.712  1.867   1.00 53.75  ? 128  GLY A CA  1 
ATOM   910  C C   . GLY A 1 117 ? 18.994  -4.945  1.610   1.00 55.01  ? 128  GLY A C   1 
ATOM   911  O O   . GLY A 1 117 ? 18.656  -5.359  0.495   1.00 55.29  ? 128  GLY A O   1 
ATOM   912  N N   . GLU A 1 118 ? 18.739  -5.440  2.747   1.00 56.18  ? 129  GLU A N   1 
ATOM   913  C CA  . GLU A 1 118 ? 18.196  -6.711  2.959   1.00 57.18  ? 129  GLU A CA  1 
ATOM   914  C C   . GLU A 1 118 ? 17.132  -6.669  4.059   1.00 56.74  ? 129  GLU A C   1 
ATOM   915  O O   . GLU A 1 118 ? 17.474  -6.469  5.234   1.00 57.08  ? 129  GLU A O   1 
ATOM   916  C CB  . GLU A 1 118 ? 19.406  -7.581  3.342   1.00 57.63  ? 129  GLU A CB  1 
ATOM   917  C CG  . GLU A 1 118 ? 19.194  -9.039  3.644   1.00 60.86  ? 129  GLU A CG  1 
ATOM   918  C CD  . GLU A 1 118 ? 18.926  -9.297  5.121   1.00 64.80  ? 129  GLU A CD  1 
ATOM   919  O OE1 . GLU A 1 118 ? 18.060  -10.148 5.417   1.00 66.64  ? 129  GLU A OE1 1 
ATOM   920  O OE2 . GLU A 1 118 ? 19.593  -8.658  5.969   1.00 67.00  ? 129  GLU A OE2 1 
ATOM   921  N N   . LEU A 1 119 ? 15.857  -6.840  3.760   1.00 55.81  ? 130  LEU A N   1 
ATOM   922  C CA  . LEU A 1 119 ? 14.887  -6.859  4.863   1.00 54.62  ? 130  LEU A CA  1 
ATOM   923  C C   . LEU A 1 119 ? 13.843  -7.950  4.615   1.00 53.76  ? 130  LEU A C   1 
ATOM   924  O O   . LEU A 1 119 ? 13.039  -7.865  3.692   1.00 53.86  ? 130  LEU A O   1 
ATOM   925  C CB  . LEU A 1 119 ? 14.170  -5.542  5.097   1.00 54.79  ? 130  LEU A CB  1 
ATOM   926  C CG  . LEU A 1 119 ? 13.469  -5.506  6.458   1.00 55.60  ? 130  LEU A CG  1 
ATOM   927  C CD1 . LEU A 1 119 ? 14.492  -5.482  7.592   1.00 56.52  ? 130  LEU A CD1 1 
ATOM   928  C CD2 . LEU A 1 119 ? 12.532  -4.322  6.553   1.00 55.17  ? 130  LEU A CD2 1 
ATOM   929  N N   . LYS A 1 120 ? 13.894  -8.987  5.445   1.00 52.28  ? 131  LYS A N   1 
ATOM   930  C CA  . LYS A 1 120 ? 13.002  -10.141 5.247   1.00 51.46  ? 131  LYS A CA  1 
ATOM   931  C C   . LYS A 1 120 ? 11.537  -9.932  5.853   1.00 50.17  ? 131  LYS A C   1 
ATOM   932  O O   . LYS A 1 120 ? 11.399  -9.462  6.979   1.00 48.66  ? 131  LYS A O   1 
ATOM   933  C CB  . LYS A 1 120 ? 13.668  -11.400 5.831   1.00 51.32  ? 131  LYS A CB  1 
ATOM   934  C CG  . LYS A 1 120 ? 15.068  -11.692 5.248   1.00 52.75  ? 131  LYS A CG  1 
ATOM   935  C CD  . LYS A 1 120 ? 15.432  -13.199 5.226   1.00 56.20  ? 131  LYS A CD  1 
ATOM   936  C CE  . LYS A 1 120 ? 16.857  -13.436 4.679   1.00 57.33  ? 131  LYS A CE  1 
ATOM   937  N NZ  . LYS A 1 120 ? 16.991  -14.778 4.052   1.00 57.96  ? 131  LYS A NZ  1 
ATOM   938  N N   . CYS A 1 121 ? 10.495  -10.291 5.088   1.00 26.63  ? 133  CYS A N   1 
ATOM   939  C CA  . CYS A 1 121 ? 9.084   -10.189 5.499   1.00 27.50  ? 133  CYS A CA  1 
ATOM   940  C C   . CYS A 1 121 ? 8.839   -10.978 6.787   1.00 27.87  ? 133  CYS A C   1 
ATOM   941  O O   . CYS A 1 121 ? 8.041   -10.585 7.636   1.00 27.91  ? 133  CYS A O   1 
ATOM   942  C CB  . CYS A 1 121 ? 8.161   -10.681 4.392   1.00 26.83  ? 133  CYS A CB  1 
ATOM   943  S SG  . CYS A 1 121 ? 7.715   -9.417  3.152   1.00 24.62  ? 133  CYS A SG  1 
HETATM 944  C C1  . IBP B 2 .   ? 3.721   -3.291  -7.896  0.50 61.78  ? 3960 IBP A C1  1 
HETATM 945  C C2  . IBP B 2 .   ? 0.251   1.238   -10.852 0.50 59.38  ? 3960 IBP A C2  1 
HETATM 946  C C3  . IBP B 2 .   ? -0.008  2.727   -10.929 0.50 59.18  ? 3960 IBP A C3  1 
HETATM 947  C C4  . IBP B 2 .   ? -0.658  3.203   -9.630  0.50 59.35  ? 3960 IBP A C4  1 
HETATM 948  C C5  . IBP B 2 .   ? 1.255   3.515   -11.253 0.50 58.46  ? 3960 IBP A C5  1 
HETATM 949  C C6  . IBP B 2 .   ? 4.333   -2.277  -8.828  0.50 61.05  ? 3960 IBP A C6  1 
HETATM 950  C C7  . IBP B 2 .   ? 4.918   -3.000  -10.034 0.50 60.85  ? 3960 IBP A C7  1 
HETATM 951  C C8  . IBP B 2 .   ? 3.323   -1.300  -9.306  0.50 60.55  ? 3960 IBP A C8  1 
HETATM 952  C C9  . IBP B 2 .   ? 3.434   0.070   -9.068  0.50 60.10  ? 3960 IBP A C9  1 
HETATM 953  C C10 . IBP B 2 .   ? 2.459   0.959   -9.541  0.50 59.87  ? 3960 IBP A C10 1 
HETATM 954  C C11 . IBP B 2 .   ? 1.376   0.463   -10.267 0.50 59.70  ? 3960 IBP A C11 1 
HETATM 955  C C12 . IBP B 2 .   ? 1.285   -0.897  -10.500 0.50 60.16  ? 3960 IBP A C12 1 
HETATM 956  C C13 . IBP B 2 .   ? 2.245   -1.773  -10.033 0.50 60.45  ? 3960 IBP A C13 1 
HETATM 957  O O1  . IBP B 2 .   ? 4.396   -4.210  -7.455  0.50 62.72  ? 3960 IBP A O1  1 
HETATM 958  O O2  . IBP B 2 .   ? 2.545   -3.217  -7.574  0.50 62.27  ? 3960 IBP A O2  1 
HETATM 959  O O   . HOH C 3 .   ? 0.698   -1.920  5.131   1.00 15.04  ? 3961 HOH A O   1 
HETATM 960  O O   . HOH C 3 .   ? 7.028   -12.088 9.478   1.00 22.14  ? 3962 HOH A O   1 
HETATM 961  O O   . HOH C 3 .   ? -12.607 -18.466 -3.192  1.00 20.42  ? 3963 HOH A O   1 
HETATM 962  O O   . HOH C 3 .   ? -12.504 -13.681 -9.244  1.00 27.14  ? 3964 HOH A O   1 
HETATM 963  O O   . HOH C 3 .   ? -6.120  -15.522 -8.795  1.00 19.25  ? 3965 HOH A O   1 
HETATM 964  O O   . HOH C 3 .   ? 1.498   8.616   4.582   1.00 20.97  ? 3966 HOH A O   1 
HETATM 965  O O   . HOH C 3 .   ? -2.483  -17.414 -2.692  1.00 27.34  ? 3967 HOH A O   1 
HETATM 966  O O   . HOH C 3 .   ? -5.794  -4.461  -4.895  1.00 13.98  ? 3968 HOH A O   1 
HETATM 967  O O   . HOH C 3 .   ? -10.540 -14.152 -7.237  1.00 17.06  ? 3969 HOH A O   1 
HETATM 968  O O   . HOH C 3 .   ? -15.341 -8.322  -2.489  1.00 26.12  ? 3970 HOH A O   1 
HETATM 969  O O   . HOH C 3 .   ? -5.901  7.724   -5.673  1.00 35.92  ? 3971 HOH A O   1 
HETATM 970  O O   . HOH C 3 .   ? 6.255   8.841   6.744   1.00 27.67  ? 3972 HOH A O   1 
HETATM 971  O O   . HOH C 3 .   ? -9.764  -17.317 -4.253  1.00 24.85  ? 3973 HOH A O   1 
HETATM 972  O O   . HOH C 3 .   ? -0.657  -4.177  4.314   1.00 21.59  ? 3974 HOH A O   1 
HETATM 973  O O   . HOH C 3 .   ? 16.548  -17.694 3.443   1.00 44.00  ? 3975 HOH A O   1 
HETATM 974  O O   . HOH C 3 .   ? -13.001 -5.687  6.690   1.00 37.58  ? 3976 HOH A O   1 
HETATM 975  O O   . HOH C 3 .   ? -10.394 12.463  0.352   1.00 35.73  ? 3977 HOH A O   1 
HETATM 976  O O   . HOH C 3 .   ? 4.595   8.731   11.225  1.00 25.90  ? 3978 HOH A O   1 
HETATM 977  O O   . HOH C 3 .   ? -6.760  -12.873 -7.481  1.00 16.36  ? 3979 HOH A O   1 
HETATM 978  O O   . HOH C 3 .   ? 16.164  4.391   6.521   1.00 68.03  ? 3980 HOH A O   1 
HETATM 979  O O   . HOH C 3 .   ? 8.773   8.223   9.915   1.00 36.50  ? 3981 HOH A O   1 
HETATM 980  O O   . HOH C 3 .   ? -1.748  13.725  -4.362  1.00 42.91  ? 3982 HOH A O   1 
HETATM 981  O O   . HOH C 3 .   ? -0.121  11.246  11.091  1.00 45.45  ? 3983 HOH A O   1 
HETATM 982  O O   . HOH C 3 .   ? -6.762  -5.070  7.471   1.00 19.37  ? 3984 HOH A O   1 
HETATM 983  O O   . HOH C 3 .   ? -12.065 -8.646  -10.687 1.00 24.44  ? 3985 HOH A O   1 
HETATM 984  O O   . HOH C 3 .   ? -3.482  13.777  10.962  1.00 48.98  ? 3986 HOH A O   1 
HETATM 985  O O   . HOH C 3 .   ? 15.410  -1.891  -9.520  1.00 48.03  ? 3987 HOH A O   1 
HETATM 986  O O   . HOH C 3 .   ? 0.022   1.402   11.049  1.00 29.12  ? 3988 HOH A O   1 
HETATM 987  O O   . HOH C 3 .   ? 9.623   11.062  6.763   1.00 33.53  ? 3989 HOH A O   1 
HETATM 988  O O   . HOH C 3 .   ? 5.389   -12.387 2.601   1.00 36.10  ? 3990 HOH A O   1 
HETATM 989  O O   . HOH C 3 .   ? 11.233  14.859  -4.703  1.00 59.55  ? 3991 HOH A O   1 
HETATM 990  O O   . HOH C 3 .   ? -15.725 -7.800  -6.753  1.00 46.07  ? 3992 HOH A O   1 
HETATM 991  O O   . HOH C 3 .   ? -3.197  -3.146  -6.020  1.00 42.12  ? 3993 HOH A O   1 
HETATM 992  O O   . HOH C 3 .   ? 4.774   1.977   9.289   1.00 26.11  ? 3994 HOH A O   1 
HETATM 993  O O   . HOH C 3 .   ? -20.513 -8.900  1.910   1.00 45.59  ? 3995 HOH A O   1 
HETATM 994  O O   . HOH C 3 .   ? -5.090  -10.890 3.989   1.00 33.88  ? 3996 HOH A O   1 
HETATM 995  O O   . HOH C 3 .   ? 2.476   10.816  11.206  1.00 39.79  ? 3997 HOH A O   1 
HETATM 996  O O   . HOH C 3 .   ? 7.495   -5.827  -4.655  1.00 50.70  ? 3998 HOH A O   1 
HETATM 997  O O   . HOH C 3 .   ? -3.356  -6.742  6.754   1.00 24.54  ? 3999 HOH A O   1 
HETATM 998  O O   . HOH C 3 .   ? 17.622  1.713   1.908   1.00 38.98  ? 4000 HOH A O   1 
HETATM 999  O O   . HOH C 3 .   ? -6.845  -17.245 -1.305  1.00 34.86  ? 4001 HOH A O   1 
HETATM 1000 O O   . HOH C 3 .   ? -5.927  -18.936 -6.183  1.00 24.03  ? 4002 HOH A O   1 
HETATM 1001 O O   . HOH C 3 .   ? -10.939 0.979   9.012   1.00 42.40  ? 4003 HOH A O   1 
HETATM 1002 O O   . HOH C 3 .   ? -19.710 2.755   1.522   1.00 51.94  ? 4004 HOH A O   1 
HETATM 1003 O O   . HOH C 3 .   ? -6.631  -1.538  -11.634 1.00 63.69  ? 4005 HOH A O   1 
HETATM 1004 O O   . HOH C 3 .   ? 2.695   2.492   11.278  1.00 32.53  ? 4006 HOH A O   1 
HETATM 1005 O O   . HOH C 3 .   ? 6.008   9.287   -5.244  1.00 45.00  ? 4007 HOH A O   1 
HETATM 1006 O O   . HOH C 3 .   ? -9.877  -5.963  9.617   1.00 35.52  ? 4008 HOH A O   1 
HETATM 1007 O O   . HOH C 3 .   ? -11.338 -9.678  4.181   1.00 50.88  ? 4009 HOH A O   1 
HETATM 1008 O O   . HOH C 3 .   ? -20.754 -14.547 3.891   1.00 79.68  ? 4010 HOH A O   1 
HETATM 1009 O O   . HOH C 3 .   ? -15.843 -0.868  -14.769 1.00 49.00  ? 4011 HOH A O   1 
HETATM 1010 O O   . HOH C 3 .   ? 2.826   12.382  12.953  1.00 55.18  ? 4012 HOH A O   1 
HETATM 1011 O O   . HOH C 3 .   ? 1.717   15.773  3.009   1.00 65.03  ? 4013 HOH A O   1 
HETATM 1012 O O   . HOH C 3 .   ? -9.009  -3.175  -12.161 1.00 55.84  ? 4014 HOH A O   1 
HETATM 1013 O O   . HOH C 3 .   ? 9.677   3.397   -4.523  1.00 30.99  ? 4015 HOH A O   1 
HETATM 1014 O O   . HOH C 3 .   ? -1.612  -11.596 3.357   1.00 46.32  ? 4016 HOH A O   1 
HETATM 1015 O O   . HOH C 3 .   ? -15.723 -16.594 -0.152  1.00 56.26  ? 4017 HOH A O   1 
HETATM 1016 O O   . HOH C 3 .   ? -20.828 -9.944  -0.944  1.00 38.72  ? 4018 HOH A O   1 
HETATM 1017 O O   . HOH C 3 .   ? 12.706  -9.237  9.044   1.00 56.51  ? 4019 HOH A O   1 
HETATM 1018 O O   . HOH C 3 .   ? -19.508 6.772   5.176   1.00 54.84  ? 4020 HOH A O   1 
HETATM 1019 O O   . HOH C 3 .   ? -16.215 4.410   -0.272  1.00 54.32  ? 4021 HOH A O   1 
HETATM 1020 O O   . HOH C 3 .   ? -0.859  -5.768  6.806   1.00 20.72  ? 4022 HOH A O   1 
HETATM 1021 O O   . HOH C 3 .   ? 7.436   -3.987  -11.427 1.00 65.47  ? 4023 HOH A O   1 
HETATM 1022 O O   . HOH C 3 .   ? 3.180   -1.426  -1.393  1.00 32.58  ? 4024 HOH A O   1 
HETATM 1023 O O   . HOH C 3 .   ? -14.110 -18.786 -1.189  1.00 41.42  ? 4025 HOH A O   1 
HETATM 1024 O O   . HOH C 3 .   ? 13.121  1.797   8.315   1.00 49.00  ? 4026 HOH A O   1 
HETATM 1025 O O   . HOH C 3 .   ? -17.607 2.345   12.031  1.00 73.28  ? 4027 HOH A O   1 
HETATM 1026 O O   . HOH C 3 .   ? 18.426  -6.414  8.173   1.00 71.73  ? 4028 HOH A O   1 
HETATM 1027 O O   . HOH C 3 .   ? 4.849   -8.501  -3.346  1.00 45.02  ? 4029 HOH A O   1 
HETATM 1028 O O   . HOH C 3 .   ? -21.656 -3.934  -6.621  1.00 67.53  ? 4030 HOH A O   1 
HETATM 1029 O O   . HOH C 3 .   ? -14.211 -10.150 3.146   1.00 40.53  ? 4031 HOH A O   1 
HETATM 1030 O O   . HOH C 3 .   ? -22.026 1.663   3.934   1.00 48.88  ? 4032 HOH A O   1 
HETATM 1031 O O   . HOH C 3 .   ? -3.573  7.905   -8.648  1.00 57.09  ? 4033 HOH A O   1 
HETATM 1032 O O   . HOH C 3 .   ? 5.049   22.109  -0.168  1.00 70.83  ? 4034 HOH A O   1 
HETATM 1033 O O   . HOH C 3 .   ? -9.812  -12.154 4.694   1.00 48.80  ? 4035 HOH A O   1 
HETATM 1034 O O   . HOH C 3 .   ? -21.969 -3.325  -2.948  1.00 65.71  ? 4036 HOH A O   1 
HETATM 1035 O O   . HOH C 3 .   ? 15.601  1.629   10.290  1.00 105.68 ? 4037 HOH A O   1 
HETATM 1036 O O   . HOH C 3 .   ? -15.856 -1.256  -3.654  1.00 46.97  ? 4038 HOH A O   1 
HETATM 1037 O O   . HOH C 3 .   ? -18.095 -8.844  -2.786  1.00 62.02  ? 4039 HOH A O   1 
HETATM 1038 O O   . HOH C 3 .   ? 11.990  -6.684  -6.123  1.00 57.68  ? 4040 HOH A O   1 
HETATM 1039 O O   . HOH C 3 .   ? -21.848 5.208   6.712   1.00 51.12  ? 4041 HOH A O   1 
HETATM 1040 O O   . HOH C 3 .   ? 8.961   21.715  -2.710  1.00 69.62  ? 4042 HOH A O   1 
HETATM 1041 O O   . HOH C 3 .   ? -22.345 -5.018  2.790   1.00 49.23  ? 4043 HOH A O   1 
HETATM 1042 O O   . HOH C 3 .   ? -13.162 -1.769  10.418  1.00 66.08  ? 4044 HOH A O   1 
HETATM 1043 O O   . HOH C 3 .   ? -3.870  -21.936 -4.095  1.00 42.19  ? 4045 HOH A O   1 
HETATM 1044 O O   . HOH C 3 .   ? -14.156 4.396   11.989  1.00 62.87  ? 4046 HOH A O   1 
HETATM 1045 O O   . HOH C 3 .   ? 2.730   -15.827 -8.330  1.00 68.41  ? 4047 HOH A O   1 
HETATM 1046 O O   . HOH C 3 .   ? 7.447   -8.881  -0.719  1.00 47.63  ? 4048 HOH A O   1 
HETATM 1047 O O   . HOH C 3 .   ? 23.179  -4.374  0.885   1.00 73.91  ? 4049 HOH A O   1 
HETATM 1048 O O   . HOH C 3 .   ? 7.708   20.242  -0.845  1.00 72.98  ? 4050 HOH A O   1 
HETATM 1049 O O   . HOH C 3 .   ? -3.703  2.905   -7.651  1.00 45.75  ? 4051 HOH A O   1 
HETATM 1050 O O   . HOH C 3 .   ? 4.910   -15.083 -3.076  1.00 58.13  ? 4052 HOH A O   1 
HETATM 1051 O O   . HOH C 3 .   ? -15.602 -2.979  -10.641 1.00 62.32  ? 4053 HOH A O   1 
HETATM 1052 O O   . HOH C 3 .   ? 8.531   -13.114 2.048   1.00 55.02  ? 4054 HOH A O   1 
HETATM 1053 O O   . HOH C 3 .   ? -15.366 8.341   -2.546  1.00 46.86  ? 4055 HOH A O   1 
# 
